data_4N4O
#
_entry.id   4N4O
#
_cell.length_a   140.090
_cell.length_b   141.960
_cell.length_c   106.480
_cell.angle_alpha   90.00
_cell.angle_beta   90.00
_cell.angle_gamma   90.00
#
_symmetry.space_group_name_H-M   'P 21 21 2'
#
loop_
_entity.id
_entity.type
_entity.pdbx_description
1 polymer 'Hydroxylamine oxidoreductase'
2 polymer 'hydroxylamine oxidoreductase'
3 non-polymer 'HEME C'
4 non-polymer 'POTASSIUM ION'
5 non-polymer HYDROXYAMINE
6 non-polymer 'DODECAETHYLENE GLYCOL'
7 non-polymer 'PHOSPHATE ION'
8 water water
#
loop_
_entity_poly.entity_id
_entity_poly.type
_entity_poly.pdbx_seq_one_letter_code
_entity_poly.pdbx_strand_id
1 'polypeptide(L)'
;DISTVPDETYDALKLDRGKATPKETYEALVKRYKDPAHGAGKGTMGDYWEPIAISIYMDPNTFYKPPVSPKEVAERKDCV
ECHSDETPVWVRAWKRSTHANLDKIRNLKSDDPLYYKKGKLEEVENNLRSMGKLGEKETLKEVGCIDCHVDVNKKDKADH
TKDIRMPTADTCGTCHLREFAERESERDTMVWPNGQWPAGRPSHALDYTANIETTVWAAMPQREVAEGCTMCHTNQNKCD
NCHTRHEFSAAESRKPEACATCHSGVDHNNWEAYTMSKHGKLAEMNRDKWNWEVRLKDAFSKGGQNAPTCAACHMEYEGE
YTHNITRKTRWANYPFVPGIAENITSDWSEARLDSWVLTCTQCHSERFARSYLDLMDKGTLEGLAKYQEANAIVHKMYED
GTLTGQKTNRPNPPEPEKPGFGIFTQLFWSKGNNPASLELKVLEMAENNLAKMHVGLAHVNPGGWTYTEGWGPMNRAYVE
IQDEYTKMQELSALQARVNKLEGKQTSLLDLKGTGEKISLGGLGGGMLLAGALALIGWRKRKQTRA
;
A,C,E
2 'polypeptide(L)' SSLAPISAKDMLDYLACKDKKPTDVVKSHTEVENGKIVRVKCGDIVALVQKAREQSG B,D,F
#
# COMPACT_ATOMS: atom_id res chain seq x y z
N ASP A 1 -41.56 -16.44 12.24
CA ASP A 1 -40.60 -15.47 12.84
C ASP A 1 -39.20 -15.68 12.26
N ILE A 2 -38.40 -14.61 12.25
CA ILE A 2 -36.99 -14.69 11.90
C ILE A 2 -36.16 -14.47 13.16
N SER A 3 -35.46 -15.52 13.58
CA SER A 3 -34.76 -15.55 14.86
C SER A 3 -33.61 -14.54 14.99
N THR A 4 -32.97 -14.24 13.86
CA THR A 4 -31.82 -13.34 13.83
C THR A 4 -32.22 -11.86 13.88
N VAL A 5 -33.46 -11.56 13.49
CA VAL A 5 -33.97 -10.19 13.46
C VAL A 5 -34.33 -9.70 14.86
N PRO A 6 -33.77 -8.54 15.26
CA PRO A 6 -34.00 -7.91 16.56
C PRO A 6 -35.45 -7.55 16.84
N ASP A 7 -35.80 -7.42 18.12
CA ASP A 7 -37.16 -7.09 18.54
C ASP A 7 -37.55 -5.64 18.23
N GLU A 8 -36.58 -4.74 18.30
CA GLU A 8 -36.80 -3.31 18.04
C GLU A 8 -37.20 -3.00 16.60
N THR A 9 -36.86 -3.91 15.68
CA THR A 9 -37.24 -3.81 14.28
C THR A 9 -38.75 -4.00 14.11
N TYR A 10 -39.28 -5.05 14.73
CA TYR A 10 -40.71 -5.35 14.70
C TYR A 10 -41.55 -4.27 15.37
N ASP A 11 -40.99 -3.65 16.42
CA ASP A 11 -41.64 -2.56 17.14
C ASP A 11 -41.77 -1.28 16.29
N ALA A 12 -40.79 -1.07 15.40
CA ALA A 12 -40.79 0.07 14.49
C ALA A 12 -41.77 -0.12 13.33
N LEU A 13 -42.01 -1.38 12.97
CA LEU A 13 -42.93 -1.72 11.89
C LEU A 13 -44.35 -2.01 12.40
N LYS A 14 -44.51 -1.92 13.73
CA LYS A 14 -45.76 -2.29 14.42
C LYS A 14 -46.22 -3.72 14.07
N LEU A 15 -45.29 -4.67 14.18
CA LEU A 15 -45.59 -6.08 13.91
C LEU A 15 -45.33 -6.95 15.12
N ASP A 16 -46.27 -7.87 15.38
CA ASP A 16 -46.10 -8.91 16.38
C ASP A 16 -45.27 -10.02 15.74
N ARG A 17 -44.03 -10.17 16.20
CA ARG A 17 -43.08 -11.11 15.57
C ARG A 17 -43.51 -12.58 15.65
N GLY A 18 -44.42 -12.89 16.57
CA GLY A 18 -44.93 -14.25 16.75
C GLY A 18 -45.87 -14.69 15.66
N LYS A 19 -46.79 -13.81 15.28
CA LYS A 19 -47.85 -14.15 14.32
C LYS A 19 -47.62 -13.60 12.90
N ALA A 20 -46.74 -12.60 12.78
CA ALA A 20 -46.49 -11.92 11.50
C ALA A 20 -45.95 -12.87 10.42
N THR A 21 -46.65 -12.90 9.30
CA THR A 21 -46.28 -13.73 8.15
C THR A 21 -45.09 -13.12 7.39
N PRO A 22 -44.35 -13.95 6.63
CA PRO A 22 -43.24 -13.45 5.80
C PRO A 22 -43.65 -12.31 4.87
N LYS A 23 -44.82 -12.44 4.23
CA LYS A 23 -45.36 -11.43 3.33
C LYS A 23 -45.55 -10.08 4.04
N GLU A 24 -46.13 -10.12 5.24
CA GLU A 24 -46.35 -8.92 6.05
C GLU A 24 -45.03 -8.25 6.44
N THR A 25 -44.07 -9.06 6.88
CA THR A 25 -42.75 -8.58 7.27
C THR A 25 -42.06 -7.89 6.09
N TYR A 26 -42.07 -8.57 4.94
CA TYR A 26 -41.49 -8.04 3.70
C TYR A 26 -42.15 -6.74 3.26
N GLU A 27 -43.49 -6.70 3.29
CA GLU A 27 -44.24 -5.50 2.92
C GLU A 27 -43.91 -4.32 3.82
N ALA A 28 -43.86 -4.57 5.13
CA ALA A 28 -43.50 -3.55 6.11
C ALA A 28 -42.05 -3.08 5.97
N LEU A 29 -41.17 -4.01 5.60
CA LEU A 29 -39.76 -3.70 5.31
C LEU A 29 -39.62 -2.80 4.09
N VAL A 30 -40.22 -3.20 2.97
CA VAL A 30 -40.19 -2.44 1.72
C VAL A 30 -40.90 -1.09 1.86
N LYS A 31 -42.05 -1.09 2.56
CA LYS A 31 -42.81 0.13 2.85
C LYS A 31 -41.93 1.24 3.41
N ARG A 32 -41.09 0.88 4.39
CA ARG A 32 -40.11 1.81 4.95
C ARG A 32 -38.96 2.06 3.97
N TYR A 33 -38.47 0.99 3.36
CA TYR A 33 -37.31 1.02 2.45
C TYR A 33 -37.47 1.99 1.28
N LYS A 34 -38.64 1.98 0.65
CA LYS A 34 -38.91 2.82 -0.52
C LYS A 34 -39.57 4.16 -0.19
N ASP A 35 -39.64 4.48 1.10
CA ASP A 35 -40.25 5.72 1.56
C ASP A 35 -39.22 6.86 1.67
N PRO A 36 -39.49 8.01 1.01
CA PRO A 36 -38.61 9.18 1.01
C PRO A 36 -38.28 9.72 2.41
N ALA A 37 -39.24 9.62 3.33
CA ALA A 37 -39.04 10.07 4.71
C ALA A 37 -38.05 9.20 5.47
N HIS A 38 -37.88 7.96 5.01
CA HIS A 38 -36.94 7.03 5.62
C HIS A 38 -35.62 6.90 4.85
N GLY A 39 -35.48 7.68 3.77
CA GLY A 39 -34.20 7.78 3.08
C GLY A 39 -34.19 7.53 1.58
N ALA A 40 -35.29 7.01 1.05
CA ALA A 40 -35.39 6.69 -0.38
C ALA A 40 -35.48 7.94 -1.27
N GLY A 41 -35.26 7.75 -2.58
CA GLY A 41 -35.35 8.84 -3.54
C GLY A 41 -34.09 9.70 -3.60
N LYS A 42 -34.26 10.95 -4.01
CA LYS A 42 -33.13 11.87 -4.18
C LYS A 42 -32.76 12.60 -2.89
N GLY A 43 -33.65 12.57 -1.91
CA GLY A 43 -33.40 13.19 -0.62
C GLY A 43 -33.78 14.66 -0.55
N THR A 44 -33.41 15.30 0.55
CA THR A 44 -33.79 16.69 0.84
C THR A 44 -33.18 17.70 -0.12
N MET A 45 -32.01 17.37 -0.66
CA MET A 45 -31.27 18.28 -1.53
C MET A 45 -31.36 17.88 -3.01
N GLY A 46 -32.40 17.13 -3.35
CA GLY A 46 -32.59 16.60 -4.71
C GLY A 46 -32.69 17.64 -5.81
N ASP A 47 -33.16 18.83 -5.48
CA ASP A 47 -33.31 19.92 -6.44
C ASP A 47 -31.97 20.56 -6.83
N TYR A 48 -30.90 20.16 -6.14
CA TYR A 48 -29.57 20.73 -6.36
C TYR A 48 -28.66 19.84 -7.20
N TRP A 49 -29.09 18.61 -7.47
CA TRP A 49 -28.30 17.67 -8.25
C TRP A 49 -29.13 16.80 -9.18
N GLU A 50 -28.53 16.40 -10.29
CA GLU A 50 -29.17 15.53 -11.29
C GLU A 50 -28.33 14.28 -11.50
N PRO A 51 -28.98 13.15 -11.86
CA PRO A 51 -28.25 11.91 -12.11
C PRO A 51 -27.33 12.01 -13.33
N ILE A 52 -26.24 11.24 -13.31
CA ILE A 52 -25.43 11.04 -14.50
C ILE A 52 -25.73 9.65 -15.05
N ALA A 53 -25.10 9.30 -16.17
CA ALA A 53 -25.38 8.03 -16.87
C ALA A 53 -25.31 6.77 -15.96
N ILE A 54 -24.33 6.73 -15.06
CA ILE A 54 -24.11 5.56 -14.21
C ILE A 54 -25.02 5.54 -12.97
N SER A 55 -25.72 6.65 -12.71
CA SER A 55 -26.61 6.77 -11.55
C SER A 55 -27.81 5.81 -11.64
N ILE A 56 -28.17 5.43 -12.87
CA ILE A 56 -29.27 4.47 -13.09
C ILE A 56 -28.94 3.08 -12.51
N TYR A 57 -27.64 2.83 -12.32
CA TYR A 57 -27.18 1.59 -11.69
C TYR A 57 -26.88 1.78 -10.20
N MET A 58 -26.53 3.00 -9.81
CA MET A 58 -26.20 3.30 -8.41
C MET A 58 -27.45 3.46 -7.55
N ASP A 59 -28.52 3.97 -8.16
CA ASP A 59 -29.81 4.13 -7.49
C ASP A 59 -30.95 3.77 -8.44
N PRO A 60 -31.15 2.47 -8.70
CA PRO A 60 -32.08 1.98 -9.73
C PRO A 60 -33.57 2.28 -9.47
N ASN A 61 -34.01 2.17 -8.22
CA ASN A 61 -35.42 2.45 -7.86
C ASN A 61 -35.87 3.87 -8.20
N THR A 62 -34.90 4.78 -8.33
CA THR A 62 -35.18 6.18 -8.65
C THR A 62 -34.92 6.52 -10.12
N PHE A 63 -33.85 5.97 -10.70
CA PHE A 63 -33.36 6.45 -12.00
C PHE A 63 -33.42 5.45 -13.16
N TYR A 64 -33.53 4.15 -12.87
CA TYR A 64 -33.43 3.16 -13.94
C TYR A 64 -34.64 3.07 -14.85
N LYS A 65 -34.36 3.10 -16.15
CA LYS A 65 -35.32 2.81 -17.20
C LYS A 65 -34.67 1.77 -18.11
N PRO A 66 -35.44 0.78 -18.58
CA PRO A 66 -34.90 -0.22 -19.51
C PRO A 66 -34.38 0.43 -20.80
N PRO A 67 -33.35 -0.16 -21.43
CA PRO A 67 -32.80 0.40 -22.66
C PRO A 67 -33.81 0.33 -23.82
N VAL A 68 -33.71 1.28 -24.75
CA VAL A 68 -34.63 1.35 -25.90
C VAL A 68 -34.34 0.26 -26.93
N SER A 69 -33.10 -0.21 -26.96
CA SER A 69 -32.68 -1.27 -27.87
C SER A 69 -32.03 -2.40 -27.08
N PRO A 70 -32.34 -3.66 -27.42
CA PRO A 70 -33.18 -4.10 -28.54
C PRO A 70 -34.68 -4.07 -28.26
N LYS A 71 -35.47 -3.79 -29.30
CA LYS A 71 -36.92 -3.77 -29.21
C LYS A 71 -37.42 -5.21 -29.38
N GLU A 72 -37.28 -6.00 -28.32
CA GLU A 72 -37.56 -7.43 -28.38
C GLU A 72 -38.39 -7.94 -27.20
N VAL A 73 -39.14 -9.00 -27.46
CA VAL A 73 -39.89 -9.71 -26.43
C VAL A 73 -39.19 -11.04 -26.19
N ALA A 74 -38.93 -11.34 -24.91
CA ALA A 74 -38.10 -12.49 -24.55
C ALA A 74 -38.68 -13.33 -23.42
N GLU A 75 -38.28 -14.60 -23.39
CA GLU A 75 -38.65 -15.52 -22.31
C GLU A 75 -37.43 -15.95 -21.51
N ARG A 76 -37.67 -16.77 -20.48
CA ARG A 76 -36.61 -17.27 -19.58
C ARG A 76 -35.41 -17.84 -20.35
N LYS A 77 -35.68 -18.71 -21.31
CA LYS A 77 -34.67 -19.30 -22.18
C LYS A 77 -33.92 -18.24 -23.00
N ASP A 78 -34.67 -17.27 -23.51
CA ASP A 78 -34.13 -16.24 -24.41
C ASP A 78 -33.10 -15.35 -23.72
N CYS A 79 -33.32 -15.07 -22.44
CA CYS A 79 -32.38 -14.30 -21.62
C CYS A 79 -30.98 -14.89 -21.69
N VAL A 80 -30.89 -16.20 -21.48
CA VAL A 80 -29.63 -16.93 -21.43
C VAL A 80 -28.98 -17.04 -22.82
N GLU A 81 -29.77 -17.44 -23.81
CA GLU A 81 -29.27 -17.72 -25.16
C GLU A 81 -28.64 -16.51 -25.85
N CYS A 82 -29.31 -15.36 -25.74
CA CYS A 82 -28.88 -14.14 -26.43
C CYS A 82 -27.69 -13.49 -25.71
N HIS A 83 -27.80 -13.37 -24.39
CA HIS A 83 -26.75 -12.78 -23.57
C HIS A 83 -25.50 -13.66 -23.45
N SER A 84 -25.60 -14.90 -23.96
CA SER A 84 -24.45 -15.80 -24.06
C SER A 84 -23.46 -15.30 -25.12
N ASP A 85 -23.95 -14.47 -26.04
CA ASP A 85 -23.11 -13.82 -27.04
C ASP A 85 -22.93 -12.33 -26.74
N GLU A 86 -23.95 -11.73 -26.11
CA GLU A 86 -23.95 -10.29 -25.85
C GLU A 86 -23.17 -9.90 -24.61
N THR A 87 -23.41 -10.60 -23.51
CA THR A 87 -22.60 -10.44 -22.29
C THR A 87 -22.12 -11.82 -21.81
N PRO A 88 -21.22 -12.47 -22.58
CA PRO A 88 -20.89 -13.89 -22.41
C PRO A 88 -20.47 -14.31 -21.00
N VAL A 89 -19.67 -13.48 -20.33
CA VAL A 89 -19.15 -13.81 -19.00
C VAL A 89 -20.23 -13.78 -17.91
N TRP A 90 -21.21 -12.87 -18.06
CA TRP A 90 -22.32 -12.76 -17.11
C TRP A 90 -23.17 -14.03 -17.05
N VAL A 91 -23.39 -14.66 -18.21
CA VAL A 91 -24.10 -15.94 -18.29
C VAL A 91 -23.22 -17.05 -17.72
N ARG A 92 -21.94 -16.99 -18.04
CA ARG A 92 -20.96 -17.97 -17.60
C ARG A 92 -20.79 -17.97 -16.08
N ALA A 93 -20.71 -16.77 -15.50
CA ALA A 93 -20.60 -16.60 -14.04
C ALA A 93 -21.87 -17.06 -13.32
N TRP A 94 -23.01 -16.82 -13.96
CA TRP A 94 -24.31 -17.26 -13.45
C TRP A 94 -24.44 -18.79 -13.50
N LYS A 95 -23.95 -19.40 -14.57
CA LYS A 95 -23.99 -20.86 -14.75
C LYS A 95 -23.28 -21.61 -13.62
N ARG A 96 -22.05 -21.17 -13.31
CA ARG A 96 -21.25 -21.80 -12.26
C ARG A 96 -21.59 -21.29 -10.85
N SER A 97 -22.75 -20.64 -10.73
CA SER A 97 -23.22 -20.13 -9.44
C SER A 97 -24.34 -21.00 -8.87
N THR A 98 -24.61 -20.79 -7.58
CA THR A 98 -25.66 -21.51 -6.87
C THR A 98 -27.06 -21.20 -7.42
N HIS A 99 -27.31 -19.92 -7.71
CA HIS A 99 -28.61 -19.47 -8.22
C HIS A 99 -29.09 -20.27 -9.45
N ALA A 100 -28.15 -20.78 -10.24
CA ALA A 100 -28.47 -21.56 -11.44
C ALA A 100 -28.43 -23.07 -11.18
N ASN A 101 -28.07 -23.47 -9.96
CA ASN A 101 -27.93 -24.89 -9.61
C ASN A 101 -28.59 -25.21 -8.26
N LEU A 102 -29.90 -25.05 -8.19
CA LEU A 102 -30.64 -25.26 -6.94
C LEU A 102 -30.87 -26.73 -6.60
N ASP A 103 -30.68 -27.62 -7.58
CA ASP A 103 -30.75 -29.06 -7.36
C ASP A 103 -29.53 -29.57 -6.60
N LYS A 104 -28.39 -28.93 -6.86
CA LYS A 104 -27.13 -29.21 -6.17
C LYS A 104 -27.26 -28.87 -4.68
N ILE A 105 -28.22 -28.02 -4.35
CA ILE A 105 -28.50 -27.63 -2.97
C ILE A 105 -29.49 -28.60 -2.30
N ARG A 106 -30.41 -29.14 -3.09
CA ARG A 106 -31.35 -30.16 -2.61
C ARG A 106 -30.67 -31.51 -2.39
N ASN A 107 -29.63 -31.78 -3.17
CA ASN A 107 -28.88 -33.03 -3.07
C ASN A 107 -27.80 -33.02 -1.99
N LEU A 108 -27.79 -31.95 -1.18
CA LEU A 108 -26.81 -31.81 -0.11
C LEU A 108 -27.07 -32.77 1.05
N LYS A 109 -26.03 -33.48 1.46
CA LYS A 109 -26.12 -34.49 2.52
C LYS A 109 -25.83 -33.88 3.89
N SER A 110 -26.25 -34.59 4.95
CA SER A 110 -26.12 -34.09 6.33
C SER A 110 -24.68 -34.03 6.86
N ASP A 111 -23.77 -34.78 6.23
CA ASP A 111 -22.36 -34.78 6.64
C ASP A 111 -21.53 -33.73 5.87
N ASP A 112 -22.15 -33.13 4.86
CA ASP A 112 -21.52 -32.07 4.06
C ASP A 112 -21.46 -30.77 4.88
N PRO A 113 -20.29 -30.11 4.90
CA PRO A 113 -20.11 -28.86 5.65
C PRO A 113 -20.93 -27.68 5.11
N LEU A 114 -21.58 -27.87 3.95
CA LEU A 114 -22.39 -26.83 3.33
C LEU A 114 -23.88 -27.16 3.36
N TYR A 115 -24.26 -28.10 4.24
CA TYR A 115 -25.64 -28.58 4.36
C TYR A 115 -26.65 -27.51 4.75
N TYR A 116 -26.19 -26.50 5.49
CA TYR A 116 -27.04 -25.40 5.96
C TYR A 116 -27.75 -24.67 4.81
N LYS A 117 -27.20 -24.79 3.61
CA LYS A 117 -27.74 -24.15 2.40
C LYS A 117 -29.11 -24.69 1.99
N LYS A 118 -29.33 -25.99 2.23
CA LYS A 118 -30.60 -26.64 1.93
C LYS A 118 -31.74 -26.06 2.76
N GLY A 119 -31.46 -25.76 4.02
CA GLY A 119 -32.42 -25.11 4.91
C GLY A 119 -32.71 -23.68 4.51
N LYS A 120 -31.72 -23.02 3.92
CA LYS A 120 -31.87 -21.65 3.42
C LYS A 120 -32.73 -21.61 2.16
N LEU A 121 -32.56 -22.63 1.30
CA LEU A 121 -33.40 -22.79 0.11
C LEU A 121 -34.86 -23.04 0.49
N GLU A 122 -35.08 -23.87 1.52
CA GLU A 122 -36.42 -24.17 2.00
C GLU A 122 -37.08 -22.95 2.66
N GLU A 123 -36.26 -22.12 3.31
CA GLU A 123 -36.75 -20.88 3.91
C GLU A 123 -37.10 -19.84 2.83
N VAL A 124 -36.29 -19.79 1.77
CA VAL A 124 -36.54 -18.92 0.62
C VAL A 124 -37.85 -19.31 -0.07
N GLU A 125 -38.05 -20.62 -0.27
CA GLU A 125 -39.27 -21.15 -0.87
C GLU A 125 -40.51 -20.84 -0.05
N ASN A 126 -40.38 -20.95 1.28
CA ASN A 126 -41.48 -20.63 2.19
C ASN A 126 -41.86 -19.14 2.15
N ASN A 127 -40.86 -18.29 1.94
CA ASN A 127 -41.09 -16.85 1.79
C ASN A 127 -41.90 -16.52 0.55
N LEU A 128 -41.60 -17.20 -0.55
CA LEU A 128 -42.25 -16.95 -1.84
C LEU A 128 -43.69 -17.47 -1.90
N ARG A 129 -43.98 -18.52 -1.12
CA ARG A 129 -45.34 -19.05 -1.01
C ARG A 129 -46.23 -18.05 -0.26
N SER A 130 -45.66 -17.47 0.80
CA SER A 130 -46.37 -16.49 1.63
C SER A 130 -46.71 -15.22 0.84
N MET A 131 -45.83 -14.84 -0.08
CA MET A 131 -46.00 -13.65 -0.90
C MET A 131 -46.84 -13.91 -2.15
N GLY A 132 -47.07 -15.18 -2.44
CA GLY A 132 -47.86 -15.59 -3.60
C GLY A 132 -47.06 -15.72 -4.88
N LYS A 133 -45.74 -15.69 -4.75
CA LYS A 133 -44.84 -15.81 -5.90
C LYS A 133 -44.53 -17.27 -6.24
N LEU A 134 -44.95 -18.18 -5.36
CA LEU A 134 -44.72 -19.61 -5.53
C LEU A 134 -45.89 -20.43 -4.99
N GLY A 135 -46.23 -21.50 -5.70
CA GLY A 135 -47.29 -22.43 -5.27
C GLY A 135 -46.85 -23.27 -4.09
N GLU A 136 -47.81 -23.82 -3.36
CA GLU A 136 -47.54 -24.56 -2.12
C GLU A 136 -46.75 -25.86 -2.32
N LYS A 137 -47.01 -26.57 -3.41
CA LYS A 137 -46.24 -27.76 -3.75
C LYS A 137 -45.28 -27.54 -4.92
N GLU A 138 -45.19 -26.29 -5.36
CA GLU A 138 -44.21 -25.89 -6.37
C GLU A 138 -42.88 -25.58 -5.69
N THR A 139 -41.79 -26.07 -6.28
CA THR A 139 -40.44 -25.79 -5.77
C THR A 139 -39.71 -24.85 -6.73
N LEU A 140 -38.94 -23.92 -6.16
CA LEU A 140 -38.16 -22.95 -6.94
C LEU A 140 -37.13 -23.67 -7.81
N LYS A 141 -37.37 -23.65 -9.13
CA LYS A 141 -36.56 -24.42 -10.08
C LYS A 141 -35.20 -23.80 -10.34
N GLU A 142 -35.15 -22.47 -10.44
CA GLU A 142 -33.90 -21.74 -10.63
C GLU A 142 -34.04 -20.26 -10.24
N VAL A 143 -32.90 -19.58 -10.15
CA VAL A 143 -32.87 -18.12 -10.01
C VAL A 143 -32.09 -17.59 -11.22
N GLY A 144 -32.83 -17.30 -12.29
CA GLY A 144 -32.24 -16.88 -13.56
C GLY A 144 -32.37 -15.40 -13.85
N CYS A 145 -31.95 -15.02 -15.05
CA CYS A 145 -31.94 -13.61 -15.47
C CYS A 145 -33.30 -12.94 -15.31
N ILE A 146 -34.35 -13.63 -15.76
CA ILE A 146 -35.72 -13.10 -15.71
C ILE A 146 -36.25 -12.92 -14.27
N ASP A 147 -35.71 -13.69 -13.33
CA ASP A 147 -36.13 -13.62 -11.92
C ASP A 147 -35.69 -12.33 -11.24
N CYS A 148 -34.41 -12.02 -11.34
CA CYS A 148 -33.86 -10.81 -10.73
C CYS A 148 -34.18 -9.57 -11.56
N HIS A 149 -34.04 -9.70 -12.89
CA HIS A 149 -34.11 -8.55 -13.79
C HIS A 149 -35.52 -8.21 -14.31
N VAL A 150 -36.49 -9.09 -14.07
CA VAL A 150 -37.89 -8.79 -14.44
C VAL A 150 -38.85 -9.03 -13.26
N ASP A 151 -39.12 -10.30 -12.96
CA ASP A 151 -40.04 -10.68 -11.88
C ASP A 151 -39.73 -12.11 -11.42
N VAL A 152 -39.78 -12.31 -10.10
CA VAL A 152 -39.47 -13.62 -9.50
C VAL A 152 -40.46 -14.69 -9.95
N ASN A 153 -39.91 -15.80 -10.45
CA ASN A 153 -40.68 -16.98 -10.90
C ASN A 153 -41.62 -16.69 -12.08
N LYS A 154 -41.19 -15.82 -12.97
CA LYS A 154 -41.99 -15.44 -14.14
C LYS A 154 -42.04 -16.55 -15.17
N LYS A 155 -43.22 -16.77 -15.75
CA LYS A 155 -43.44 -17.86 -16.70
C LYS A 155 -43.78 -17.38 -18.11
N ASP A 156 -44.17 -16.11 -18.23
CA ASP A 156 -44.63 -15.56 -19.50
C ASP A 156 -43.58 -14.67 -20.19
N LYS A 157 -43.99 -14.10 -21.33
CA LYS A 157 -43.14 -13.20 -22.13
C LYS A 157 -42.80 -11.91 -21.38
N ALA A 158 -41.61 -11.39 -21.64
CA ALA A 158 -41.16 -10.13 -21.04
C ALA A 158 -40.61 -9.17 -22.10
N ASP A 159 -40.92 -7.89 -21.93
CA ASP A 159 -40.46 -6.85 -22.84
C ASP A 159 -39.14 -6.26 -22.34
N HIS A 160 -38.10 -6.33 -23.19
CA HIS A 160 -36.76 -5.85 -22.86
C HIS A 160 -36.72 -4.32 -22.70
N THR A 161 -37.69 -3.64 -23.31
CA THR A 161 -37.74 -2.18 -23.32
C THR A 161 -38.65 -1.59 -22.22
N LYS A 162 -39.38 -2.46 -21.53
CA LYS A 162 -40.35 -2.00 -20.52
C LYS A 162 -40.23 -2.70 -19.17
N ASP A 163 -39.90 -3.99 -19.18
CA ASP A 163 -40.01 -4.82 -17.98
C ASP A 163 -38.71 -5.05 -17.21
N ILE A 164 -37.57 -4.82 -17.87
CA ILE A 164 -36.25 -5.02 -17.27
C ILE A 164 -35.98 -4.05 -16.11
N ARG A 165 -35.43 -4.59 -15.03
CA ARG A 165 -35.05 -3.78 -13.87
C ARG A 165 -33.60 -4.08 -13.45
N MET A 166 -33.01 -3.15 -12.71
CA MET A 166 -31.77 -3.42 -12.00
C MET A 166 -32.14 -3.91 -10.61
N PRO A 167 -31.75 -5.15 -10.27
CA PRO A 167 -32.16 -5.78 -9.01
C PRO A 167 -31.65 -5.01 -7.79
N THR A 168 -32.60 -4.45 -7.04
CA THR A 168 -32.28 -3.73 -5.81
C THR A 168 -32.32 -4.65 -4.59
N ALA A 169 -32.16 -4.06 -3.40
CA ALA A 169 -32.12 -4.84 -2.15
C ALA A 169 -33.45 -5.51 -1.83
N ASP A 170 -34.56 -4.87 -2.24
CA ASP A 170 -35.90 -5.43 -2.07
C ASP A 170 -36.17 -6.55 -3.08
N THR A 171 -35.47 -6.51 -4.20
CA THR A 171 -35.54 -7.55 -5.23
C THR A 171 -34.91 -8.85 -4.71
N CYS A 172 -33.73 -8.71 -4.10
CA CYS A 172 -33.02 -9.83 -3.48
C CYS A 172 -33.76 -10.29 -2.22
N GLY A 173 -34.29 -9.32 -1.48
CA GLY A 173 -34.98 -9.57 -0.23
C GLY A 173 -36.36 -10.21 -0.37
N THR A 174 -36.81 -10.36 -1.62
CA THR A 174 -38.05 -11.07 -1.92
C THR A 174 -37.88 -12.53 -1.51
N CYS A 175 -36.75 -13.12 -1.88
CA CYS A 175 -36.39 -14.48 -1.50
C CYS A 175 -35.60 -14.49 -0.19
N HIS A 176 -34.52 -13.72 -0.16
CA HIS A 176 -33.64 -13.66 1.01
C HIS A 176 -34.17 -12.64 2.02
N LEU A 177 -35.34 -12.95 2.58
CA LEU A 177 -36.00 -12.09 3.55
C LEU A 177 -35.14 -11.87 4.79
N ARG A 178 -34.57 -12.96 5.30
CA ARG A 178 -33.74 -12.94 6.51
C ARG A 178 -32.65 -11.88 6.42
N GLU A 179 -31.77 -12.01 5.45
CA GLU A 179 -30.61 -11.12 5.27
C GLU A 179 -31.01 -9.68 5.03
N PHE A 180 -32.08 -9.49 4.24
CA PHE A 180 -32.64 -8.18 3.96
C PHE A 180 -33.17 -7.51 5.23
N ALA A 181 -33.86 -8.30 6.07
CA ALA A 181 -34.36 -7.82 7.36
C ALA A 181 -33.22 -7.62 8.36
N GLU A 182 -32.22 -8.50 8.28
CA GLU A 182 -31.00 -8.37 9.08
C GLU A 182 -30.28 -7.05 8.75
N ARG A 183 -30.22 -6.71 7.47
CA ARG A 183 -29.59 -5.47 7.02
C ARG A 183 -30.44 -4.25 7.38
N GLU A 184 -31.75 -4.35 7.19
CA GLU A 184 -32.67 -3.25 7.49
C GLU A 184 -32.79 -2.95 8.98
N SER A 185 -32.48 -3.94 9.82
CA SER A 185 -32.54 -3.80 11.27
C SER A 185 -31.51 -2.80 11.82
N GLU A 186 -30.53 -2.45 10.99
CA GLU A 186 -29.52 -1.45 11.33
C GLU A 186 -30.14 -0.08 11.57
N ARG A 187 -31.28 0.17 10.94
CA ARG A 187 -32.06 1.39 11.16
C ARG A 187 -32.58 1.46 12.59
N ASP A 188 -32.77 0.29 13.19
CA ASP A 188 -33.40 0.18 14.51
C ASP A 188 -32.39 -0.11 15.62
N THR A 189 -31.34 -0.86 15.29
CA THR A 189 -30.30 -1.21 16.25
C THR A 189 -29.31 -0.08 16.50
N MET A 190 -28.90 0.60 15.43
CA MET A 190 -27.91 1.67 15.54
C MET A 190 -28.54 2.99 16.01
N VAL A 191 -28.85 3.06 17.29
CA VAL A 191 -29.40 4.27 17.90
C VAL A 191 -28.47 4.75 19.01
N TRP A 192 -27.96 5.97 18.84
CA TRP A 192 -27.05 6.59 19.80
C TRP A 192 -27.83 7.26 20.93
N PRO A 193 -27.33 7.14 22.17
CA PRO A 193 -28.05 7.63 23.36
C PRO A 193 -28.20 9.15 23.40
N ASN A 194 -27.25 9.87 22.82
CA ASN A 194 -27.23 11.34 22.88
C ASN A 194 -27.23 12.00 21.50
N GLY A 195 -27.62 11.24 20.48
CA GLY A 195 -27.73 11.74 19.11
C GLY A 195 -26.40 12.09 18.48
N GLN A 196 -25.36 11.34 18.83
CA GLN A 196 -24.03 11.51 18.26
C GLN A 196 -24.06 11.43 16.74
N TRP A 197 -24.74 10.40 16.22
CA TRP A 197 -25.02 10.25 14.80
C TRP A 197 -26.53 10.18 14.59
N PRO A 198 -27.01 10.52 13.39
CA PRO A 198 -28.42 10.30 13.04
C PRO A 198 -28.84 8.85 13.27
N ALA A 199 -30.07 8.66 13.74
CA ALA A 199 -30.60 7.33 14.06
C ALA A 199 -30.52 6.37 12.88
N GLY A 200 -29.94 5.20 13.12
CA GLY A 200 -29.74 4.19 12.07
C GLY A 200 -28.42 4.33 11.33
N ARG A 201 -27.57 5.23 11.82
CA ARG A 201 -26.29 5.54 11.18
C ARG A 201 -25.13 5.61 12.18
N PRO A 202 -23.91 5.25 11.75
CA PRO A 202 -23.54 4.74 10.42
C PRO A 202 -23.96 3.29 10.22
N SER A 203 -24.33 2.94 8.99
CA SER A 203 -24.79 1.60 8.65
C SER A 203 -24.80 1.37 7.14
N HIS A 204 -24.79 0.11 6.73
CA HIS A 204 -24.98 -0.25 5.34
C HIS A 204 -26.42 -0.02 4.89
N ALA A 205 -27.33 0.05 5.87
CA ALA A 205 -28.75 0.28 5.61
C ALA A 205 -29.05 1.68 5.07
N LEU A 206 -28.28 2.66 5.53
CA LEU A 206 -28.51 4.05 5.15
C LEU A 206 -27.26 4.73 4.58
N ASP A 207 -26.41 3.94 3.90
CA ASP A 207 -25.16 4.49 3.36
C ASP A 207 -25.35 5.40 2.16
N TYR A 208 -26.34 5.10 1.32
CA TYR A 208 -26.68 5.95 0.18
C TYR A 208 -27.41 7.21 0.63
N THR A 209 -28.30 7.05 1.61
CA THR A 209 -29.01 8.18 2.20
C THR A 209 -28.00 9.17 2.78
N ALA A 210 -27.04 8.65 3.54
CA ALA A 210 -25.97 9.47 4.12
C ALA A 210 -25.16 10.18 3.04
N ASN A 211 -24.90 9.48 1.93
CA ASN A 211 -24.16 10.01 0.79
C ASN A 211 -24.88 11.20 0.15
N ILE A 212 -26.17 11.05 -0.11
CA ILE A 212 -26.95 12.08 -0.80
C ILE A 212 -27.43 13.19 0.14
N GLU A 213 -27.31 12.94 1.46
CA GLU A 213 -27.63 13.95 2.47
C GLU A 213 -26.39 14.71 2.94
N THR A 214 -25.25 14.40 2.34
CA THR A 214 -24.02 15.16 2.53
C THR A 214 -24.07 16.38 1.62
N THR A 215 -23.92 17.55 2.21
CA THR A 215 -24.15 18.81 1.49
C THR A 215 -23.25 19.00 0.27
N VAL A 216 -21.95 18.72 0.42
CA VAL A 216 -20.99 18.90 -0.67
C VAL A 216 -21.25 17.95 -1.85
N TRP A 217 -21.71 16.73 -1.56
CA TRP A 217 -22.03 15.76 -2.60
C TRP A 217 -23.13 16.28 -3.53
N ALA A 218 -24.13 16.95 -2.95
CA ALA A 218 -25.25 17.51 -3.70
C ALA A 218 -24.90 18.88 -4.29
N ALA A 219 -24.04 19.61 -3.60
CA ALA A 219 -23.70 20.99 -3.98
C ALA A 219 -22.61 21.10 -5.05
N MET A 220 -21.63 20.19 -5.03
CA MET A 220 -20.47 20.28 -5.92
C MET A 220 -20.81 20.05 -7.41
N PRO A 221 -20.16 20.81 -8.31
CA PRO A 221 -20.40 20.68 -9.75
C PRO A 221 -19.71 19.47 -10.40
N GLN A 222 -18.66 18.95 -9.78
CA GLN A 222 -17.92 17.80 -10.31
C GLN A 222 -18.65 16.50 -10.02
N ARG A 223 -19.66 16.20 -10.84
CA ARG A 223 -20.58 15.09 -10.60
C ARG A 223 -19.91 13.72 -10.66
N GLU A 224 -18.92 13.59 -11.55
CA GLU A 224 -18.18 12.36 -11.73
C GLU A 224 -17.24 12.09 -10.56
N VAL A 225 -16.78 13.15 -9.91
CA VAL A 225 -16.03 13.05 -8.67
C VAL A 225 -17.00 12.66 -7.54
N ALA A 226 -18.16 13.32 -7.52
CA ALA A 226 -19.20 13.03 -6.53
C ALA A 226 -19.70 11.59 -6.61
N GLU A 227 -19.78 11.05 -7.82
CA GLU A 227 -20.28 9.69 -8.04
C GLU A 227 -19.29 8.63 -7.56
N GLY A 228 -18.03 9.03 -7.40
CA GLY A 228 -17.02 8.16 -6.80
C GLY A 228 -17.33 7.87 -5.34
N CYS A 229 -17.92 8.84 -4.67
CA CYS A 229 -18.43 8.66 -3.31
C CYS A 229 -19.62 7.72 -3.31
N THR A 230 -20.48 7.90 -4.31
CA THR A 230 -21.70 7.09 -4.48
C THR A 230 -21.37 5.61 -4.63
N MET A 231 -20.32 5.32 -5.40
CA MET A 231 -19.89 3.95 -5.69
C MET A 231 -19.48 3.17 -4.44
N CYS A 232 -19.03 3.89 -3.43
CA CYS A 232 -18.70 3.32 -2.12
C CYS A 232 -19.91 3.27 -1.19
N HIS A 233 -20.98 3.96 -1.57
CA HIS A 233 -22.16 4.11 -0.72
C HIS A 233 -23.43 3.51 -1.35
N THR A 234 -23.32 2.32 -1.95
CA THR A 234 -24.46 1.70 -2.66
C THR A 234 -25.08 0.47 -1.97
N ASN A 235 -24.61 0.13 -0.77
CA ASN A 235 -25.13 -1.05 -0.05
C ASN A 235 -26.64 -0.98 0.22
N GLN A 236 -27.12 0.24 0.47
CA GLN A 236 -28.55 0.49 0.69
C GLN A 236 -29.37 0.06 -0.52
N ASN A 237 -28.89 0.40 -1.72
CA ASN A 237 -29.63 0.18 -2.96
C ASN A 237 -29.47 -1.23 -3.53
N LYS A 238 -28.24 -1.74 -3.54
CA LYS A 238 -27.98 -3.07 -4.12
C LYS A 238 -27.16 -3.97 -3.19
N CYS A 239 -27.30 -5.28 -3.38
CA CYS A 239 -26.69 -6.28 -2.50
C CYS A 239 -25.48 -6.99 -3.11
N ASP A 240 -24.89 -6.41 -4.16
CA ASP A 240 -23.78 -7.06 -4.86
C ASP A 240 -22.39 -6.45 -4.60
N ASN A 241 -22.23 -5.77 -3.46
CA ASN A 241 -20.94 -5.12 -3.15
C ASN A 241 -19.95 -6.01 -2.41
N CYS A 242 -20.43 -6.94 -1.60
CA CYS A 242 -19.57 -7.92 -0.94
C CYS A 242 -19.55 -9.24 -1.71
N HIS A 243 -20.75 -9.78 -1.95
CA HIS A 243 -20.89 -10.92 -2.87
C HIS A 243 -21.34 -10.41 -4.25
N THR A 244 -20.36 -10.27 -5.14
CA THR A 244 -20.53 -9.57 -6.42
C THR A 244 -21.28 -10.37 -7.49
N ARG A 245 -21.84 -9.64 -8.45
CA ARG A 245 -22.46 -10.24 -9.63
C ARG A 245 -21.40 -10.79 -10.59
N HIS A 246 -21.70 -11.87 -11.31
CA HIS A 246 -22.99 -12.57 -11.23
C HIS A 246 -22.88 -13.93 -10.53
N GLU A 247 -21.70 -14.23 -9.99
CA GLU A 247 -21.46 -15.47 -9.25
C GLU A 247 -22.12 -15.48 -7.88
N PHE A 248 -22.21 -14.31 -7.26
CA PHE A 248 -22.81 -14.14 -5.93
C PHE A 248 -22.31 -15.18 -4.92
N SER A 249 -21.00 -15.35 -4.86
CA SER A 249 -20.36 -16.30 -3.95
C SER A 249 -20.33 -15.77 -2.52
N ALA A 250 -20.93 -16.52 -1.60
CA ALA A 250 -20.93 -16.17 -0.18
C ALA A 250 -19.53 -16.27 0.40
N ALA A 251 -18.75 -17.23 -0.10
CA ALA A 251 -17.34 -17.40 0.27
C ALA A 251 -16.52 -16.16 -0.04
N GLU A 252 -16.79 -15.58 -1.21
CA GLU A 252 -16.14 -14.35 -1.66
C GLU A 252 -16.39 -13.19 -0.68
N SER A 253 -17.65 -13.03 -0.25
CA SER A 253 -18.03 -11.98 0.69
C SER A 253 -17.44 -12.14 2.09
N ARG A 254 -17.05 -13.37 2.41
CA ARG A 254 -16.41 -13.69 3.70
C ARG A 254 -14.94 -13.29 3.71
N LYS A 255 -14.34 -13.18 2.53
CA LYS A 255 -12.93 -12.80 2.39
C LYS A 255 -12.73 -11.32 2.69
N PRO A 256 -11.60 -10.96 3.33
CA PRO A 256 -11.33 -9.56 3.70
C PRO A 256 -11.29 -8.60 2.51
N GLU A 257 -10.94 -9.12 1.33
CA GLU A 257 -10.82 -8.32 0.11
C GLU A 257 -12.16 -7.75 -0.37
N ALA A 258 -13.25 -8.39 0.03
CA ALA A 258 -14.60 -7.97 -0.35
C ALA A 258 -15.00 -6.62 0.23
N CYS A 259 -14.43 -6.29 1.39
CA CYS A 259 -14.73 -5.04 2.10
C CYS A 259 -13.76 -3.91 1.71
N ALA A 260 -12.67 -4.29 1.04
CA ALA A 260 -11.51 -3.42 0.86
C ALA A 260 -11.72 -2.16 0.03
N THR A 261 -12.44 -2.28 -1.09
CA THR A 261 -12.64 -1.18 -2.02
C THR A 261 -13.25 0.06 -1.33
N CYS A 262 -14.17 -0.18 -0.39
CA CYS A 262 -14.84 0.90 0.33
C CYS A 262 -14.14 1.23 1.66
N HIS A 263 -13.85 0.19 2.44
CA HIS A 263 -13.24 0.36 3.76
C HIS A 263 -11.72 0.45 3.68
N SER A 264 -11.26 1.49 2.98
CA SER A 264 -9.85 1.78 2.79
C SER A 264 -9.72 3.27 2.53
N GLY A 265 -8.49 3.78 2.61
CA GLY A 265 -8.24 5.15 2.23
C GLY A 265 -7.95 6.11 3.35
N VAL A 266 -7.92 7.39 3.00
CA VAL A 266 -7.36 8.45 3.84
C VAL A 266 -8.13 8.73 5.14
N ASP A 267 -9.43 8.47 5.14
CA ASP A 267 -10.26 8.76 6.32
C ASP A 267 -10.76 7.51 7.07
N HIS A 268 -10.37 6.33 6.57
CA HIS A 268 -10.69 5.05 7.20
C HIS A 268 -9.90 3.91 6.56
N ASN A 269 -8.62 3.78 6.94
CA ASN A 269 -7.73 2.81 6.32
C ASN A 269 -7.86 1.39 6.90
N ASN A 270 -9.09 0.91 6.99
CA ASN A 270 -9.39 -0.39 7.59
C ASN A 270 -8.69 -1.55 6.89
N TRP A 271 -8.70 -1.52 5.56
CA TRP A 271 -8.01 -2.54 4.77
C TRP A 271 -6.51 -2.51 5.03
N GLU A 272 -5.95 -1.30 5.00
CA GLU A 272 -4.51 -1.10 5.20
C GLU A 272 -4.08 -1.53 6.60
N ALA A 273 -4.83 -1.12 7.61
CA ALA A 273 -4.53 -1.46 9.01
C ALA A 273 -4.70 -2.95 9.30
N TYR A 274 -5.79 -3.53 8.80
CA TYR A 274 -6.03 -4.96 9.00
C TYR A 274 -5.01 -5.86 8.31
N THR A 275 -4.70 -5.56 7.04
CA THR A 275 -3.74 -6.37 6.29
C THR A 275 -2.35 -6.34 6.88
N MET A 276 -1.95 -5.17 7.37
CA MET A 276 -0.61 -4.99 7.95
C MET A 276 -0.48 -5.57 9.36
N SER A 277 -1.62 -5.76 10.03
CA SER A 277 -1.64 -6.40 11.34
C SER A 277 -1.28 -7.87 11.24
N LYS A 278 -0.97 -8.50 12.36
CA LYS A 278 -0.74 -9.93 12.40
C LYS A 278 -1.96 -10.71 11.93
N HIS A 279 -3.14 -10.29 12.40
CA HIS A 279 -4.41 -10.91 12.01
C HIS A 279 -4.54 -11.01 10.49
N GLY A 280 -4.36 -9.88 9.81
CA GLY A 280 -4.48 -9.81 8.35
C GLY A 280 -3.37 -10.48 7.58
N LYS A 281 -2.14 -10.37 8.09
CA LYS A 281 -0.98 -11.04 7.48
C LYS A 281 -1.12 -12.55 7.57
N LEU A 282 -1.61 -13.04 8.70
CA LEU A 282 -1.94 -14.46 8.89
C LEU A 282 -3.03 -14.90 7.92
N ALA A 283 -4.05 -14.07 7.75
CA ALA A 283 -5.15 -14.34 6.82
C ALA A 283 -4.66 -14.51 5.39
N GLU A 284 -3.64 -13.73 5.01
CA GLU A 284 -3.03 -13.82 3.68
C GLU A 284 -2.15 -15.06 3.56
N MET A 285 -1.61 -15.53 4.68
CA MET A 285 -0.77 -16.72 4.73
C MET A 285 -1.57 -18.01 4.86
N ASN A 286 -2.75 -17.92 5.47
CA ASN A 286 -3.56 -19.09 5.80
C ASN A 286 -4.80 -19.30 4.92
N ARG A 287 -5.01 -18.40 3.96
CA ARG A 287 -6.23 -18.40 3.13
C ARG A 287 -6.49 -19.70 2.35
N ASP A 288 -5.43 -20.47 2.07
CA ASP A 288 -5.56 -21.74 1.37
C ASP A 288 -5.79 -22.91 2.32
N LYS A 289 -5.65 -22.65 3.61
CA LYS A 289 -5.86 -23.66 4.64
C LYS A 289 -7.27 -23.58 5.22
N TRP A 290 -7.96 -22.49 4.92
CA TRP A 290 -9.31 -22.27 5.42
C TRP A 290 -10.37 -22.66 4.40
N ASN A 291 -11.53 -23.09 4.89
CA ASN A 291 -12.68 -23.32 4.03
C ASN A 291 -13.60 -22.10 4.04
N TRP A 292 -13.54 -21.33 2.97
CA TRP A 292 -14.31 -20.09 2.85
C TRP A 292 -15.79 -20.35 2.55
N GLU A 293 -16.08 -21.52 1.98
CA GLU A 293 -17.45 -21.90 1.61
C GLU A 293 -18.32 -22.22 2.82
N VAL A 294 -17.69 -22.58 3.93
CA VAL A 294 -18.37 -22.82 5.20
C VAL A 294 -18.91 -21.50 5.76
N ARG A 295 -20.09 -21.55 6.39
CA ARG A 295 -20.71 -20.36 6.98
C ARG A 295 -19.91 -19.81 8.17
N LEU A 296 -20.12 -18.52 8.44
CA LEU A 296 -19.37 -17.79 9.47
C LEU A 296 -19.42 -18.37 10.88
N LYS A 297 -20.53 -19.02 11.22
CA LYS A 297 -20.71 -19.59 12.56
C LYS A 297 -19.90 -20.88 12.74
N ASP A 298 -19.51 -21.49 11.63
CA ASP A 298 -18.69 -22.70 11.65
C ASP A 298 -17.29 -22.43 11.10
N ALA A 299 -16.99 -21.16 10.85
CA ALA A 299 -15.73 -20.73 10.24
C ALA A 299 -14.49 -21.17 11.02
N PHE A 300 -14.57 -21.05 12.34
CA PHE A 300 -13.45 -21.36 13.22
C PHE A 300 -13.38 -22.83 13.61
N SER A 301 -14.38 -23.60 13.19
CA SER A 301 -14.43 -25.04 13.48
C SER A 301 -14.37 -25.85 12.20
N LYS A 302 -15.46 -25.84 11.43
CA LYS A 302 -15.53 -26.57 10.17
C LYS A 302 -14.66 -25.96 9.07
N GLY A 303 -14.42 -24.65 9.17
CA GLY A 303 -13.60 -23.93 8.20
C GLY A 303 -12.11 -24.00 8.47
N GLY A 304 -11.75 -24.05 9.76
CA GLY A 304 -10.35 -24.15 10.17
C GLY A 304 -9.65 -22.81 10.32
N GLN A 305 -10.44 -21.75 10.48
CA GLN A 305 -9.92 -20.38 10.56
C GLN A 305 -9.32 -20.09 11.94
N ASN A 306 -8.09 -19.57 11.94
CA ASN A 306 -7.37 -19.25 13.18
C ASN A 306 -6.97 -17.78 13.32
N ALA A 307 -7.28 -16.99 12.29
CA ALA A 307 -7.08 -15.54 12.33
C ALA A 307 -8.38 -14.84 11.94
N PRO A 308 -8.72 -13.73 12.61
CA PRO A 308 -10.01 -13.10 12.36
C PRO A 308 -10.05 -12.32 11.05
N THR A 309 -11.25 -12.18 10.49
CA THR A 309 -11.46 -11.43 9.25
C THR A 309 -12.54 -10.37 9.48
N CYS A 310 -12.62 -9.41 8.55
CA CYS A 310 -13.60 -8.31 8.61
C CYS A 310 -15.01 -8.82 8.93
N ALA A 311 -15.47 -9.77 8.13
CA ALA A 311 -16.81 -10.35 8.27
C ALA A 311 -17.00 -11.08 9.59
N ALA A 312 -16.00 -11.83 10.01
CA ALA A 312 -16.06 -12.65 11.23
C ALA A 312 -16.19 -11.81 12.51
N CYS A 313 -15.53 -10.66 12.55
CA CYS A 313 -15.58 -9.79 13.72
C CYS A 313 -16.81 -8.91 13.75
N HIS A 314 -17.14 -8.32 12.61
CA HIS A 314 -18.17 -7.28 12.53
C HIS A 314 -19.60 -7.80 12.32
N MET A 315 -19.74 -8.99 11.74
CA MET A 315 -21.05 -9.60 11.59
C MET A 315 -21.45 -10.46 12.80
N GLU A 316 -20.47 -10.76 13.65
CA GLU A 316 -20.70 -11.54 14.87
C GLU A 316 -21.32 -10.66 15.95
N TYR A 317 -22.35 -11.19 16.61
CA TYR A 317 -22.96 -10.56 17.77
C TYR A 317 -23.52 -11.62 18.73
N GLU A 318 -23.01 -11.60 19.96
CA GLU A 318 -23.42 -12.52 21.04
C GLU A 318 -23.47 -13.99 20.61
N GLY A 319 -22.47 -14.41 19.85
CA GLY A 319 -22.34 -15.80 19.40
C GLY A 319 -23.02 -16.11 18.08
N GLU A 320 -23.77 -15.14 17.53
CA GLU A 320 -24.50 -15.34 16.29
C GLU A 320 -24.05 -14.36 15.19
N TYR A 321 -24.19 -14.80 13.94
CA TYR A 321 -23.75 -14.03 12.78
C TYR A 321 -24.93 -13.53 11.94
N THR A 322 -24.86 -12.26 11.55
CA THR A 322 -26.01 -11.55 10.98
C THR A 322 -25.55 -10.38 10.10
N HIS A 323 -26.28 -10.13 9.00
CA HIS A 323 -25.98 -9.02 8.09
C HIS A 323 -26.01 -7.63 8.73
N ASN A 324 -26.46 -7.56 9.98
CA ASN A 324 -26.37 -6.34 10.79
C ASN A 324 -24.95 -6.21 11.35
N ILE A 325 -24.29 -5.11 11.04
CA ILE A 325 -22.90 -4.87 11.47
C ILE A 325 -22.75 -3.71 12.46
N THR A 326 -23.87 -3.28 13.03
CA THR A 326 -23.90 -2.03 13.81
C THR A 326 -23.90 -2.21 15.32
N ARG A 327 -24.26 -3.40 15.79
CA ARG A 327 -24.61 -3.61 17.20
C ARG A 327 -23.46 -3.51 18.21
N LYS A 328 -22.22 -3.49 17.73
CA LYS A 328 -21.05 -3.39 18.61
C LYS A 328 -20.25 -2.10 18.41
N THR A 329 -20.75 -1.21 17.56
CA THR A 329 -20.08 0.05 17.25
C THR A 329 -20.07 1.00 18.46
N ARG A 330 -18.89 1.48 18.81
CA ARG A 330 -18.73 2.41 19.94
C ARG A 330 -18.07 3.72 19.53
N TRP A 331 -16.94 3.62 18.81
CA TRP A 331 -16.19 4.79 18.35
C TRP A 331 -16.71 5.37 17.05
N ALA A 332 -17.16 4.49 16.15
CA ALA A 332 -17.65 4.87 14.81
C ALA A 332 -16.64 5.66 13.96
N ASN A 333 -15.41 5.13 13.89
CA ASN A 333 -14.34 5.63 13.00
C ASN A 333 -13.80 7.03 13.30
N TYR A 334 -14.70 8.01 13.37
CA TYR A 334 -14.32 9.41 13.58
C TYR A 334 -14.48 9.80 15.05
N PRO A 335 -13.36 9.84 15.79
CA PRO A 335 -13.38 10.06 17.24
C PRO A 335 -13.67 11.51 17.65
N PHE A 336 -13.69 12.42 16.68
CA PHE A 336 -13.91 13.84 16.95
C PHE A 336 -15.38 14.24 17.00
N VAL A 337 -16.24 13.39 16.44
CA VAL A 337 -17.69 13.62 16.44
C VAL A 337 -18.17 13.85 17.88
N PRO A 338 -18.81 15.00 18.15
CA PRO A 338 -19.21 15.37 19.51
C PRO A 338 -20.08 14.30 20.18
N GLY A 339 -19.75 14.00 21.43
CA GLY A 339 -20.49 13.00 22.20
C GLY A 339 -19.85 11.62 22.24
N ILE A 340 -19.16 11.26 21.15
CA ILE A 340 -18.52 9.95 21.03
C ILE A 340 -17.52 9.66 22.15
N ALA A 341 -16.56 10.57 22.36
CA ALA A 341 -15.56 10.42 23.41
C ALA A 341 -16.18 10.42 24.80
N GLU A 342 -17.17 11.28 25.01
CA GLU A 342 -17.90 11.37 26.27
C GLU A 342 -18.77 10.14 26.54
N ASN A 343 -19.13 9.42 25.47
CA ASN A 343 -20.00 8.25 25.55
C ASN A 343 -19.24 6.93 25.77
N ILE A 344 -17.91 6.99 25.68
CA ILE A 344 -17.08 5.77 25.77
C ILE A 344 -17.08 5.13 27.16
N THR A 345 -17.55 5.88 28.16
CA THR A 345 -17.58 5.42 29.55
C THR A 345 -18.98 5.03 30.02
N SER A 346 -19.97 5.20 29.13
CA SER A 346 -21.37 4.88 29.45
C SER A 346 -21.61 3.37 29.54
N ASP A 347 -22.77 2.99 30.08
CA ASP A 347 -23.17 1.58 30.16
C ASP A 347 -23.52 1.03 28.78
N TRP A 348 -23.99 1.91 27.90
CA TRP A 348 -24.32 1.58 26.52
C TRP A 348 -23.07 1.12 25.75
N SER A 349 -21.96 1.82 25.94
CA SER A 349 -20.69 1.46 25.31
C SER A 349 -20.02 0.29 26.03
N GLU A 350 -20.09 0.30 27.36
CA GLU A 350 -19.51 -0.77 28.18
C GLU A 350 -20.13 -2.14 27.86
N ALA A 351 -21.44 -2.15 27.60
CA ALA A 351 -22.14 -3.37 27.19
C ALA A 351 -21.68 -3.83 25.82
N ARG A 352 -21.46 -2.89 24.91
CA ARG A 352 -20.96 -3.18 23.57
C ARG A 352 -19.49 -3.62 23.59
N LEU A 353 -18.77 -3.17 24.60
CA LEU A 353 -17.38 -3.60 24.82
C LEU A 353 -17.35 -5.06 25.28
N ASP A 354 -18.29 -5.44 26.14
CA ASP A 354 -18.48 -6.84 26.55
C ASP A 354 -18.69 -7.73 25.32
N SER A 355 -19.46 -7.21 24.36
CA SER A 355 -19.76 -7.92 23.12
C SER A 355 -18.53 -8.11 22.25
N TRP A 356 -17.65 -7.11 22.22
CA TRP A 356 -16.38 -7.21 21.50
C TRP A 356 -15.44 -8.21 22.15
N VAL A 357 -15.28 -8.12 23.47
CA VAL A 357 -14.49 -9.09 24.22
C VAL A 357 -14.91 -10.52 23.88
N LEU A 358 -16.22 -10.76 23.90
CA LEU A 358 -16.81 -12.03 23.51
C LEU A 358 -16.27 -12.49 22.15
N THR A 359 -16.28 -11.58 21.16
CA THR A 359 -15.77 -11.85 19.81
C THR A 359 -14.31 -12.26 19.86
N CYS A 360 -13.52 -11.56 20.66
CA CYS A 360 -12.08 -11.81 20.80
C CYS A 360 -11.76 -13.12 21.52
N THR A 361 -12.61 -13.49 22.50
CA THR A 361 -12.41 -14.71 23.30
C THR A 361 -12.50 -16.00 22.50
N GLN A 362 -13.00 -15.90 21.26
CA GLN A 362 -12.93 -16.99 20.29
C GLN A 362 -11.51 -17.53 20.18
N CYS A 363 -10.54 -16.63 20.37
CA CYS A 363 -9.13 -17.00 20.36
C CYS A 363 -8.42 -16.58 21.64
N HIS A 364 -8.37 -15.27 21.89
CA HIS A 364 -7.66 -14.72 23.05
C HIS A 364 -8.41 -14.96 24.37
N SER A 365 -7.73 -14.74 25.48
CA SER A 365 -8.38 -14.73 26.79
C SER A 365 -9.12 -13.40 26.98
N GLU A 366 -10.05 -13.36 27.92
CA GLU A 366 -10.78 -12.14 28.24
C GLU A 366 -9.83 -11.06 28.77
N ARG A 367 -8.88 -11.49 29.58
CA ARG A 367 -7.87 -10.60 30.18
C ARG A 367 -7.04 -9.91 29.09
N PHE A 368 -6.59 -10.69 28.10
CA PHE A 368 -5.81 -10.18 26.98
C PHE A 368 -6.64 -9.21 26.13
N ALA A 369 -7.89 -9.59 25.85
CA ALA A 369 -8.81 -8.77 25.05
C ALA A 369 -9.14 -7.44 25.73
N ARG A 370 -9.38 -7.49 27.03
CA ARG A 370 -9.67 -6.27 27.81
C ARG A 370 -8.43 -5.40 27.99
N SER A 371 -7.26 -6.02 27.91
CA SER A 371 -6.00 -5.30 27.97
C SER A 371 -5.75 -4.47 26.70
N TYR A 372 -6.05 -5.04 25.54
CA TYR A 372 -5.82 -4.32 24.29
C TYR A 372 -6.92 -3.32 23.94
N LEU A 373 -8.17 -3.65 24.26
CA LEU A 373 -9.29 -2.74 24.02
C LEU A 373 -9.24 -1.53 24.94
N ASP A 374 -8.56 -1.69 26.09
CA ASP A 374 -8.26 -0.58 26.99
C ASP A 374 -7.23 0.34 26.32
N LEU A 375 -6.27 -0.27 25.63
CA LEU A 375 -5.25 0.45 24.88
C LEU A 375 -5.88 1.22 23.72
N MET A 376 -6.73 0.54 22.96
CA MET A 376 -7.46 1.14 21.83
C MET A 376 -8.23 2.38 22.28
N ASP A 377 -8.95 2.27 23.40
CA ASP A 377 -9.76 3.37 23.92
C ASP A 377 -8.93 4.58 24.36
N LYS A 378 -7.92 4.32 25.17
CA LYS A 378 -7.07 5.38 25.73
C LYS A 378 -6.17 6.01 24.67
N GLY A 379 -5.65 5.18 23.77
CA GLY A 379 -4.83 5.64 22.65
C GLY A 379 -5.60 6.54 21.69
N THR A 380 -6.85 6.15 21.39
CA THR A 380 -7.74 6.94 20.55
C THR A 380 -8.03 8.31 21.16
N LEU A 381 -8.21 8.32 22.49
CA LEU A 381 -8.41 9.56 23.24
C LEU A 381 -7.14 10.43 23.26
N GLU A 382 -5.99 9.77 23.32
CA GLU A 382 -4.69 10.45 23.29
C GLU A 382 -4.47 11.16 21.95
N GLY A 383 -4.90 10.51 20.87
CA GLY A 383 -4.85 11.10 19.53
C GLY A 383 -5.85 12.22 19.36
N LEU A 384 -7.02 12.06 19.98
CA LEU A 384 -8.07 13.08 19.97
C LEU A 384 -7.62 14.34 20.70
N ALA A 385 -6.95 14.15 21.84
CA ALA A 385 -6.45 15.27 22.65
C ALA A 385 -5.42 16.10 21.87
N LYS A 386 -4.56 15.42 21.11
CA LYS A 386 -3.57 16.09 20.27
C LYS A 386 -4.24 16.94 19.18
N TYR A 387 -5.33 16.43 18.60
CA TYR A 387 -6.10 17.20 17.63
C TYR A 387 -6.78 18.41 18.29
N GLN A 388 -7.38 18.19 19.45
CA GLN A 388 -8.13 19.24 20.15
C GLN A 388 -7.26 20.43 20.57
N GLU A 389 -6.00 20.15 20.92
CA GLU A 389 -5.05 21.21 21.25
C GLU A 389 -4.68 22.02 20.01
N ALA A 390 -4.44 21.31 18.90
CA ALA A 390 -4.11 21.97 17.63
C ALA A 390 -5.31 22.75 17.09
N ASN A 391 -6.51 22.19 17.27
CA ASN A 391 -7.73 22.83 16.81
C ASN A 391 -8.05 24.12 17.55
N ALA A 392 -7.73 24.16 18.84
CA ALA A 392 -7.90 25.36 19.66
C ALA A 392 -7.18 26.55 19.04
N ILE A 393 -5.95 26.32 18.60
CA ILE A 393 -5.13 27.33 17.92
C ILE A 393 -5.80 27.88 16.66
N VAL A 394 -6.14 26.97 15.73
CA VAL A 394 -6.71 27.33 14.44
C VAL A 394 -8.11 27.97 14.58
N HIS A 395 -8.91 27.45 15.52
CA HIS A 395 -10.23 27.99 15.80
C HIS A 395 -10.15 29.40 16.38
N LYS A 396 -9.15 29.65 17.22
CA LYS A 396 -8.89 30.98 17.78
C LYS A 396 -8.63 31.99 16.67
N MET A 397 -7.87 31.58 15.66
CA MET A 397 -7.55 32.42 14.51
C MET A 397 -8.78 32.71 13.65
N TYR A 398 -9.71 31.75 13.60
CA TYR A 398 -10.98 31.92 12.90
C TYR A 398 -11.87 32.93 13.60
N GLU A 399 -11.98 32.79 14.93
CA GLU A 399 -12.76 33.71 15.75
C GLU A 399 -12.20 35.13 15.70
N ASP A 400 -10.86 35.23 15.66
CA ASP A 400 -10.17 36.51 15.54
C ASP A 400 -10.19 37.05 14.10
N GLY A 401 -10.52 36.18 13.15
CA GLY A 401 -10.56 36.55 11.74
C GLY A 401 -9.18 36.73 11.12
N THR A 402 -8.18 36.05 11.68
CA THR A 402 -6.78 36.21 11.26
C THR A 402 -6.28 35.10 10.33
N LEU A 403 -7.17 34.22 9.88
CA LEU A 403 -6.82 33.20 8.89
C LEU A 403 -6.56 33.84 7.52
N THR A 404 -5.61 33.28 6.78
CA THR A 404 -5.22 33.83 5.48
C THR A 404 -6.39 33.92 4.51
N GLY A 405 -6.71 35.14 4.10
CA GLY A 405 -7.79 35.40 3.15
C GLY A 405 -9.20 35.36 3.71
N GLN A 406 -9.32 35.28 5.04
CA GLN A 406 -10.63 35.16 5.70
C GLN A 406 -11.56 36.35 5.44
N LYS A 407 -10.96 37.54 5.29
CA LYS A 407 -11.72 38.78 5.11
C LYS A 407 -11.53 39.38 3.73
N THR A 408 -10.66 38.78 2.91
CA THR A 408 -10.34 39.31 1.59
C THR A 408 -10.68 38.37 0.43
N ASN A 409 -10.63 37.07 0.68
CA ASN A 409 -10.81 36.07 -0.38
C ASN A 409 -11.39 34.76 0.13
N ARG A 410 -12.58 34.82 0.72
CA ARG A 410 -13.24 33.64 1.26
C ARG A 410 -14.65 33.47 0.68
N PRO A 411 -14.74 33.05 -0.60
CA PRO A 411 -16.04 32.94 -1.26
C PRO A 411 -16.90 31.84 -0.64
N ASN A 412 -18.21 31.97 -0.78
CA ASN A 412 -19.15 31.02 -0.20
C ASN A 412 -19.22 29.71 -0.98
N PRO A 413 -19.35 28.57 -0.26
CA PRO A 413 -19.50 27.26 -0.90
C PRO A 413 -20.79 27.17 -1.73
N PRO A 414 -20.86 26.23 -2.68
CA PRO A 414 -22.06 26.11 -3.51
C PRO A 414 -23.30 25.74 -2.69
N GLU A 415 -24.45 26.24 -3.13
CA GLU A 415 -25.74 26.00 -2.47
C GLU A 415 -26.07 24.51 -2.40
N PRO A 416 -26.76 24.07 -1.32
CA PRO A 416 -27.30 24.87 -0.21
C PRO A 416 -26.40 24.97 1.02
N GLU A 417 -25.09 24.80 0.82
CA GLU A 417 -24.12 24.86 1.91
C GLU A 417 -23.95 26.30 2.43
N LYS A 418 -23.63 26.41 3.71
CA LYS A 418 -23.40 27.71 4.35
C LYS A 418 -21.99 27.78 4.92
N PRO A 419 -21.32 28.94 4.76
CA PRO A 419 -19.93 29.10 5.21
C PRO A 419 -19.71 28.78 6.68
N GLY A 420 -18.57 28.16 6.98
CA GLY A 420 -18.20 27.80 8.34
C GLY A 420 -16.73 27.48 8.45
N PHE A 421 -16.31 27.07 9.65
CA PHE A 421 -14.92 26.74 9.92
C PHE A 421 -14.71 25.23 9.99
N GLY A 422 -13.73 24.74 9.24
CA GLY A 422 -13.37 23.32 9.23
C GLY A 422 -14.58 22.42 9.00
N ILE A 423 -15.25 22.66 7.88
CA ILE A 423 -16.43 21.89 7.50
C ILE A 423 -16.07 20.86 6.42
N PHE A 424 -16.80 19.76 6.38
CA PHE A 424 -16.51 18.66 5.45
C PHE A 424 -16.43 19.10 3.98
N THR A 425 -17.27 20.07 3.61
CA THR A 425 -17.32 20.62 2.26
C THR A 425 -15.94 21.06 1.74
N GLN A 426 -15.13 21.60 2.65
CA GLN A 426 -13.81 22.13 2.31
C GLN A 426 -12.78 21.05 1.90
N LEU A 427 -13.19 19.79 1.96
CA LEU A 427 -12.36 18.68 1.49
C LEU A 427 -12.66 18.30 0.04
N PHE A 428 -13.86 18.63 -0.44
CA PHE A 428 -14.27 18.33 -1.81
C PHE A 428 -14.57 19.58 -2.64
N TRP A 429 -14.44 20.74 -2.01
CA TRP A 429 -14.61 22.02 -2.68
C TRP A 429 -13.68 23.07 -2.09
N SER A 430 -13.01 23.82 -2.97
CA SER A 430 -12.15 24.92 -2.56
C SER A 430 -12.08 26.00 -3.64
N LYS A 431 -12.24 27.25 -3.20
CA LYS A 431 -12.10 28.41 -4.07
C LYS A 431 -11.50 29.55 -3.26
N GLY A 432 -10.55 30.26 -3.85
CA GLY A 432 -9.83 31.33 -3.15
C GLY A 432 -9.16 30.77 -1.91
N ASN A 433 -9.37 31.46 -0.79
CA ASN A 433 -8.83 31.01 0.50
C ASN A 433 -9.89 30.36 1.38
N ASN A 434 -10.87 29.72 0.74
CA ASN A 434 -11.86 28.90 1.43
C ASN A 434 -11.73 27.45 0.96
N PRO A 435 -11.12 26.58 1.80
CA PRO A 435 -10.55 26.88 3.11
C PRO A 435 -9.15 27.49 3.04
N ALA A 436 -8.67 27.95 4.19
CA ALA A 436 -7.27 28.34 4.34
C ALA A 436 -6.46 27.08 4.64
N SER A 437 -5.15 27.12 4.40
CA SER A 437 -4.28 25.96 4.58
C SER A 437 -4.27 25.43 6.02
N LEU A 438 -4.16 26.32 7.00
CA LEU A 438 -4.25 25.95 8.42
C LEU A 438 -5.58 25.28 8.77
N GLU A 439 -6.66 25.83 8.20
CA GLU A 439 -8.01 25.32 8.40
C GLU A 439 -8.20 23.94 7.79
N LEU A 440 -7.57 23.71 6.64
CA LEU A 440 -7.63 22.42 5.96
C LEU A 440 -6.74 21.41 6.68
N LYS A 441 -5.60 21.87 7.17
CA LYS A 441 -4.62 21.01 7.83
C LYS A 441 -5.15 20.43 9.15
N VAL A 442 -5.89 21.25 9.90
CA VAL A 442 -6.49 20.82 11.16
C VAL A 442 -7.73 19.94 10.90
N LEU A 443 -8.42 20.20 9.79
CA LEU A 443 -9.58 19.42 9.38
C LEU A 443 -9.12 18.01 9.02
N GLU A 444 -8.06 17.92 8.23
CA GLU A 444 -7.49 16.65 7.82
C GLU A 444 -6.82 15.93 8.99
N MET A 445 -6.31 16.70 9.95
CA MET A 445 -5.75 16.15 11.19
C MET A 445 -6.76 15.25 11.90
N ALA A 446 -8.00 15.71 11.97
CA ALA A 446 -9.09 14.93 12.58
C ALA A 446 -9.68 13.93 11.60
N GLU A 447 -10.07 14.41 10.41
CA GLU A 447 -10.77 13.62 9.41
C GLU A 447 -9.95 12.44 8.89
N ASN A 448 -8.65 12.66 8.68
CA ASN A 448 -7.79 11.65 8.09
C ASN A 448 -6.91 10.93 9.10
N ASN A 449 -6.04 11.69 9.76
CA ASN A 449 -4.97 11.13 10.57
C ASN A 449 -5.41 10.62 11.95
N LEU A 450 -6.33 11.33 12.58
CA LEU A 450 -6.92 10.89 13.84
C LEU A 450 -7.80 9.66 13.57
N ALA A 451 -8.56 9.73 12.48
CA ALA A 451 -9.41 8.62 12.06
C ALA A 451 -8.58 7.36 11.81
N LYS A 452 -7.53 7.48 11.02
CA LYS A 452 -6.64 6.35 10.73
C LYS A 452 -5.91 5.84 11.98
N MET A 453 -5.60 6.74 12.91
CA MET A 453 -4.99 6.34 14.17
C MET A 453 -5.88 5.35 14.93
N HIS A 454 -7.15 5.70 15.06
CA HIS A 454 -8.13 4.81 15.69
C HIS A 454 -8.25 3.48 14.96
N VAL A 455 -8.37 3.53 13.64
CA VAL A 455 -8.47 2.33 12.81
C VAL A 455 -7.25 1.44 13.01
N GLY A 456 -6.06 2.04 13.01
CA GLY A 456 -4.82 1.34 13.32
C GLY A 456 -4.86 0.71 14.70
N LEU A 457 -5.33 1.45 15.68
CA LEU A 457 -5.53 0.94 17.05
C LEU A 457 -6.58 -0.16 17.09
N ALA A 458 -7.70 0.05 16.40
CA ALA A 458 -8.82 -0.89 16.42
C ALA A 458 -8.51 -2.20 15.70
N HIS A 459 -7.57 -2.14 14.76
CA HIS A 459 -7.27 -3.30 13.91
C HIS A 459 -5.86 -3.83 14.09
N VAL A 460 -5.26 -3.51 15.24
CA VAL A 460 -3.98 -4.07 15.71
C VAL A 460 -2.81 -3.89 14.73
N ASN A 461 -2.67 -2.68 14.19
CA ASN A 461 -1.51 -2.35 13.37
C ASN A 461 -0.64 -1.30 14.03
N PRO A 462 0.45 -1.73 14.70
CA PRO A 462 1.33 -0.90 15.53
C PRO A 462 1.85 0.36 14.84
N GLY A 463 2.39 0.20 13.62
CA GLY A 463 2.85 1.33 12.82
C GLY A 463 1.73 2.24 12.38
N GLY A 464 0.50 1.72 12.41
CA GLY A 464 -0.69 2.44 11.96
C GLY A 464 -1.28 3.44 12.95
N TRP A 465 -0.72 3.48 14.16
CA TRP A 465 -1.10 4.51 15.13
C TRP A 465 0.12 5.22 15.75
N THR A 466 1.32 4.79 15.35
CA THR A 466 2.57 5.38 15.84
C THR A 466 3.33 6.14 14.74
N TYR A 467 4.19 5.42 14.01
CA TYR A 467 5.08 6.04 13.02
C TYR A 467 4.38 6.48 11.73
N THR A 468 3.78 5.52 11.04
CA THR A 468 3.33 5.69 9.66
C THR A 468 1.97 6.37 9.55
N GLU A 469 1.04 5.94 10.40
CA GLU A 469 -0.28 6.58 10.46
C GLU A 469 -0.57 7.02 11.88
N GLY A 470 -1.45 7.99 12.02
CA GLY A 470 -1.91 8.46 13.33
C GLY A 470 -0.97 9.44 14.01
N TRP A 471 -0.25 8.96 15.01
CA TRP A 471 0.58 9.81 15.88
C TRP A 471 1.65 10.59 15.12
N GLY A 472 2.34 9.90 14.21
CA GLY A 472 3.35 10.51 13.35
C GLY A 472 2.85 11.69 12.52
N PRO A 473 1.88 11.44 11.62
CA PRO A 473 1.32 12.53 10.80
C PRO A 473 0.60 13.62 11.60
N MET A 474 0.05 13.26 12.77
CA MET A 474 -0.58 14.24 13.65
C MET A 474 0.47 15.13 14.33
N ASN A 475 1.58 14.52 14.72
CA ASN A 475 2.72 15.25 15.25
C ASN A 475 3.16 16.31 14.24
N ARG A 476 3.28 15.91 12.98
CA ARG A 476 3.66 16.80 11.88
C ARG A 476 2.66 17.95 11.71
N ALA A 477 1.37 17.63 11.71
CA ALA A 477 0.31 18.63 11.59
C ALA A 477 0.34 19.61 12.77
N TYR A 478 0.49 19.08 13.98
CA TYR A 478 0.64 19.90 15.19
C TYR A 478 1.86 20.81 15.09
N VAL A 479 3.00 20.23 14.71
CA VAL A 479 4.25 20.98 14.53
C VAL A 479 4.08 22.11 13.51
N GLU A 480 3.47 21.79 12.36
CA GLU A 480 3.28 22.75 11.29
C GLU A 480 2.24 23.82 11.61
N ILE A 481 1.18 23.44 12.32
CA ILE A 481 0.18 24.40 12.81
C ILE A 481 0.84 25.42 13.74
N GLN A 482 1.57 24.92 14.73
CA GLN A 482 2.27 25.76 15.71
C GLN A 482 3.29 26.68 15.04
N ASP A 483 4.00 26.14 14.05
CA ASP A 483 5.02 26.90 13.32
C ASP A 483 4.43 28.07 12.54
N GLU A 484 3.33 27.81 11.85
CA GLU A 484 2.65 28.85 11.06
C GLU A 484 1.98 29.88 11.96
N TYR A 485 1.39 29.42 13.05
CA TYR A 485 0.76 30.30 14.05
C TYR A 485 1.74 31.33 14.60
N THR A 486 2.95 30.87 14.91
CA THR A 486 4.03 31.74 15.39
C THR A 486 4.47 32.72 14.29
N LYS A 487 4.72 32.19 13.09
CA LYS A 487 5.12 33.01 11.93
C LYS A 487 4.14 34.14 11.67
N MET A 488 2.85 33.83 11.69
CA MET A 488 1.80 34.80 11.41
C MET A 488 1.60 35.81 12.55
N GLN A 489 1.91 35.38 13.77
CA GLN A 489 1.85 36.27 14.93
C GLN A 489 2.94 37.34 14.89
N GLU A 490 4.15 36.94 14.54
CA GLU A 490 5.28 37.87 14.43
C GLU A 490 5.27 38.65 13.11
N LEU A 491 4.50 38.17 12.14
CA LEU A 491 4.28 38.88 10.89
C LEU A 491 3.27 40.01 11.07
N SER A 492 2.25 39.75 11.89
CA SER A 492 1.26 40.77 12.23
C SER A 492 1.79 41.75 13.28
N ALA A 493 2.75 41.28 14.08
CA ALA A 493 3.45 42.13 15.03
C ALA A 493 4.38 43.10 14.29
N LEU A 494 4.97 42.62 13.20
CA LEU A 494 5.79 43.44 12.33
C LEU A 494 4.92 44.43 11.54
N GLN A 495 3.73 43.97 11.16
CA GLN A 495 2.75 44.80 10.46
C GLN A 495 2.24 45.94 11.35
N ALA A 496 2.14 45.67 12.65
CA ALA A 496 1.76 46.68 13.63
C ALA A 496 2.85 47.73 13.84
N ARG A 497 4.11 47.30 13.75
CA ARG A 497 5.25 48.20 13.89
C ARG A 497 5.40 49.13 12.68
N VAL A 498 4.99 48.64 11.50
CA VAL A 498 4.95 49.45 10.29
C VAL A 498 3.84 50.49 10.38
N ASN A 499 2.72 50.10 10.98
CA ASN A 499 1.60 51.01 11.24
C ASN A 499 1.97 52.16 12.18
N LYS A 500 2.80 51.85 13.17
CA LYS A 500 3.31 52.87 14.10
C LYS A 500 4.26 53.85 13.40
N LEU A 501 4.95 53.36 12.37
CA LEU A 501 5.82 54.20 11.55
C LEU A 501 5.03 55.05 10.56
N GLU A 502 3.72 54.82 10.51
CA GLU A 502 2.81 55.58 9.65
C GLU A 502 1.98 56.59 10.48
N GLY A 503 2.21 56.58 11.78
CA GLY A 503 1.63 57.59 12.69
C GLY A 503 2.48 58.85 12.70
N LYS A 504 3.78 58.67 12.93
CA LYS A 504 4.81 59.72 12.82
C LYS A 504 4.39 61.12 13.29
N SER B 2 -28.73 16.25 25.34
CA SER B 2 -27.36 16.44 24.77
C SER B 2 -26.28 16.28 25.84
N LEU B 3 -25.26 15.48 25.52
CA LEU B 3 -24.18 15.18 26.45
C LEU B 3 -23.19 16.34 26.52
N ALA B 4 -22.85 16.75 27.74
CA ALA B 4 -21.96 17.88 27.98
C ALA B 4 -20.54 17.61 27.49
N PRO B 5 -19.90 18.63 26.86
CA PRO B 5 -18.57 18.47 26.25
C PRO B 5 -17.44 18.32 27.28
N ILE B 6 -16.74 17.19 27.21
CA ILE B 6 -15.56 16.94 28.03
C ILE B 6 -14.38 16.67 27.09
N SER B 7 -13.27 17.37 27.30
CA SER B 7 -12.07 17.21 26.48
C SER B 7 -11.43 15.83 26.68
N ALA B 8 -10.73 15.36 25.66
CA ALA B 8 -10.11 14.02 25.67
C ALA B 8 -9.10 13.85 26.81
N LYS B 9 -8.31 14.89 27.07
CA LYS B 9 -7.33 14.87 28.16
C LYS B 9 -8.01 14.66 29.52
N ASP B 10 -9.15 15.33 29.73
CA ASP B 10 -9.92 15.18 30.96
C ASP B 10 -10.59 13.81 31.05
N MET B 11 -10.92 13.23 29.90
CA MET B 11 -11.44 11.87 29.83
C MET B 11 -10.39 10.82 30.21
N LEU B 12 -9.14 11.06 29.80
CA LEU B 12 -8.01 10.22 30.18
C LEU B 12 -7.74 10.29 31.68
N ASP B 13 -7.75 11.52 32.20
CA ASP B 13 -7.51 11.76 33.63
C ASP B 13 -8.62 11.16 34.50
N TYR B 14 -9.84 11.12 33.96
CA TYR B 14 -10.96 10.46 34.62
C TYR B 14 -10.77 8.94 34.65
N LEU B 15 -10.28 8.38 33.55
CA LEU B 15 -9.98 6.95 33.45
C LEU B 15 -8.84 6.52 34.36
N ALA B 16 -7.85 7.40 34.50
CA ALA B 16 -6.68 7.13 35.35
C ALA B 16 -7.01 7.14 36.83
N CYS B 17 -8.14 7.74 37.19
CA CYS B 17 -8.54 7.89 38.58
C CYS B 17 -9.60 6.89 39.04
N LYS B 18 -9.85 5.87 38.22
CA LYS B 18 -10.80 4.81 38.58
C LYS B 18 -10.32 3.98 39.75
N ASP B 19 -11.23 3.75 40.71
CA ASP B 19 -10.93 3.05 41.97
C ASP B 19 -9.76 3.69 42.72
N LYS B 20 -9.79 5.02 42.81
CA LYS B 20 -8.73 5.78 43.50
C LYS B 20 -9.30 6.87 44.38
N LYS B 21 -8.58 7.17 45.46
CA LYS B 21 -8.98 8.18 46.44
C LYS B 21 -8.92 9.60 45.84
N PRO B 22 -9.77 10.52 46.33
CA PRO B 22 -9.76 11.91 45.88
C PRO B 22 -8.43 12.64 46.11
N THR B 23 -7.64 12.17 47.06
CA THR B 23 -6.34 12.79 47.38
C THR B 23 -5.21 12.20 46.53
N ASP B 24 -5.46 11.05 45.91
CA ASP B 24 -4.50 10.39 45.03
C ASP B 24 -4.13 11.25 43.83
N VAL B 25 -2.87 11.16 43.41
CA VAL B 25 -2.38 11.92 42.26
C VAL B 25 -1.89 10.99 41.16
N VAL B 26 -2.36 11.21 39.94
CA VAL B 26 -1.96 10.42 38.78
C VAL B 26 -1.29 11.29 37.73
N LYS B 27 -0.56 10.65 36.82
CA LYS B 27 0.06 11.34 35.69
C LYS B 27 -0.98 11.59 34.61
N SER B 28 -0.82 12.71 33.90
CA SER B 28 -1.57 12.96 32.67
C SER B 28 -1.10 12.00 31.60
N HIS B 29 -2.02 11.64 30.70
CA HIS B 29 -1.68 10.78 29.56
C HIS B 29 -1.27 11.62 28.35
N THR B 30 -1.43 12.94 28.45
CA THR B 30 -1.28 13.82 27.28
C THR B 30 -0.46 15.08 27.51
N GLU B 31 -0.38 15.53 28.76
CA GLU B 31 0.15 16.87 29.07
C GLU B 31 1.56 16.89 29.66
N VAL B 32 2.39 17.76 29.12
CA VAL B 32 3.75 17.99 29.59
C VAL B 32 3.94 19.49 29.79
N GLU B 33 4.37 19.89 30.99
CA GLU B 33 4.68 21.29 31.31
C GLU B 33 6.01 21.39 32.04
N ASN B 34 6.83 22.37 31.64
CA ASN B 34 8.16 22.60 32.22
C ASN B 34 9.08 21.38 32.15
N GLY B 35 8.94 20.60 31.08
CA GLY B 35 9.74 19.39 30.87
C GLY B 35 9.36 18.22 31.75
N LYS B 36 8.15 18.26 32.30
CA LYS B 36 7.64 17.19 33.16
C LYS B 36 6.19 16.87 32.85
N ILE B 37 5.84 15.59 32.92
CA ILE B 37 4.45 15.16 32.77
C ILE B 37 3.61 15.75 33.89
N VAL B 38 2.52 16.41 33.53
CA VAL B 38 1.62 17.05 34.49
C VAL B 38 0.99 16.00 35.40
N ARG B 39 1.05 16.24 36.70
CA ARG B 39 0.39 15.39 37.69
C ARG B 39 -0.99 15.96 38.00
N VAL B 40 -1.97 15.07 38.14
CA VAL B 40 -3.37 15.48 38.35
C VAL B 40 -3.94 14.85 39.61
N LYS B 41 -4.48 15.70 40.49
CA LYS B 41 -5.20 15.24 41.66
C LYS B 41 -6.58 14.73 41.25
N CYS B 42 -6.94 13.54 41.73
CA CYS B 42 -8.15 12.85 41.30
C CYS B 42 -9.46 13.51 41.75
N GLY B 43 -9.40 14.26 42.86
CA GLY B 43 -10.56 15.00 43.36
C GLY B 43 -11.00 16.11 42.43
N ASP B 44 -10.05 16.67 41.69
CA ASP B 44 -10.32 17.75 40.74
C ASP B 44 -11.01 17.26 39.47
N ILE B 45 -10.57 16.10 38.97
CA ILE B 45 -11.10 15.56 37.71
C ILE B 45 -12.50 14.94 37.86
N VAL B 46 -12.75 14.30 39.00
CA VAL B 46 -14.06 13.70 39.29
C VAL B 46 -15.11 14.79 39.45
N ALA B 47 -14.74 15.89 40.13
CA ALA B 47 -15.61 17.04 40.31
C ALA B 47 -15.95 17.73 38.98
N LEU B 48 -14.97 17.76 38.07
CA LEU B 48 -15.15 18.37 36.75
C LEU B 48 -16.09 17.55 35.86
N VAL B 49 -16.03 16.23 36.00
CA VAL B 49 -16.90 15.33 35.26
C VAL B 49 -18.32 15.35 35.83
N GLN B 50 -18.43 15.30 37.16
CA GLN B 50 -19.73 15.30 37.85
C GLN B 50 -20.56 16.54 37.54
N LYS B 51 -19.93 17.72 37.53
CA LYS B 51 -20.64 18.98 37.25
C LYS B 51 -21.11 19.09 35.80
N ALA B 52 -20.56 18.25 34.93
CA ALA B 52 -20.97 18.19 33.53
C ALA B 52 -22.16 17.25 33.33
N ARG B 53 -22.12 16.10 34.00
CA ARG B 53 -23.20 15.10 33.91
C ARG B 53 -24.49 15.57 34.60
N GLU B 54 -24.33 16.30 35.70
CA GLU B 54 -25.46 16.81 36.48
C GLU B 54 -26.08 18.03 35.79
N ASP C 1 4.38 -13.90 -43.45
CA ASP C 1 3.16 -13.22 -42.92
C ASP C 1 2.84 -13.64 -41.49
N ILE C 2 2.59 -12.64 -40.65
CA ILE C 2 2.10 -12.85 -39.29
C ILE C 2 0.71 -12.22 -39.18
N SER C 3 -0.27 -13.04 -38.84
CA SER C 3 -1.69 -12.63 -38.83
C SER C 3 -2.04 -11.52 -37.84
N THR C 4 -1.22 -11.36 -36.81
CA THR C 4 -1.50 -10.42 -35.72
C THR C 4 -0.68 -9.12 -35.77
N VAL C 5 0.06 -8.95 -36.86
CA VAL C 5 0.90 -7.75 -37.04
C VAL C 5 0.25 -6.78 -38.03
N PRO C 6 0.02 -5.53 -37.59
CA PRO C 6 -0.58 -4.44 -38.36
C PRO C 6 0.02 -4.21 -39.75
N ASP C 7 -0.79 -3.70 -40.66
CA ASP C 7 -0.38 -3.41 -42.04
C ASP C 7 0.64 -2.28 -42.12
N GLU C 8 0.46 -1.26 -41.28
CA GLU C 8 1.34 -0.09 -41.25
C GLU C 8 2.76 -0.42 -40.77
N THR C 9 2.91 -1.57 -40.12
CA THR C 9 4.21 -2.08 -39.73
C THR C 9 4.99 -2.56 -40.97
N TYR C 10 4.36 -3.41 -41.78
CA TYR C 10 4.93 -3.88 -43.04
C TYR C 10 5.22 -2.72 -43.99
N ASP C 11 4.32 -1.74 -44.02
CA ASP C 11 4.49 -0.53 -44.81
C ASP C 11 5.71 0.28 -44.36
N ALA C 12 5.91 0.35 -43.05
CA ALA C 12 7.06 1.06 -42.47
C ALA C 12 8.38 0.33 -42.70
N LEU C 13 8.32 -1.00 -42.76
CA LEU C 13 9.50 -1.83 -43.04
C LEU C 13 9.75 -1.98 -44.54
N LYS C 14 8.78 -1.55 -45.35
CA LYS C 14 8.80 -1.69 -46.81
C LYS C 14 8.79 -3.15 -47.23
N LEU C 15 7.78 -3.87 -46.76
CA LEU C 15 7.63 -5.31 -47.02
C LEU C 15 6.24 -5.66 -47.54
N ASP C 16 6.20 -6.66 -48.42
CA ASP C 16 4.94 -7.19 -48.94
C ASP C 16 4.42 -8.26 -47.99
N ARG C 17 3.17 -8.14 -47.58
CA ARG C 17 2.54 -9.08 -46.64
C ARG C 17 2.46 -10.51 -47.15
N GLY C 18 2.37 -10.67 -48.47
CA GLY C 18 2.23 -11.98 -49.10
C GLY C 18 3.54 -12.58 -49.61
N LYS C 19 4.57 -11.74 -49.73
CA LYS C 19 5.84 -12.16 -50.30
C LYS C 19 7.02 -11.90 -49.35
N ALA C 20 6.76 -12.00 -48.05
CA ALA C 20 7.79 -11.81 -47.03
C ALA C 20 7.97 -13.03 -46.15
N THR C 21 9.19 -13.54 -46.11
CA THR C 21 9.54 -14.70 -45.29
C THR C 21 9.86 -14.28 -43.86
N PRO C 22 9.74 -15.21 -42.88
CA PRO C 22 10.13 -14.94 -41.49
C PRO C 22 11.55 -14.39 -41.36
N LYS C 23 12.45 -14.83 -42.23
CA LYS C 23 13.84 -14.35 -42.27
C LYS C 23 13.92 -12.87 -42.64
N GLU C 24 13.22 -12.50 -43.71
CA GLU C 24 13.21 -11.13 -44.22
C GLU C 24 12.52 -10.15 -43.26
N THR C 25 11.44 -10.60 -42.62
CA THR C 25 10.69 -9.80 -41.66
C THR C 25 11.54 -9.52 -40.41
N TYR C 26 12.24 -10.55 -39.94
CA TYR C 26 13.16 -10.44 -38.81
C TYR C 26 14.30 -9.46 -39.12
N GLU C 27 14.88 -9.59 -40.31
CA GLU C 27 15.99 -8.73 -40.74
C GLU C 27 15.57 -7.27 -40.90
N ALA C 28 14.33 -7.05 -41.34
CA ALA C 28 13.77 -5.70 -41.44
C ALA C 28 13.49 -5.12 -40.07
N LEU C 29 13.01 -5.97 -39.17
CA LEU C 29 12.74 -5.60 -37.78
C LEU C 29 14.00 -5.17 -37.04
N VAL C 30 15.04 -6.02 -37.08
CA VAL C 30 16.29 -5.77 -36.37
C VAL C 30 17.05 -4.56 -36.94
N LYS C 31 16.96 -4.37 -38.26
CA LYS C 31 17.60 -3.22 -38.92
C LYS C 31 17.08 -1.89 -38.39
N ARG C 32 15.77 -1.84 -38.11
CA ARG C 32 15.16 -0.66 -37.49
C ARG C 32 15.45 -0.65 -35.98
N TYR C 33 15.40 -1.83 -35.37
CA TYR C 33 15.58 -1.99 -33.92
C TYR C 33 16.96 -1.58 -33.42
N LYS C 34 17.99 -1.90 -34.19
CA LYS C 34 19.38 -1.62 -33.80
C LYS C 34 19.91 -0.32 -34.41
N ASP C 35 19.04 0.40 -35.10
CA ASP C 35 19.38 1.69 -35.71
C ASP C 35 19.32 2.81 -34.68
N PRO C 36 20.44 3.53 -34.48
CA PRO C 36 20.52 4.69 -33.59
C PRO C 36 19.50 5.80 -33.88
N ALA C 37 19.10 5.92 -35.14
CA ALA C 37 18.11 6.92 -35.55
C ALA C 37 16.70 6.57 -35.06
N HIS C 38 16.45 5.28 -34.88
CA HIS C 38 15.14 4.79 -34.44
C HIS C 38 15.08 4.48 -32.93
N GLY C 39 16.12 4.86 -32.21
CA GLY C 39 16.11 4.78 -30.74
C GLY C 39 17.24 4.03 -30.07
N ALA C 40 18.02 3.29 -30.85
CA ALA C 40 19.10 2.46 -30.30
C ALA C 40 20.33 3.29 -29.88
N GLY C 41 21.14 2.72 -28.99
CA GLY C 41 22.39 3.34 -28.57
C GLY C 41 22.27 4.21 -27.31
N LYS C 42 23.15 5.19 -27.21
CA LYS C 42 23.20 6.08 -26.04
C LYS C 42 22.24 7.26 -26.15
N GLY C 43 21.83 7.58 -27.37
CA GLY C 43 20.87 8.65 -27.63
C GLY C 43 21.54 9.97 -27.96
N THR C 44 20.73 11.01 -28.13
CA THR C 44 21.20 12.35 -28.49
C THR C 44 22.10 12.98 -27.43
N MET C 45 21.94 12.56 -26.18
CA MET C 45 22.65 13.16 -25.06
C MET C 45 23.67 12.21 -24.43
N GLY C 46 24.18 11.28 -25.24
CA GLY C 46 25.16 10.27 -24.78
C GLY C 46 26.49 10.83 -24.33
N ASP C 47 26.81 12.05 -24.76
CA ASP C 47 28.06 12.71 -24.37
C ASP C 47 28.00 13.31 -22.96
N TYR C 48 26.87 13.13 -22.28
CA TYR C 48 26.65 13.71 -20.95
C TYR C 48 26.62 12.66 -19.83
N TRP C 49 26.52 11.39 -20.20
CA TRP C 49 26.46 10.30 -19.23
C TRP C 49 27.27 9.09 -19.66
N GLU C 50 27.76 8.33 -18.68
CA GLU C 50 28.49 7.10 -18.92
C GLU C 50 27.79 5.95 -18.21
N PRO C 51 27.94 4.71 -18.73
CA PRO C 51 27.36 3.55 -18.08
C PRO C 51 28.00 3.28 -16.71
N ILE C 52 27.19 2.77 -15.78
CA ILE C 52 27.73 2.21 -14.54
C ILE C 52 27.73 0.69 -14.66
N ALA C 53 28.14 0.00 -13.59
CA ALA C 53 28.31 -1.44 -13.62
C ALA C 53 27.07 -2.20 -14.15
N ILE C 54 25.89 -1.83 -13.65
CA ILE C 54 24.64 -2.52 -14.01
C ILE C 54 24.14 -2.22 -15.44
N SER C 55 24.64 -1.14 -16.04
CA SER C 55 24.17 -0.68 -17.34
C SER C 55 24.40 -1.68 -18.49
N ILE C 56 25.33 -2.60 -18.30
CA ILE C 56 25.59 -3.66 -19.28
C ILE C 56 24.45 -4.69 -19.32
N TYR C 57 23.69 -4.76 -18.23
CA TYR C 57 22.52 -5.64 -18.14
C TYR C 57 21.24 -4.89 -18.50
N MET C 58 21.32 -3.56 -18.54
CA MET C 58 20.17 -2.72 -18.85
C MET C 58 20.12 -2.37 -20.34
N ASP C 59 21.29 -2.12 -20.92
CA ASP C 59 21.43 -1.92 -22.36
C ASP C 59 22.59 -2.76 -22.90
N PRO C 60 22.36 -4.07 -23.08
CA PRO C 60 23.41 -5.00 -23.51
C PRO C 60 23.92 -4.77 -24.93
N ASN C 61 23.05 -4.32 -25.82
CA ASN C 61 23.43 -4.04 -27.21
C ASN C 61 24.41 -2.89 -27.37
N THR C 62 24.49 -2.01 -26.37
CA THR C 62 25.40 -0.86 -26.39
C THR C 62 26.63 -1.08 -25.51
N PHE C 63 26.42 -1.69 -24.33
CA PHE C 63 27.46 -1.70 -23.30
C PHE C 63 28.07 -3.06 -22.95
N TYR C 64 27.35 -4.15 -23.24
CA TYR C 64 27.76 -5.46 -22.74
C TYR C 64 28.97 -6.08 -23.44
N LYS C 65 29.93 -6.47 -22.61
CA LYS C 65 31.03 -7.34 -23.00
C LYS C 65 31.04 -8.51 -22.01
N PRO C 66 31.34 -9.72 -22.49
CA PRO C 66 31.43 -10.89 -21.60
C PRO C 66 32.57 -10.75 -20.58
N PRO C 67 32.44 -11.42 -19.41
CA PRO C 67 33.45 -11.32 -18.35
C PRO C 67 34.81 -11.87 -18.76
N VAL C 68 35.87 -11.32 -18.18
CA VAL C 68 37.24 -11.72 -18.53
C VAL C 68 37.79 -12.87 -17.69
N SER C 69 37.31 -12.99 -16.45
CA SER C 69 37.85 -13.95 -15.48
C SER C 69 37.76 -15.43 -15.89
N PRO C 70 36.54 -15.95 -16.18
CA PRO C 70 36.49 -17.34 -16.62
C PRO C 70 36.99 -17.52 -18.06
N LYS C 71 38.29 -17.74 -18.21
CA LYS C 71 38.89 -18.04 -19.51
C LYS C 71 38.55 -19.47 -19.93
N GLU C 72 37.35 -19.65 -20.47
CA GLU C 72 36.83 -20.98 -20.75
C GLU C 72 36.31 -21.13 -22.17
N VAL C 73 36.47 -22.34 -22.71
CA VAL C 73 35.87 -22.73 -23.98
C VAL C 73 34.90 -23.86 -23.66
N ALA C 74 33.61 -23.61 -23.91
CA ALA C 74 32.55 -24.50 -23.44
C ALA C 74 31.58 -24.94 -24.53
N GLU C 75 30.91 -26.07 -24.29
CA GLU C 75 29.87 -26.58 -25.17
C GLU C 75 28.53 -26.60 -24.42
N ARG C 76 27.46 -26.94 -25.14
CA ARG C 76 26.09 -26.94 -24.60
C ARG C 76 25.97 -27.61 -23.22
N LYS C 77 26.56 -28.80 -23.10
CA LYS C 77 26.48 -29.60 -21.87
C LYS C 77 27.27 -28.97 -20.72
N ASP C 78 28.35 -28.27 -21.05
CA ASP C 78 29.21 -27.61 -20.05
C ASP C 78 28.50 -26.46 -19.35
N CYS C 79 27.62 -25.78 -20.08
CA CYS C 79 26.83 -24.66 -19.54
C CYS C 79 25.96 -25.09 -18.37
N VAL C 80 25.21 -26.17 -18.56
CA VAL C 80 24.30 -26.71 -17.56
C VAL C 80 25.06 -27.31 -16.38
N GLU C 81 26.18 -27.97 -16.66
CA GLU C 81 26.92 -28.73 -15.67
C GLU C 81 27.75 -27.86 -14.72
N CYS C 82 28.43 -26.85 -15.26
CA CYS C 82 29.25 -25.96 -14.45
C CYS C 82 28.41 -24.95 -13.66
N HIS C 83 27.42 -24.36 -14.33
CA HIS C 83 26.54 -23.39 -13.68
C HIS C 83 25.57 -24.02 -12.69
N SER C 84 25.56 -25.35 -12.61
CA SER C 84 24.83 -26.06 -11.56
C SER C 84 25.44 -25.77 -10.19
N ASP C 85 26.72 -25.39 -10.19
CA ASP C 85 27.44 -24.98 -8.98
C ASP C 85 27.56 -23.47 -8.87
N GLU C 86 27.73 -22.80 -10.02
CA GLU C 86 27.95 -21.35 -10.06
C GLU C 86 26.66 -20.55 -9.87
N THR C 87 25.62 -20.91 -10.63
CA THR C 87 24.29 -20.31 -10.48
C THR C 87 23.23 -21.41 -10.42
N PRO C 88 23.16 -22.13 -9.29
CA PRO C 88 22.30 -23.32 -9.17
C PRO C 88 20.82 -23.08 -9.51
N VAL C 89 20.23 -22.05 -8.92
CA VAL C 89 18.80 -21.75 -9.10
C VAL C 89 18.47 -21.41 -10.56
N TRP C 90 19.41 -20.72 -11.23
CA TRP C 90 19.30 -20.45 -12.67
C TRP C 90 19.15 -21.74 -13.48
N VAL C 91 19.94 -22.76 -13.11
CA VAL C 91 19.85 -24.09 -13.73
C VAL C 91 18.52 -24.77 -13.39
N ARG C 92 18.14 -24.71 -12.12
CA ARG C 92 16.89 -25.34 -11.65
C ARG C 92 15.64 -24.69 -12.24
N ALA C 93 15.67 -23.36 -12.40
CA ALA C 93 14.56 -22.62 -12.99
C ALA C 93 14.43 -22.90 -14.48
N TRP C 94 15.57 -22.97 -15.17
CA TRP C 94 15.61 -23.34 -16.58
C TRP C 94 15.14 -24.77 -16.80
N LYS C 95 15.50 -25.67 -15.88
CA LYS C 95 15.14 -27.09 -15.96
C LYS C 95 13.63 -27.33 -15.97
N ARG C 96 12.90 -26.57 -15.16
CA ARG C 96 11.44 -26.72 -15.08
C ARG C 96 10.69 -25.79 -16.04
N SER C 97 11.45 -24.98 -16.80
CA SER C 97 10.84 -24.11 -17.80
C SER C 97 10.45 -24.89 -19.05
N THR C 98 9.58 -24.29 -19.87
CA THR C 98 9.13 -24.89 -21.12
C THR C 98 10.27 -24.98 -22.13
N HIS C 99 11.16 -23.99 -22.09
CA HIS C 99 12.32 -23.93 -22.97
C HIS C 99 13.19 -25.20 -22.93
N ALA C 100 13.16 -25.90 -21.79
CA ALA C 100 13.95 -27.12 -21.60
C ALA C 100 13.12 -28.40 -21.71
N ASN C 101 11.79 -28.25 -21.66
CA ASN C 101 10.88 -29.39 -21.74
C ASN C 101 10.01 -29.34 -23.00
N LEU C 102 10.66 -29.28 -24.15
CA LEU C 102 9.95 -29.19 -25.44
C LEU C 102 9.23 -30.47 -25.86
N ASP C 103 9.68 -31.62 -25.32
CA ASP C 103 9.03 -32.90 -25.58
C ASP C 103 7.64 -32.98 -24.93
N LYS C 104 7.48 -32.32 -23.78
CA LYS C 104 6.19 -32.20 -23.11
C LYS C 104 5.17 -31.48 -23.99
N ILE C 105 5.65 -30.50 -24.76
CA ILE C 105 4.82 -29.71 -25.67
C ILE C 105 4.34 -30.55 -26.86
N ARG C 106 5.19 -31.47 -27.31
CA ARG C 106 4.83 -32.38 -28.40
C ARG C 106 3.90 -33.49 -27.94
N ASN C 107 3.91 -33.78 -26.64
CA ASN C 107 3.03 -34.78 -26.04
C ASN C 107 1.66 -34.21 -25.65
N LEU C 108 1.42 -32.94 -25.95
CA LEU C 108 0.14 -32.30 -25.66
C LEU C 108 -0.94 -32.79 -26.62
N LYS C 109 -1.97 -33.43 -26.06
CA LYS C 109 -3.10 -33.90 -26.85
C LYS C 109 -4.16 -32.80 -27.01
N SER C 110 -4.90 -32.86 -28.12
CA SER C 110 -5.82 -31.78 -28.53
C SER C 110 -6.94 -31.42 -27.55
N ASP C 111 -7.18 -32.27 -26.56
CA ASP C 111 -8.16 -31.96 -25.52
C ASP C 111 -7.53 -31.31 -24.28
N ASP C 112 -6.24 -31.00 -24.37
CA ASP C 112 -5.53 -30.25 -23.33
C ASP C 112 -5.58 -28.76 -23.66
N PRO C 113 -6.02 -27.93 -22.71
CA PRO C 113 -6.18 -26.48 -22.91
C PRO C 113 -4.89 -25.74 -23.32
N LEU C 114 -3.74 -26.38 -23.10
CA LEU C 114 -2.44 -25.78 -23.43
C LEU C 114 -1.95 -26.14 -24.83
N TYR C 115 -2.80 -26.82 -25.60
CA TYR C 115 -2.46 -27.35 -26.93
C TYR C 115 -1.89 -26.31 -27.91
N TYR C 116 -2.29 -25.06 -27.73
CA TYR C 116 -1.84 -23.97 -28.61
C TYR C 116 -0.32 -23.83 -28.64
N LYS C 117 0.33 -24.24 -27.56
CA LYS C 117 1.79 -24.18 -27.41
C LYS C 117 2.52 -25.04 -28.44
N LYS C 118 1.91 -26.17 -28.81
CA LYS C 118 2.45 -27.03 -29.86
C LYS C 118 2.50 -26.29 -31.19
N GLY C 119 1.42 -25.54 -31.48
CA GLY C 119 1.35 -24.70 -32.66
C GLY C 119 2.38 -23.58 -32.64
N LYS C 120 2.61 -23.04 -31.44
CA LYS C 120 3.63 -22.00 -31.24
C LYS C 120 5.06 -22.55 -31.40
N LEU C 121 5.28 -23.77 -30.90
CA LEU C 121 6.55 -24.46 -31.08
C LEU C 121 6.84 -24.70 -32.57
N GLU C 122 5.83 -25.20 -33.28
CA GLU C 122 5.92 -25.42 -34.73
C GLU C 122 6.12 -24.09 -35.48
N GLU C 123 5.54 -23.02 -34.94
CA GLU C 123 5.71 -21.67 -35.48
C GLU C 123 7.14 -21.18 -35.26
N VAL C 124 7.70 -21.47 -34.09
CA VAL C 124 9.09 -21.15 -33.77
C VAL C 124 10.04 -21.88 -34.72
N GLU C 125 9.85 -23.20 -34.84
CA GLU C 125 10.64 -24.03 -35.74
C GLU C 125 10.54 -23.56 -37.19
N ASN C 126 9.32 -23.20 -37.61
CA ASN C 126 9.06 -22.59 -38.91
C ASN C 126 9.96 -21.38 -39.17
N ASN C 127 10.03 -20.48 -38.18
CA ASN C 127 10.83 -19.26 -38.28
C ASN C 127 12.34 -19.53 -38.39
N LEU C 128 12.81 -20.52 -37.63
CA LEU C 128 14.24 -20.87 -37.60
C LEU C 128 14.71 -21.51 -38.91
N ARG C 129 13.85 -22.33 -39.51
CA ARG C 129 14.14 -22.97 -40.79
C ARG C 129 14.30 -21.92 -41.89
N SER C 130 13.45 -20.90 -41.85
CA SER C 130 13.47 -19.79 -42.80
C SER C 130 14.78 -19.01 -42.76
N MET C 131 15.41 -18.97 -41.58
CA MET C 131 16.64 -18.21 -41.38
C MET C 131 17.89 -19.05 -41.64
N GLY C 132 17.80 -20.36 -41.43
CA GLY C 132 18.90 -21.29 -41.69
C GLY C 132 19.57 -21.81 -40.43
N LYS C 133 18.89 -21.67 -39.29
CA LYS C 133 19.42 -22.13 -38.01
C LYS C 133 18.87 -23.51 -37.65
N LEU C 134 17.92 -23.98 -38.45
CA LEU C 134 17.28 -25.28 -38.24
C LEU C 134 17.00 -25.96 -39.58
N GLY C 135 17.17 -27.27 -39.62
CA GLY C 135 16.86 -28.07 -40.80
C GLY C 135 15.36 -28.18 -41.01
N GLU C 136 14.94 -28.44 -42.24
CA GLU C 136 13.52 -28.52 -42.61
C GLU C 136 12.73 -29.53 -41.79
N LYS C 137 13.39 -30.61 -41.37
CA LYS C 137 12.72 -31.68 -40.65
C LYS C 137 13.36 -31.96 -39.28
N GLU C 138 14.37 -31.16 -38.92
CA GLU C 138 15.02 -31.25 -37.63
C GLU C 138 14.18 -30.52 -36.57
N THR C 139 13.83 -31.24 -35.51
CA THR C 139 13.10 -30.65 -34.39
C THR C 139 14.06 -29.95 -33.45
N LEU C 140 13.67 -28.76 -32.97
CA LEU C 140 14.43 -28.05 -31.95
C LEU C 140 14.37 -28.84 -30.66
N LYS C 141 15.53 -29.35 -30.23
CA LYS C 141 15.61 -30.27 -29.09
C LYS C 141 15.36 -29.56 -27.77
N GLU C 142 16.00 -28.41 -27.58
CA GLU C 142 15.82 -27.58 -26.38
C GLU C 142 16.25 -26.14 -26.61
N VAL C 143 15.79 -25.25 -25.74
CA VAL C 143 16.28 -23.88 -25.69
C VAL C 143 17.09 -23.74 -24.41
N GLY C 144 18.41 -23.96 -24.52
CA GLY C 144 19.30 -23.95 -23.37
C GLY C 144 20.13 -22.68 -23.27
N CYS C 145 21.01 -22.66 -22.27
CA CYS C 145 21.90 -21.51 -22.01
C CYS C 145 22.56 -21.00 -23.27
N ILE C 146 23.19 -21.91 -24.01
CA ILE C 146 23.98 -21.60 -25.20
C ILE C 146 23.15 -20.98 -26.35
N ASP C 147 21.84 -21.25 -26.35
CA ASP C 147 20.96 -20.73 -27.40
C ASP C 147 20.71 -19.23 -27.24
N CYS C 148 20.26 -18.82 -26.06
CA CYS C 148 20.01 -17.42 -25.78
C CYS C 148 21.32 -16.65 -25.57
N HIS C 149 22.23 -17.24 -24.80
CA HIS C 149 23.44 -16.54 -24.36
C HIS C 149 24.61 -16.57 -25.37
N VAL C 150 24.53 -17.42 -26.39
CA VAL C 150 25.57 -17.45 -27.42
C VAL C 150 24.97 -17.36 -28.84
N ASP C 151 24.29 -18.43 -29.26
CA ASP C 151 23.69 -18.51 -30.59
C ASP C 151 22.64 -19.63 -30.63
N VAL C 152 21.53 -19.36 -31.30
CA VAL C 152 20.41 -20.31 -31.39
C VAL C 152 20.82 -21.57 -32.16
N ASN C 153 20.48 -22.73 -31.59
CA ASN C 153 20.80 -24.05 -32.16
C ASN C 153 22.30 -24.22 -32.47
N LYS C 154 23.13 -23.95 -31.46
CA LYS C 154 24.58 -24.05 -31.58
C LYS C 154 25.06 -25.36 -30.94
N LYS C 155 25.91 -26.09 -31.66
CA LYS C 155 26.44 -27.36 -31.18
C LYS C 155 27.96 -27.35 -30.97
N ASP C 156 28.64 -26.42 -31.63
CA ASP C 156 30.09 -26.28 -31.49
C ASP C 156 30.49 -25.47 -30.25
N LYS C 157 31.80 -25.28 -30.07
CA LYS C 157 32.35 -24.66 -28.88
C LYS C 157 32.13 -23.14 -28.82
N ALA C 158 32.04 -22.61 -27.60
CA ALA C 158 31.87 -21.17 -27.39
C ALA C 158 32.89 -20.63 -26.38
N ASP C 159 33.47 -19.49 -26.71
CA ASP C 159 34.42 -18.81 -25.83
C ASP C 159 33.67 -18.00 -24.77
N HIS C 160 33.84 -18.37 -23.50
CA HIS C 160 33.15 -17.71 -22.39
C HIS C 160 33.56 -16.23 -22.23
N THR C 161 34.65 -15.84 -22.88
CA THR C 161 35.20 -14.49 -22.80
C THR C 161 34.96 -13.67 -24.06
N LYS C 162 34.27 -14.24 -25.04
CA LYS C 162 34.13 -13.62 -26.35
C LYS C 162 32.73 -13.81 -26.96
N ASP C 163 32.11 -14.96 -26.68
CA ASP C 163 30.86 -15.36 -27.33
C ASP C 163 29.60 -15.14 -26.48
N ILE C 164 29.78 -14.98 -25.17
CA ILE C 164 28.65 -14.80 -24.25
C ILE C 164 28.01 -13.42 -24.43
N ARG C 165 26.69 -13.42 -24.61
CA ARG C 165 25.92 -12.19 -24.74
C ARG C 165 24.77 -12.18 -23.72
N MET C 166 24.21 -10.99 -23.48
CA MET C 166 22.94 -10.88 -22.78
C MET C 166 21.83 -10.89 -23.83
N PRO C 167 20.90 -11.84 -23.72
CA PRO C 167 19.81 -12.01 -24.69
C PRO C 167 18.87 -10.81 -24.73
N THR C 168 18.95 -10.05 -25.81
CA THR C 168 18.09 -8.88 -26.01
C THR C 168 16.76 -9.26 -26.65
N ALA C 169 16.00 -8.27 -27.11
CA ALA C 169 14.69 -8.51 -27.71
C ALA C 169 14.77 -9.20 -29.06
N ASP C 170 15.80 -8.86 -29.85
CA ASP C 170 16.07 -9.50 -31.14
C ASP C 170 16.51 -10.96 -30.97
N THR C 171 17.21 -11.25 -29.86
CA THR C 171 17.62 -12.60 -29.52
C THR C 171 16.38 -13.48 -29.30
N CYS C 172 15.44 -12.97 -28.50
CA CYS C 172 14.17 -13.66 -28.26
C CYS C 172 13.34 -13.70 -29.54
N GLY C 173 13.41 -12.63 -30.33
CA GLY C 173 12.65 -12.49 -31.56
C GLY C 173 13.08 -13.38 -32.71
N THR C 174 14.22 -14.05 -32.54
CA THR C 174 14.71 -15.03 -33.51
C THR C 174 13.73 -16.20 -33.57
N CYS C 175 13.35 -16.72 -32.41
CA CYS C 175 12.40 -17.81 -32.29
C CYS C 175 10.97 -17.29 -32.18
N HIS C 176 10.78 -16.28 -31.34
CA HIS C 176 9.47 -15.70 -31.08
C HIS C 176 9.25 -14.46 -31.94
N LEU C 177 9.15 -14.68 -33.26
CA LEU C 177 9.00 -13.60 -34.22
C LEU C 177 7.67 -12.85 -34.05
N ARG C 178 6.61 -13.61 -33.78
CA ARG C 178 5.27 -13.05 -33.61
C ARG C 178 5.23 -11.98 -32.51
N GLU C 179 5.60 -12.38 -31.29
CA GLU C 179 5.55 -11.49 -30.13
C GLU C 179 6.49 -10.29 -30.26
N PHE C 180 7.66 -10.53 -30.87
CA PHE C 180 8.65 -9.48 -31.11
C PHE C 180 8.17 -8.49 -32.17
N ALA C 181 7.47 -9.00 -33.18
CA ALA C 181 6.88 -8.15 -34.23
C ALA C 181 5.65 -7.40 -33.72
N GLU C 182 4.89 -8.06 -32.84
CA GLU C 182 3.73 -7.42 -32.18
C GLU C 182 4.20 -6.27 -31.29
N ARG C 183 5.27 -6.50 -30.55
CA ARG C 183 5.85 -5.50 -29.66
C ARG C 183 6.39 -4.32 -30.48
N GLU C 184 7.11 -4.62 -31.56
CA GLU C 184 7.73 -3.59 -32.40
C GLU C 184 6.73 -2.85 -33.29
N SER C 185 5.51 -3.37 -33.38
CA SER C 185 4.44 -2.72 -34.15
C SER C 185 3.88 -1.50 -33.41
N GLU C 186 4.28 -1.34 -32.16
CA GLU C 186 3.90 -0.17 -31.34
C GLU C 186 4.52 1.11 -31.89
N ARG C 187 5.66 0.95 -32.57
CA ARG C 187 6.34 2.05 -33.26
C ARG C 187 5.48 2.66 -34.37
N ASP C 188 4.55 1.86 -34.87
CA ASP C 188 3.76 2.21 -36.05
C ASP C 188 2.28 2.43 -35.73
N THR C 189 1.82 1.85 -34.63
CA THR C 189 0.42 1.98 -34.22
C THR C 189 0.20 3.17 -33.29
N MET C 190 1.17 3.45 -32.42
CA MET C 190 1.04 4.57 -31.48
C MET C 190 1.45 5.90 -32.12
N VAL C 191 0.66 6.34 -33.10
CA VAL C 191 0.88 7.62 -33.75
C VAL C 191 -0.28 8.54 -33.40
N TRP C 192 0.02 9.63 -32.68
CA TRP C 192 -0.98 10.60 -32.28
C TRP C 192 -1.32 11.54 -33.43
N PRO C 193 -2.62 11.88 -33.59
CA PRO C 193 -3.07 12.72 -34.70
C PRO C 193 -2.41 14.11 -34.74
N ASN C 194 -2.12 14.68 -33.57
CA ASN C 194 -1.53 16.01 -33.49
C ASN C 194 -0.20 16.05 -32.74
N GLY C 195 0.54 14.95 -32.80
CA GLY C 195 1.87 14.86 -32.19
C GLY C 195 1.91 15.07 -30.69
N GLN C 196 0.82 14.68 -30.01
CA GLN C 196 0.69 14.81 -28.56
C GLN C 196 1.87 14.18 -27.82
N TRP C 197 2.28 13.01 -28.30
CA TRP C 197 3.51 12.35 -27.87
C TRP C 197 4.35 12.08 -29.13
N PRO C 198 5.67 11.84 -28.96
CA PRO C 198 6.47 11.44 -30.11
C PRO C 198 5.98 10.14 -30.73
N ALA C 199 6.14 10.00 -32.04
CA ALA C 199 5.65 8.85 -32.79
C ALA C 199 6.17 7.53 -32.21
N GLY C 200 5.24 6.64 -31.89
CA GLY C 200 5.56 5.34 -31.31
C GLY C 200 5.51 5.32 -29.80
N ARG C 201 5.23 6.46 -29.19
CA ARG C 201 5.21 6.58 -27.73
C ARG C 201 3.86 7.11 -27.22
N PRO C 202 3.47 6.72 -25.99
CA PRO C 202 4.17 5.80 -25.09
C PRO C 202 3.98 4.34 -25.49
N SER C 203 5.02 3.53 -25.30
CA SER C 203 5.00 2.12 -25.65
C SER C 203 6.16 1.36 -25.00
N HIS C 204 6.04 0.04 -24.96
CA HIS C 204 7.12 -0.81 -24.46
C HIS C 204 8.26 -0.92 -25.47
N ALA C 205 7.96 -0.61 -26.73
CA ALA C 205 8.93 -0.67 -27.82
C ALA C 205 9.96 0.46 -27.75
N LEU C 206 9.59 1.59 -27.14
CA LEU C 206 10.50 2.73 -27.03
C LEU C 206 10.61 3.30 -25.62
N ASP C 207 10.49 2.43 -24.61
CA ASP C 207 10.53 2.87 -23.21
C ASP C 207 11.94 3.26 -22.77
N TYR C 208 12.94 2.53 -23.26
CA TYR C 208 14.34 2.83 -22.95
C TYR C 208 14.81 4.11 -23.65
N THR C 209 14.40 4.28 -24.90
CA THR C 209 14.71 5.48 -25.67
C THR C 209 14.15 6.72 -24.96
N ALA C 210 12.90 6.63 -24.50
CA ALA C 210 12.27 7.70 -23.73
C ALA C 210 13.09 8.05 -22.49
N ASN C 211 13.53 7.01 -21.78
CA ASN C 211 14.38 7.14 -20.60
C ASN C 211 15.64 7.94 -20.89
N ILE C 212 16.39 7.51 -21.90
CA ILE C 212 17.66 8.14 -22.26
C ILE C 212 17.50 9.46 -23.03
N GLU C 213 16.28 9.74 -23.49
CA GLU C 213 15.98 11.03 -24.12
C GLU C 213 15.39 12.05 -23.14
N THR C 214 15.22 11.64 -21.89
CA THR C 214 14.84 12.57 -20.82
C THR C 214 16.09 13.32 -20.39
N THR C 215 16.02 14.65 -20.41
CA THR C 215 17.18 15.49 -20.14
C THR C 215 17.76 15.29 -18.74
N VAL C 216 16.89 15.31 -17.72
CA VAL C 216 17.34 15.15 -16.33
C VAL C 216 18.05 13.82 -16.09
N TRP C 217 17.56 12.75 -16.72
CA TRP C 217 18.20 11.44 -16.63
C TRP C 217 19.65 11.50 -17.11
N ALA C 218 19.86 12.17 -18.24
CA ALA C 218 21.20 12.30 -18.83
C ALA C 218 22.06 13.34 -18.10
N ALA C 219 21.41 14.38 -17.57
CA ALA C 219 22.10 15.53 -16.98
C ALA C 219 22.53 15.34 -15.52
N MET C 220 21.70 14.66 -14.73
CA MET C 220 21.92 14.54 -13.28
C MET C 220 23.19 13.74 -12.93
N PRO C 221 23.94 14.20 -11.90
CA PRO C 221 25.16 13.53 -11.46
C PRO C 221 24.91 12.20 -10.75
N GLN C 222 23.72 12.03 -10.16
CA GLN C 222 23.37 10.81 -9.44
C GLN C 222 22.99 9.69 -10.40
N ARG C 223 24.01 9.02 -10.94
CA ARG C 223 23.81 7.96 -11.93
C ARG C 223 23.06 6.76 -11.36
N GLU C 224 23.33 6.45 -10.10
CA GLU C 224 22.68 5.33 -9.42
C GLU C 224 21.20 5.57 -9.15
N VAL C 225 20.83 6.85 -8.96
CA VAL C 225 19.43 7.25 -8.86
C VAL C 225 18.77 7.17 -10.24
N ALA C 226 19.41 7.81 -11.22
CA ALA C 226 18.92 7.80 -12.61
C ALA C 226 18.75 6.39 -13.17
N GLU C 227 19.59 5.46 -12.72
CA GLU C 227 19.54 4.08 -13.19
C GLU C 227 18.35 3.31 -12.62
N GLY C 228 17.75 3.85 -11.57
CA GLY C 228 16.48 3.35 -11.04
C GLY C 228 15.36 3.55 -12.03
N CYS C 229 15.42 4.66 -12.76
CA CYS C 229 14.50 4.94 -13.86
C CYS C 229 14.68 3.96 -15.01
N THR C 230 15.93 3.57 -15.25
CA THR C 230 16.27 2.66 -16.33
C THR C 230 15.71 1.26 -16.10
N MET C 231 15.74 0.80 -14.84
CA MET C 231 15.25 -0.53 -14.48
C MET C 231 13.76 -0.71 -14.79
N CYS C 232 13.01 0.39 -14.77
CA CYS C 232 11.60 0.40 -15.17
C CYS C 232 11.45 0.58 -16.67
N HIS C 233 12.50 1.06 -17.32
CA HIS C 233 12.45 1.39 -18.75
C HIS C 233 13.38 0.47 -19.56
N THR C 234 13.17 -0.84 -19.48
CA THR C 234 14.06 -1.80 -20.17
C THR C 234 13.39 -2.71 -21.21
N ASN C 235 12.07 -2.61 -21.36
CA ASN C 235 11.31 -3.47 -22.27
C ASN C 235 11.77 -3.40 -23.73
N GLN C 236 12.27 -2.24 -24.13
CA GLN C 236 12.89 -2.07 -25.45
C GLN C 236 14.08 -3.02 -25.60
N ASN C 237 14.89 -3.10 -24.55
CA ASN C 237 16.15 -3.84 -24.58
C ASN C 237 16.03 -5.34 -24.28
N LYS C 238 15.21 -5.70 -23.30
CA LYS C 238 15.03 -7.12 -22.93
C LYS C 238 13.57 -7.52 -22.74
N CYS C 239 13.30 -8.81 -22.93
CA CYS C 239 11.93 -9.34 -22.93
C CYS C 239 11.55 -10.07 -21.64
N ASP C 240 12.31 -9.85 -20.58
CA ASP C 240 12.13 -10.63 -19.35
C ASP C 240 11.58 -9.83 -18.16
N ASN C 241 10.77 -8.82 -18.44
CA ASN C 241 10.22 -7.98 -17.37
C ASN C 241 8.82 -8.38 -16.90
N CYS C 242 8.02 -8.97 -17.79
CA CYS C 242 6.72 -9.54 -17.41
C CYS C 242 6.85 -11.03 -17.14
N HIS C 243 7.33 -11.78 -18.14
CA HIS C 243 7.75 -13.17 -17.93
C HIS C 243 9.25 -13.22 -17.72
N THR C 244 9.66 -13.44 -16.47
CA THR C 244 11.04 -13.27 -16.03
C THR C 244 11.95 -14.48 -16.28
N ARG C 245 13.26 -14.24 -16.22
CA ARG C 245 14.26 -15.30 -16.23
C ARG C 245 14.29 -16.01 -14.88
N HIS C 246 14.59 -17.30 -14.84
CA HIS C 246 14.87 -18.11 -16.03
C HIS C 246 13.77 -19.16 -16.29
N GLU C 247 12.59 -18.94 -15.73
CA GLU C 247 11.44 -19.80 -15.97
C GLU C 247 10.68 -19.39 -17.23
N PHE C 248 10.67 -18.08 -17.51
CA PHE C 248 9.92 -17.51 -18.64
C PHE C 248 8.50 -18.10 -18.73
N SER C 249 7.73 -17.89 -17.67
CA SER C 249 6.37 -18.41 -17.59
C SER C 249 5.35 -17.41 -18.10
N ALA C 250 4.52 -17.85 -19.05
CA ALA C 250 3.46 -17.01 -19.61
C ALA C 250 2.36 -16.75 -18.58
N ALA C 251 2.09 -17.74 -17.74
CA ALA C 251 1.12 -17.63 -16.65
C ALA C 251 1.51 -16.50 -15.69
N GLU C 252 2.80 -16.41 -15.41
CA GLU C 252 3.37 -15.37 -14.57
C GLU C 252 3.10 -13.98 -15.17
N SER C 253 3.38 -13.84 -16.45
CA SER C 253 3.20 -12.56 -17.16
C SER C 253 1.74 -12.15 -17.30
N ARG C 254 0.82 -13.10 -17.16
CA ARG C 254 -0.62 -12.85 -17.24
C ARG C 254 -1.19 -12.33 -15.92
N LYS C 255 -0.52 -12.66 -14.82
CA LYS C 255 -0.92 -12.19 -13.49
C LYS C 255 -0.64 -10.70 -13.34
N PRO C 256 -1.58 -9.95 -12.71
CA PRO C 256 -1.45 -8.51 -12.49
C PRO C 256 -0.13 -8.10 -11.84
N GLU C 257 0.40 -8.94 -10.96
CA GLU C 257 1.64 -8.68 -10.23
C GLU C 257 2.85 -8.41 -11.15
N ALA C 258 2.83 -8.99 -12.34
CA ALA C 258 3.94 -8.88 -13.29
C ALA C 258 4.16 -7.45 -13.83
N CYS C 259 3.14 -6.61 -13.73
CA CYS C 259 3.22 -5.22 -14.20
C CYS C 259 3.51 -4.25 -13.07
N ALA C 260 3.36 -4.73 -11.83
CA ALA C 260 3.34 -3.89 -10.64
C ALA C 260 4.62 -3.10 -10.35
N THR C 261 5.77 -3.72 -10.58
CA THR C 261 7.07 -3.11 -10.27
C THR C 261 7.27 -1.78 -11.01
N CYS C 262 6.81 -1.72 -12.26
CA CYS C 262 6.96 -0.53 -13.08
C CYS C 262 5.70 0.34 -13.08
N HIS C 263 4.54 -0.29 -13.22
CA HIS C 263 3.27 0.44 -13.29
C HIS C 263 2.68 0.73 -11.90
N SER C 264 3.46 1.42 -11.08
CA SER C 264 3.05 1.82 -9.74
C SER C 264 3.78 3.10 -9.34
N GLY C 265 3.26 3.76 -8.30
CA GLY C 265 3.92 4.94 -7.76
C GLY C 265 3.17 6.24 -7.93
N VAL C 266 3.83 7.34 -7.56
CA VAL C 266 3.20 8.67 -7.49
C VAL C 266 2.67 9.24 -8.80
N ASP C 267 3.26 8.85 -9.93
CA ASP C 267 2.87 9.41 -11.21
C ASP C 267 2.06 8.45 -12.11
N HIS C 268 1.83 7.24 -11.60
CA HIS C 268 1.00 6.24 -12.26
C HIS C 268 0.77 5.06 -11.32
N ASN C 269 -0.26 5.17 -10.48
CA ASN C 269 -0.54 4.14 -9.48
C ASN C 269 -1.49 3.05 -9.99
N ASN C 270 -1.17 2.50 -11.16
CA ASN C 270 -2.01 1.50 -11.82
C ASN C 270 -2.20 0.23 -10.99
N TRP C 271 -1.11 -0.24 -10.40
CA TRP C 271 -1.16 -1.39 -9.51
C TRP C 271 -2.03 -1.10 -8.28
N GLU C 272 -1.82 0.07 -7.69
CA GLU C 272 -2.55 0.49 -6.50
C GLU C 272 -4.04 0.69 -6.77
N ALA C 273 -4.36 1.29 -7.92
CA ALA C 273 -5.76 1.55 -8.29
C ALA C 273 -6.49 0.25 -8.65
N TYR C 274 -5.88 -0.55 -9.52
CA TYR C 274 -6.44 -1.81 -9.96
C TYR C 274 -6.74 -2.75 -8.78
N THR C 275 -5.71 -3.04 -7.99
CA THR C 275 -5.84 -3.97 -6.87
C THR C 275 -6.93 -3.55 -5.89
N MET C 276 -7.03 -2.25 -5.64
CA MET C 276 -8.02 -1.72 -4.70
C MET C 276 -9.44 -1.72 -5.24
N SER C 277 -9.59 -1.79 -6.56
CA SER C 277 -10.90 -1.84 -7.20
C SER C 277 -11.51 -3.24 -7.08
N LYS C 278 -12.81 -3.33 -7.37
CA LYS C 278 -13.50 -4.61 -7.41
C LYS C 278 -12.84 -5.60 -8.37
N HIS C 279 -12.48 -5.12 -9.56
CA HIS C 279 -11.80 -5.94 -10.56
C HIS C 279 -10.55 -6.60 -9.97
N GLY C 280 -9.70 -5.81 -9.33
CA GLY C 280 -8.44 -6.30 -8.75
C GLY C 280 -8.60 -7.12 -7.48
N LYS C 281 -9.53 -6.71 -6.61
CA LYS C 281 -9.82 -7.45 -5.39
C LYS C 281 -10.40 -8.83 -5.69
N LEU C 282 -11.26 -8.90 -6.71
CA LEU C 282 -11.78 -10.18 -7.22
C LEU C 282 -10.68 -11.04 -7.80
N ALA C 283 -9.72 -10.41 -8.47
CA ALA C 283 -8.57 -11.10 -9.04
C ALA C 283 -7.69 -11.73 -7.95
N GLU C 284 -7.54 -11.01 -6.83
CA GLU C 284 -6.82 -11.52 -5.67
C GLU C 284 -7.56 -12.67 -5.00
N MET C 285 -8.87 -12.55 -4.92
CA MET C 285 -9.73 -13.54 -4.27
C MET C 285 -9.89 -14.83 -5.08
N ASN C 286 -9.86 -14.69 -6.40
CA ASN C 286 -10.16 -15.80 -7.29
C ASN C 286 -8.97 -16.32 -8.12
N ARG C 287 -7.76 -15.91 -7.76
CA ARG C 287 -6.55 -16.34 -8.47
C ARG C 287 -6.31 -17.84 -8.40
N ASP C 288 -6.75 -18.46 -7.31
CA ASP C 288 -6.70 -19.92 -7.15
C ASP C 288 -7.71 -20.63 -8.02
N LYS C 289 -8.85 -19.99 -8.25
CA LYS C 289 -9.95 -20.57 -9.03
C LYS C 289 -9.75 -20.45 -10.55
N TRP C 290 -8.80 -19.63 -10.97
CA TRP C 290 -8.54 -19.43 -12.39
C TRP C 290 -7.33 -20.24 -12.88
N ASN C 291 -7.30 -20.50 -14.18
CA ASN C 291 -6.20 -21.23 -14.81
C ASN C 291 -5.32 -20.27 -15.61
N TRP C 292 -4.24 -19.81 -14.97
CA TRP C 292 -3.35 -18.80 -15.54
C TRP C 292 -2.52 -19.33 -16.71
N GLU C 293 -2.34 -20.66 -16.76
CA GLU C 293 -1.56 -21.31 -17.82
C GLU C 293 -2.26 -21.24 -19.18
N VAL C 294 -3.58 -21.16 -19.14
CA VAL C 294 -4.40 -20.94 -20.34
C VAL C 294 -4.13 -19.53 -20.88
N ARG C 295 -4.06 -19.41 -22.21
CA ARG C 295 -3.78 -18.11 -22.83
C ARG C 295 -4.96 -17.13 -22.77
N LEU C 296 -4.66 -15.87 -23.06
CA LEU C 296 -5.63 -14.77 -22.93
C LEU C 296 -6.90 -14.92 -23.78
N LYS C 297 -6.76 -15.52 -24.96
CA LYS C 297 -7.88 -15.79 -25.86
C LYS C 297 -8.95 -16.64 -25.17
N ASP C 298 -8.50 -17.63 -24.39
CA ASP C 298 -9.40 -18.58 -23.73
C ASP C 298 -9.48 -18.36 -22.21
N ALA C 299 -9.04 -17.19 -21.76
CA ALA C 299 -9.00 -16.85 -20.34
C ALA C 299 -10.38 -16.83 -19.69
N PHE C 300 -11.34 -16.21 -20.37
CA PHE C 300 -12.69 -16.07 -19.83
C PHE C 300 -13.57 -17.29 -20.05
N SER C 301 -13.09 -18.22 -20.88
CA SER C 301 -13.79 -19.48 -21.14
C SER C 301 -13.12 -20.66 -20.43
N LYS C 302 -12.00 -21.12 -20.97
CA LYS C 302 -11.27 -22.27 -20.43
C LYS C 302 -10.58 -21.95 -19.11
N GLY C 303 -10.05 -20.73 -19.01
CA GLY C 303 -9.36 -20.29 -17.80
C GLY C 303 -10.28 -20.11 -16.60
N GLY C 304 -11.56 -19.83 -16.88
CA GLY C 304 -12.56 -19.62 -15.83
C GLY C 304 -12.49 -18.25 -15.18
N GLN C 305 -11.78 -17.33 -15.82
CA GLN C 305 -11.56 -15.98 -15.29
C GLN C 305 -12.85 -15.16 -15.33
N ASN C 306 -13.22 -14.59 -14.18
CA ASN C 306 -14.45 -13.80 -14.08
C ASN C 306 -14.21 -12.33 -13.69
N ALA C 307 -12.95 -11.91 -13.71
CA ALA C 307 -12.57 -10.53 -13.46
C ALA C 307 -11.42 -10.14 -14.39
N PRO C 308 -11.38 -8.88 -14.84
CA PRO C 308 -10.34 -8.50 -15.79
C PRO C 308 -8.98 -8.29 -15.11
N THR C 309 -7.92 -8.52 -15.88
CA THR C 309 -6.55 -8.30 -15.42
C THR C 309 -5.86 -7.34 -16.37
N CYS C 310 -4.71 -6.81 -15.94
CA CYS C 310 -3.93 -5.86 -16.75
C CYS C 310 -3.77 -6.34 -18.19
N ALA C 311 -3.28 -7.58 -18.34
CA ALA C 311 -3.02 -8.17 -19.65
C ALA C 311 -4.29 -8.41 -20.45
N ALA C 312 -5.35 -8.86 -19.78
CA ALA C 312 -6.63 -9.13 -20.42
C ALA C 312 -7.25 -7.87 -21.03
N CYS C 313 -7.14 -6.76 -20.32
CA CYS C 313 -7.70 -5.49 -20.80
C CYS C 313 -6.80 -4.78 -21.82
N HIS C 314 -5.49 -4.78 -21.57
CA HIS C 314 -4.57 -3.96 -22.37
C HIS C 314 -3.97 -4.65 -23.59
N MET C 315 -3.96 -5.98 -23.61
CA MET C 315 -3.46 -6.73 -24.77
C MET C 315 -4.58 -7.13 -25.75
N GLU C 316 -5.82 -7.02 -25.30
CA GLU C 316 -6.98 -7.26 -26.13
C GLU C 316 -7.23 -6.07 -27.06
N TYR C 317 -7.49 -6.38 -28.34
CA TYR C 317 -7.88 -5.37 -29.32
C TYR C 317 -8.73 -6.00 -30.43
N GLU C 318 -9.97 -5.54 -30.53
CA GLU C 318 -10.95 -6.02 -31.52
C GLU C 318 -11.09 -7.55 -31.57
N GLY C 319 -10.98 -8.19 -30.41
CA GLY C 319 -11.13 -9.64 -30.30
C GLY C 319 -9.83 -10.42 -30.29
N GLU C 320 -8.75 -9.77 -30.75
CA GLU C 320 -7.43 -10.41 -30.85
C GLU C 320 -6.53 -10.00 -29.69
N TYR C 321 -5.60 -10.89 -29.33
CA TYR C 321 -4.60 -10.60 -28.31
C TYR C 321 -3.20 -10.57 -28.91
N THR C 322 -2.49 -9.45 -28.71
CA THR C 322 -1.11 -9.29 -29.18
C THR C 322 -0.23 -8.66 -28.09
N HIS C 323 1.08 -8.65 -28.30
CA HIS C 323 2.02 -7.98 -27.40
C HIS C 323 1.99 -6.45 -27.54
N ASN C 324 1.22 -5.96 -28.51
CA ASN C 324 0.99 -4.52 -28.69
C ASN C 324 -0.06 -4.00 -27.71
N ILE C 325 0.31 -2.97 -26.94
CA ILE C 325 -0.56 -2.41 -25.90
C ILE C 325 -0.94 -0.94 -26.12
N THR C 326 -0.82 -0.46 -27.35
CA THR C 326 -0.99 0.97 -27.66
C THR C 326 -2.30 1.33 -28.36
N ARG C 327 -2.88 0.38 -29.07
CA ARG C 327 -3.98 0.65 -30.01
C ARG C 327 -5.29 1.14 -29.37
N LYS C 328 -5.37 1.17 -28.05
CA LYS C 328 -6.57 1.66 -27.35
C LYS C 328 -6.30 2.89 -26.47
N THR C 329 -5.06 3.36 -26.46
CA THR C 329 -4.64 4.48 -25.64
C THR C 329 -5.26 5.80 -26.10
N ARG C 330 -5.84 6.55 -25.16
CA ARG C 330 -6.46 7.84 -25.46
C ARG C 330 -5.91 8.94 -24.56
N TRP C 331 -5.90 8.68 -23.25
CA TRP C 331 -5.44 9.65 -22.27
C TRP C 331 -3.93 9.61 -22.05
N ALA C 332 -3.36 8.40 -22.12
CA ALA C 332 -1.93 8.17 -21.90
C ALA C 332 -1.44 8.66 -20.52
N ASN C 333 -2.22 8.33 -19.49
CA ASN C 333 -1.86 8.55 -18.08
C ASN C 333 -1.80 10.01 -17.61
N TYR C 334 -1.08 10.85 -18.36
CA TYR C 334 -0.86 12.25 -18.00
C TYR C 334 -1.84 13.15 -18.75
N PRO C 335 -2.96 13.54 -18.09
CA PRO C 335 -4.04 14.26 -18.74
C PRO C 335 -3.70 15.72 -19.09
N PHE C 336 -2.59 16.21 -18.56
CA PHE C 336 -2.18 17.61 -18.72
C PHE C 336 -1.30 17.85 -19.94
N VAL C 337 -0.95 16.78 -20.64
CA VAL C 337 -0.12 16.86 -21.84
C VAL C 337 -0.89 17.59 -22.94
N PRO C 338 -0.31 18.66 -23.51
CA PRO C 338 -0.97 19.47 -24.53
C PRO C 338 -1.57 18.64 -25.66
N GLY C 339 -2.82 18.93 -26.01
CA GLY C 339 -3.51 18.24 -27.10
C GLY C 339 -4.31 17.01 -26.69
N ILE C 340 -3.95 16.41 -25.55
CA ILE C 340 -4.58 15.17 -25.08
C ILE C 340 -6.06 15.35 -24.74
N ALA C 341 -6.35 16.35 -23.90
CA ALA C 341 -7.72 16.65 -23.50
C ALA C 341 -8.56 17.17 -24.66
N GLU C 342 -7.93 17.95 -25.54
CA GLU C 342 -8.59 18.50 -26.73
C GLU C 342 -8.92 17.39 -27.73
N ASN C 343 -8.15 16.30 -27.69
CA ASN C 343 -8.29 15.19 -28.62
C ASN C 343 -9.36 14.16 -28.19
N ILE C 344 -9.78 14.23 -26.93
CA ILE C 344 -10.68 13.22 -26.35
C ILE C 344 -12.03 13.07 -27.06
N THR C 345 -12.40 14.08 -27.86
CA THR C 345 -13.67 14.09 -28.58
C THR C 345 -13.55 13.68 -30.05
N SER C 346 -12.33 13.57 -30.54
CA SER C 346 -12.05 13.23 -31.94
C SER C 346 -12.51 11.81 -32.32
N ASP C 347 -12.70 11.60 -33.62
CA ASP C 347 -13.07 10.28 -34.16
C ASP C 347 -12.02 9.23 -33.85
N TRP C 348 -10.75 9.66 -33.87
CA TRP C 348 -9.60 8.84 -33.50
C TRP C 348 -9.74 8.30 -32.07
N SER C 349 -10.13 9.18 -31.14
CA SER C 349 -10.37 8.79 -29.75
C SER C 349 -11.65 7.97 -29.59
N GLU C 350 -12.68 8.33 -30.35
CA GLU C 350 -13.97 7.64 -30.28
C GLU C 350 -13.89 6.20 -30.79
N ALA C 351 -13.09 5.97 -31.83
CA ALA C 351 -12.86 4.63 -32.36
C ALA C 351 -12.09 3.76 -31.35
N ARG C 352 -11.15 4.39 -30.64
CA ARG C 352 -10.41 3.73 -29.59
C ARG C 352 -11.26 3.50 -28.34
N LEU C 353 -12.26 4.36 -28.13
CA LEU C 353 -13.26 4.16 -27.08
C LEU C 353 -14.15 2.95 -27.40
N ASP C 354 -14.55 2.85 -28.67
CA ASP C 354 -15.34 1.72 -29.15
C ASP C 354 -14.61 0.39 -28.92
N SER C 355 -13.29 0.41 -29.11
CA SER C 355 -12.45 -0.76 -28.84
C SER C 355 -12.43 -1.13 -27.36
N TRP C 356 -12.45 -0.11 -26.50
CA TRP C 356 -12.53 -0.32 -25.05
C TRP C 356 -13.88 -0.89 -24.65
N VAL C 357 -14.96 -0.35 -25.21
CA VAL C 357 -16.31 -0.83 -24.97
C VAL C 357 -16.41 -2.31 -25.36
N LEU C 358 -15.79 -2.66 -26.49
CA LEU C 358 -15.72 -4.04 -26.96
C LEU C 358 -15.08 -4.96 -25.89
N THR C 359 -14.04 -4.46 -25.24
CA THR C 359 -13.37 -5.18 -24.15
C THR C 359 -14.32 -5.35 -22.95
N CYS C 360 -14.98 -4.27 -22.57
CA CYS C 360 -15.87 -4.26 -21.41
C CYS C 360 -17.10 -5.13 -21.62
N THR C 361 -17.64 -5.12 -22.84
CA THR C 361 -18.88 -5.84 -23.18
C THR C 361 -18.74 -7.37 -23.17
N GLN C 362 -17.52 -7.85 -22.95
CA GLN C 362 -17.28 -9.26 -22.70
C GLN C 362 -17.96 -9.69 -21.41
N CYS C 363 -18.09 -8.74 -20.48
CA CYS C 363 -18.79 -8.98 -19.22
C CYS C 363 -19.98 -8.03 -19.05
N HIS C 364 -19.71 -6.74 -18.95
CA HIS C 364 -20.75 -5.73 -18.75
C HIS C 364 -21.54 -5.46 -20.04
N SER C 365 -22.72 -4.85 -19.90
CA SER C 365 -23.49 -4.38 -21.06
C SER C 365 -22.83 -3.11 -21.62
N GLU C 366 -23.14 -2.80 -22.88
CA GLU C 366 -22.62 -1.58 -23.51
C GLU C 366 -23.10 -0.30 -22.81
N ARG C 367 -24.38 -0.29 -22.42
CA ARG C 367 -24.96 0.85 -21.71
C ARG C 367 -24.21 1.12 -20.40
N PHE C 368 -23.88 0.05 -19.68
CA PHE C 368 -23.12 0.15 -18.43
C PHE C 368 -21.68 0.61 -18.71
N ALA C 369 -21.05 0.00 -19.70
CA ALA C 369 -19.66 0.30 -20.06
C ALA C 369 -19.48 1.75 -20.50
N ARG C 370 -20.36 2.21 -21.40
CA ARG C 370 -20.32 3.58 -21.90
C ARG C 370 -20.69 4.59 -20.82
N SER C 371 -21.47 4.16 -19.84
CA SER C 371 -21.82 5.01 -18.70
C SER C 371 -20.62 5.33 -17.81
N TYR C 372 -19.84 4.30 -17.46
CA TYR C 372 -18.67 4.50 -16.61
C TYR C 372 -17.50 5.19 -17.31
N LEU C 373 -17.29 4.86 -18.59
CA LEU C 373 -16.21 5.47 -19.37
C LEU C 373 -16.49 6.96 -19.64
N ASP C 374 -17.78 7.32 -19.63
CA ASP C 374 -18.20 8.72 -19.68
C ASP C 374 -17.79 9.41 -18.38
N LEU C 375 -17.89 8.67 -17.26
CA LEU C 375 -17.51 9.17 -15.94
C LEU C 375 -15.99 9.33 -15.83
N MET C 376 -15.26 8.36 -16.39
CA MET C 376 -13.80 8.39 -16.42
C MET C 376 -13.26 9.62 -17.15
N ASP C 377 -13.83 9.91 -18.33
CA ASP C 377 -13.40 11.04 -19.16
C ASP C 377 -13.67 12.38 -18.50
N LYS C 378 -14.90 12.55 -18.01
CA LYS C 378 -15.33 13.81 -17.41
C LYS C 378 -14.65 14.08 -16.07
N GLY C 379 -14.54 13.04 -15.24
CA GLY C 379 -13.82 13.12 -13.97
C GLY C 379 -12.36 13.52 -14.19
N THR C 380 -11.74 12.96 -15.22
CA THR C 380 -10.38 13.29 -15.60
C THR C 380 -10.28 14.78 -15.95
N LEU C 381 -11.14 15.24 -16.85
CA LEU C 381 -11.22 16.65 -17.23
C LEU C 381 -11.54 17.56 -16.04
N GLU C 382 -12.33 17.04 -15.09
CA GLU C 382 -12.64 17.76 -13.86
C GLU C 382 -11.40 17.96 -13.00
N GLY C 383 -10.55 16.95 -12.97
CA GLY C 383 -9.26 17.02 -12.28
C GLY C 383 -8.32 18.00 -12.97
N LEU C 384 -8.25 17.90 -14.30
CA LEU C 384 -7.41 18.79 -15.11
C LEU C 384 -7.73 20.26 -14.89
N ALA C 385 -9.03 20.59 -14.87
CA ALA C 385 -9.50 21.97 -14.65
C ALA C 385 -9.06 22.51 -13.30
N LYS C 386 -9.09 21.65 -12.27
CA LYS C 386 -8.65 21.99 -10.92
C LYS C 386 -7.16 22.35 -10.91
N TYR C 387 -6.37 21.58 -11.63
CA TYR C 387 -4.94 21.87 -11.79
C TYR C 387 -4.70 23.13 -12.61
N GLN C 388 -5.45 23.27 -13.71
CA GLN C 388 -5.27 24.40 -14.63
C GLN C 388 -5.52 25.76 -13.97
N GLU C 389 -6.49 25.79 -13.04
CA GLU C 389 -6.78 26.99 -12.26
C GLU C 389 -5.65 27.29 -11.27
N ALA C 390 -5.08 26.24 -10.68
CA ALA C 390 -3.98 26.38 -9.73
C ALA C 390 -2.67 26.70 -10.43
N ASN C 391 -2.51 26.18 -11.65
CA ASN C 391 -1.33 26.46 -12.48
C ASN C 391 -1.30 27.90 -12.95
N ALA C 392 -2.48 28.44 -13.27
CA ALA C 392 -2.63 29.83 -13.69
C ALA C 392 -2.11 30.82 -12.65
N ILE C 393 -2.23 30.46 -11.38
CA ILE C 393 -1.77 31.27 -10.25
C ILE C 393 -0.25 31.27 -10.14
N VAL C 394 0.34 30.08 -10.11
CA VAL C 394 1.79 29.91 -9.95
C VAL C 394 2.55 30.38 -11.20
N HIS C 395 1.97 30.12 -12.37
CA HIS C 395 2.55 30.57 -13.64
C HIS C 395 2.53 32.09 -13.78
N LYS C 396 1.54 32.74 -13.16
CA LYS C 396 1.46 34.19 -13.14
C LYS C 396 2.58 34.77 -12.27
N MET C 397 2.91 34.06 -11.19
CA MET C 397 4.01 34.46 -10.32
C MET C 397 5.36 34.31 -11.00
N TYR C 398 5.49 33.28 -11.85
CA TYR C 398 6.69 33.06 -12.63
C TYR C 398 6.93 34.18 -13.64
N GLU C 399 5.85 34.61 -14.32
CA GLU C 399 5.93 35.68 -15.31
C GLU C 399 6.20 37.04 -14.66
N ASP C 400 5.65 37.24 -13.46
CA ASP C 400 5.91 38.46 -12.69
C ASP C 400 7.30 38.43 -12.05
N GLY C 401 7.86 37.23 -11.91
CA GLY C 401 9.19 37.05 -11.31
C GLY C 401 9.17 37.09 -9.79
N THR C 402 8.02 36.71 -9.21
CA THR C 402 7.81 36.86 -7.77
C THR C 402 8.00 35.57 -6.96
N LEU C 403 8.25 34.45 -7.64
CA LEU C 403 8.52 33.19 -6.96
C LEU C 403 9.74 33.31 -6.06
N THR C 404 9.68 32.66 -4.90
CA THR C 404 10.75 32.72 -3.90
C THR C 404 12.11 32.39 -4.51
N GLY C 405 13.01 33.37 -4.44
CA GLY C 405 14.38 33.22 -4.95
C GLY C 405 14.51 33.11 -6.46
N GLN C 406 13.53 33.64 -7.19
CA GLN C 406 13.53 33.54 -8.66
C GLN C 406 14.62 34.39 -9.32
N LYS C 407 15.05 35.45 -8.64
CA LYS C 407 16.08 36.35 -9.18
C LYS C 407 17.31 36.44 -8.27
N THR C 408 17.29 35.72 -7.15
CA THR C 408 18.36 35.80 -6.15
C THR C 408 19.06 34.47 -5.90
N ASN C 409 18.35 33.37 -6.14
CA ASN C 409 18.86 32.02 -5.88
C ASN C 409 18.19 30.97 -6.76
N ARG C 410 18.29 31.14 -8.07
CA ARG C 410 17.73 30.19 -9.03
C ARG C 410 18.82 29.68 -9.97
N PRO C 411 19.66 28.74 -9.49
CA PRO C 411 20.78 28.25 -10.30
C PRO C 411 20.34 27.41 -11.49
N ASN C 412 21.11 27.48 -12.58
CA ASN C 412 20.80 26.76 -13.80
C ASN C 412 20.94 25.25 -13.63
N PRO C 413 20.02 24.48 -14.24
CA PRO C 413 20.08 23.01 -14.21
C PRO C 413 21.32 22.48 -14.94
N PRO C 414 21.75 21.24 -14.62
CA PRO C 414 22.91 20.65 -15.28
C PRO C 414 22.71 20.50 -16.80
N GLU C 415 23.78 20.73 -17.56
CA GLU C 415 23.78 20.57 -19.01
C GLU C 415 23.31 19.17 -19.43
N PRO C 416 22.57 19.07 -20.56
CA PRO C 416 22.21 20.14 -21.49
C PRO C 416 20.82 20.76 -21.25
N GLU C 417 20.35 20.74 -20.01
CA GLU C 417 19.02 21.27 -19.69
C GLU C 417 18.97 22.80 -19.71
N LYS C 418 17.85 23.33 -20.19
CA LYS C 418 17.59 24.77 -20.16
C LYS C 418 16.66 25.12 -18.99
N PRO C 419 16.93 26.24 -18.30
CA PRO C 419 16.08 26.68 -17.20
C PRO C 419 14.68 27.07 -17.66
N GLY C 420 13.67 26.66 -16.88
CA GLY C 420 12.27 26.96 -17.21
C GLY C 420 11.32 26.79 -16.04
N PHE C 421 10.03 26.94 -16.32
CA PHE C 421 8.99 26.83 -15.30
C PHE C 421 8.31 25.45 -15.32
N GLY C 422 8.22 24.83 -14.14
CA GLY C 422 7.53 23.56 -13.96
C GLY C 422 7.98 22.47 -14.93
N ILE C 423 9.29 22.33 -15.08
CA ILE C 423 9.87 21.31 -15.96
C ILE C 423 10.12 20.01 -15.20
N PHE C 424 10.13 18.90 -15.92
CA PHE C 424 10.30 17.57 -15.32
C PHE C 424 11.59 17.45 -14.51
N THR C 425 12.64 18.10 -15.01
CA THR C 425 13.97 18.11 -14.38
C THR C 425 13.92 18.48 -12.89
N GLN C 426 12.99 19.36 -12.53
CA GLN C 426 12.83 19.82 -11.16
C GLN C 426 12.33 18.75 -10.19
N LEU C 427 11.93 17.60 -10.73
CA LEU C 427 11.50 16.45 -9.92
C LEU C 427 12.65 15.53 -9.53
N PHE C 428 13.76 15.62 -10.27
CA PHE C 428 14.94 14.79 -10.02
C PHE C 428 16.22 15.60 -9.78
N TRP C 429 16.12 16.92 -9.95
CA TRP C 429 17.22 17.83 -9.65
C TRP C 429 16.71 19.09 -8.97
N SER C 430 17.38 19.47 -7.89
CA SER C 430 17.07 20.70 -7.18
C SER C 430 18.32 21.31 -6.56
N LYS C 431 18.43 22.63 -6.68
CA LYS C 431 19.52 23.40 -6.08
C LYS C 431 19.01 24.80 -5.81
N GLY C 432 19.38 25.34 -4.64
CA GLY C 432 18.87 26.63 -4.19
C GLY C 432 17.36 26.68 -4.28
N ASN C 433 16.84 27.76 -4.86
CA ASN C 433 15.40 27.90 -5.06
C ASN C 433 14.95 27.55 -6.48
N ASN C 434 15.68 26.65 -7.12
CA ASN C 434 15.26 26.05 -8.39
C ASN C 434 14.99 24.55 -8.19
N PRO C 435 13.71 24.15 -8.10
CA PRO C 435 12.52 25.00 -8.21
C PRO C 435 12.11 25.67 -6.90
N ALA C 436 11.14 26.57 -6.98
CA ALA C 436 10.46 27.10 -5.80
C ALA C 436 9.48 26.03 -5.29
N SER C 437 9.03 26.18 -4.05
CA SER C 437 8.08 25.24 -3.45
C SER C 437 6.75 25.20 -4.21
N LEU C 438 6.18 26.37 -4.48
CA LEU C 438 4.92 26.48 -5.26
C LEU C 438 5.06 25.89 -6.65
N GLU C 439 6.25 26.00 -7.22
CA GLU C 439 6.55 25.49 -8.55
C GLU C 439 6.54 23.96 -8.55
N LEU C 440 7.20 23.38 -7.54
CA LEU C 440 7.22 21.92 -7.36
C LEU C 440 5.83 21.40 -7.02
N LYS C 441 5.10 22.15 -6.19
CA LYS C 441 3.77 21.75 -5.74
C LYS C 441 2.78 21.63 -6.89
N VAL C 442 2.76 22.62 -7.78
CA VAL C 442 1.85 22.62 -8.93
C VAL C 442 2.33 21.64 -10.00
N LEU C 443 3.64 21.41 -10.06
CA LEU C 443 4.22 20.38 -10.92
C LEU C 443 3.75 19.01 -10.46
N GLU C 444 3.87 18.75 -9.16
CA GLU C 444 3.41 17.49 -8.56
C GLU C 444 1.89 17.36 -8.59
N MET C 445 1.18 18.48 -8.62
CA MET C 445 -0.29 18.47 -8.74
C MET C 445 -0.71 17.78 -10.03
N ALA C 446 -0.03 18.13 -11.13
CA ALA C 446 -0.29 17.54 -12.43
C ALA C 446 0.38 16.19 -12.59
N GLU C 447 1.70 16.16 -12.41
CA GLU C 447 2.53 14.99 -12.67
C GLU C 447 2.16 13.79 -11.78
N ASN C 448 1.79 14.07 -10.54
CA ASN C 448 1.48 13.02 -9.58
C ASN C 448 -0.01 12.85 -9.33
N ASN C 449 -0.63 13.90 -8.78
CA ASN C 449 -1.99 13.82 -8.27
C ASN C 449 -3.09 13.81 -9.34
N LEU C 450 -2.88 14.54 -10.44
CA LEU C 450 -3.80 14.51 -11.56
C LEU C 450 -3.67 13.16 -12.30
N ALA C 451 -2.43 12.72 -12.47
CA ALA C 451 -2.16 11.42 -13.09
C ALA C 451 -2.83 10.29 -12.32
N LYS C 452 -2.63 10.26 -11.00
CA LYS C 452 -3.21 9.23 -10.14
C LYS C 452 -4.74 9.29 -10.11
N MET C 453 -5.29 10.50 -10.21
CA MET C 453 -6.74 10.66 -10.31
C MET C 453 -7.30 9.94 -11.51
N HIS C 454 -6.69 10.17 -12.67
CA HIS C 454 -7.10 9.51 -13.91
C HIS C 454 -6.90 8.01 -13.86
N VAL C 455 -5.76 7.58 -13.30
CA VAL C 455 -5.48 6.15 -13.13
C VAL C 455 -6.55 5.50 -12.26
N GLY C 456 -6.93 6.18 -11.18
CA GLY C 456 -8.02 5.74 -10.32
C GLY C 456 -9.34 5.63 -11.06
N LEU C 457 -9.62 6.62 -11.91
CA LEU C 457 -10.83 6.63 -12.74
C LEU C 457 -10.81 5.54 -13.80
N ALA C 458 -9.67 5.38 -14.47
CA ALA C 458 -9.51 4.38 -15.53
C ALA C 458 -9.61 2.95 -15.01
N HIS C 459 -9.26 2.76 -13.74
CA HIS C 459 -9.16 1.43 -13.17
C HIS C 459 -10.15 1.18 -12.04
N VAL C 460 -11.21 1.99 -12.03
CA VAL C 460 -12.41 1.79 -11.21
C VAL C 460 -12.16 1.72 -9.69
N ASN C 461 -11.27 2.56 -9.20
CA ASN C 461 -11.08 2.69 -7.76
C ASN C 461 -11.63 4.01 -7.21
N PRO C 462 -12.85 3.97 -6.63
CA PRO C 462 -13.55 5.17 -6.15
C PRO C 462 -12.69 6.08 -5.27
N GLY C 463 -12.04 5.49 -4.26
CA GLY C 463 -11.15 6.23 -3.37
C GLY C 463 -9.89 6.75 -4.05
N GLY C 464 -9.55 6.17 -5.20
CA GLY C 464 -8.39 6.57 -5.98
C GLY C 464 -8.57 7.84 -6.80
N TRP C 465 -9.78 8.38 -6.80
CA TRP C 465 -10.01 9.68 -7.45
C TRP C 465 -10.75 10.69 -6.59
N THR C 466 -11.12 10.29 -5.38
CA THR C 466 -11.89 11.14 -4.46
C THR C 466 -11.14 11.50 -3.19
N TYR C 467 -11.16 10.62 -2.19
CA TYR C 467 -10.56 10.90 -0.87
C TYR C 467 -9.05 10.77 -0.83
N THR C 468 -8.54 9.62 -1.24
CA THR C 468 -7.15 9.23 -0.98
C THR C 468 -6.17 9.69 -2.05
N GLU C 469 -6.49 9.42 -3.31
CA GLU C 469 -5.72 9.92 -4.44
C GLU C 469 -6.62 10.77 -5.33
N GLY C 470 -6.02 11.72 -6.04
CA GLY C 470 -6.78 12.57 -6.95
C GLY C 470 -7.36 13.81 -6.30
N TRP C 471 -8.69 13.83 -6.17
CA TRP C 471 -9.40 15.03 -5.71
C TRP C 471 -8.92 15.55 -4.36
N GLY C 472 -8.77 14.64 -3.40
CA GLY C 472 -8.30 14.97 -2.06
C GLY C 472 -6.96 15.68 -2.02
N PRO C 473 -5.91 15.06 -2.58
CA PRO C 473 -4.59 15.70 -2.66
C PRO C 473 -4.55 16.95 -3.53
N MET C 474 -5.32 16.98 -4.61
CA MET C 474 -5.39 18.16 -5.48
C MET C 474 -6.11 19.33 -4.81
N ASN C 475 -7.10 19.00 -3.96
CA ASN C 475 -7.79 19.97 -3.12
C ASN C 475 -6.78 20.65 -2.20
N ARG C 476 -5.97 19.83 -1.51
CA ARG C 476 -4.92 20.31 -0.62
C ARG C 476 -3.91 21.19 -1.35
N ALA C 477 -3.48 20.75 -2.52
CA ALA C 477 -2.52 21.50 -3.35
C ALA C 477 -3.08 22.86 -3.76
N TYR C 478 -4.32 22.87 -4.22
CA TYR C 478 -5.01 24.10 -4.62
C TYR C 478 -5.09 25.08 -3.45
N VAL C 479 -5.50 24.58 -2.29
CA VAL C 479 -5.65 25.38 -1.06
C VAL C 479 -4.31 25.99 -0.65
N GLU C 480 -3.26 25.16 -0.61
CA GLU C 480 -1.92 25.59 -0.21
C GLU C 480 -1.29 26.54 -1.23
N ILE C 481 -1.60 26.35 -2.51
CA ILE C 481 -1.21 27.28 -3.56
C ILE C 481 -1.87 28.64 -3.32
N GLN C 482 -3.19 28.62 -3.15
CA GLN C 482 -3.97 29.84 -2.91
C GLN C 482 -3.55 30.55 -1.63
N ASP C 483 -3.26 29.76 -0.59
CA ASP C 483 -2.84 30.27 0.70
C ASP C 483 -1.50 30.99 0.62
N GLU C 484 -0.54 30.39 -0.08
CA GLU C 484 0.80 30.97 -0.22
C GLU C 484 0.76 32.23 -1.09
N TYR C 485 -0.03 32.19 -2.16
CA TYR C 485 -0.21 33.33 -3.06
C TYR C 485 -0.73 34.56 -2.30
N THR C 486 -1.78 34.35 -1.51
CA THR C 486 -2.36 35.41 -0.68
C THR C 486 -1.37 35.92 0.36
N LYS C 487 -0.62 35.00 0.97
CA LYS C 487 0.43 35.33 1.93
C LYS C 487 1.55 36.15 1.29
N MET C 488 1.97 35.75 0.08
CA MET C 488 3.06 36.41 -0.63
C MET C 488 2.62 37.74 -1.27
N GLN C 489 1.31 37.94 -1.39
CA GLN C 489 0.75 39.22 -1.85
C GLN C 489 0.76 40.25 -0.73
N GLU C 490 0.28 39.84 0.45
CA GLU C 490 0.19 40.73 1.61
C GLU C 490 1.54 41.00 2.28
N LEU C 491 2.54 40.17 1.93
CA LEU C 491 3.93 40.41 2.33
C LEU C 491 4.58 41.40 1.36
N SER C 492 4.24 41.27 0.09
CA SER C 492 4.65 42.21 -0.95
C SER C 492 4.02 43.59 -0.70
N ALA C 493 2.77 43.58 -0.21
CA ALA C 493 2.07 44.80 0.17
C ALA C 493 2.72 45.45 1.39
N LEU C 494 3.21 44.63 2.31
CA LEU C 494 3.93 45.12 3.49
C LEU C 494 5.32 45.64 3.14
N GLN C 495 6.02 44.94 2.26
CA GLN C 495 7.36 45.34 1.80
C GLN C 495 7.31 46.67 1.07
N ALA C 496 6.24 46.89 0.30
CA ALA C 496 6.01 48.16 -0.40
C ALA C 496 5.79 49.30 0.59
N ARG C 497 5.07 49.03 1.68
CA ARG C 497 4.83 50.01 2.75
C ARG C 497 6.11 50.38 3.49
N VAL C 498 7.04 49.43 3.59
CA VAL C 498 8.36 49.69 4.18
C VAL C 498 9.22 50.51 3.21
N ASN C 499 9.08 50.21 1.92
CA ASN C 499 9.74 50.97 0.86
C ASN C 499 9.16 52.39 0.72
N LYS C 500 7.88 52.54 1.08
CA LYS C 500 7.19 53.82 1.06
C LYS C 500 7.65 54.72 2.21
N LEU C 501 8.40 54.14 3.16
CA LEU C 501 8.92 54.87 4.31
C LEU C 501 10.43 55.13 4.21
N GLU C 502 11.06 54.59 3.17
CA GLU C 502 12.49 54.76 2.94
C GLU C 502 12.77 55.68 1.76
N SER D 1 -1.63 19.15 -38.44
CA SER D 1 -0.77 20.01 -37.57
C SER D 1 -1.08 19.81 -36.08
N SER D 2 -0.99 20.88 -35.30
CA SER D 2 -1.19 20.81 -33.84
C SER D 2 -2.52 21.46 -33.41
N LEU D 3 -3.14 20.86 -32.40
CA LEU D 3 -4.45 21.31 -31.89
C LEU D 3 -4.38 22.61 -31.11
N ALA D 4 -5.40 23.46 -31.31
CA ALA D 4 -5.54 24.71 -30.58
C ALA D 4 -5.95 24.43 -29.13
N PRO D 5 -5.37 25.18 -28.17
CA PRO D 5 -5.59 24.92 -26.74
C PRO D 5 -7.01 25.24 -26.30
N ILE D 6 -7.62 24.29 -25.59
CA ILE D 6 -8.95 24.45 -25.00
C ILE D 6 -8.91 23.96 -23.56
N SER D 7 -9.35 24.82 -22.63
CA SER D 7 -9.35 24.49 -21.21
C SER D 7 -10.31 23.34 -20.89
N ALA D 8 -10.03 22.63 -19.81
CA ALA D 8 -10.82 21.47 -19.39
C ALA D 8 -12.28 21.81 -19.08
N LYS D 9 -12.50 22.97 -18.48
CA LYS D 9 -13.86 23.44 -18.17
C LYS D 9 -14.68 23.63 -19.45
N ASP D 10 -14.04 24.19 -20.47
CA ASP D 10 -14.67 24.38 -21.77
C ASP D 10 -14.89 23.05 -22.47
N MET D 11 -14.02 22.08 -22.22
CA MET D 11 -14.20 20.71 -22.70
C MET D 11 -15.38 20.03 -22.02
N LEU D 12 -15.49 20.23 -20.70
CA LEU D 12 -16.63 19.68 -19.92
C LEU D 12 -17.96 20.27 -20.39
N ASP D 13 -18.02 21.60 -20.48
CA ASP D 13 -19.23 22.29 -20.89
C ASP D 13 -19.67 21.91 -22.30
N TYR D 14 -18.69 21.68 -23.17
CA TYR D 14 -18.95 21.21 -24.53
C TYR D 14 -19.57 19.82 -24.53
N LEU D 15 -18.99 18.90 -23.74
CA LEU D 15 -19.50 17.54 -23.62
C LEU D 15 -20.86 17.48 -22.93
N ALA D 16 -21.09 18.39 -21.99
CA ALA D 16 -22.38 18.49 -21.29
C ALA D 16 -23.51 18.85 -22.24
N CYS D 17 -23.15 19.51 -23.33
CA CYS D 17 -24.11 19.99 -24.32
C CYS D 17 -24.34 19.02 -25.48
N LYS D 18 -23.84 17.79 -25.34
CA LYS D 18 -24.09 16.75 -26.34
C LYS D 18 -25.53 16.25 -26.27
N ASP D 19 -26.13 16.10 -27.44
CA ASP D 19 -27.56 15.75 -27.60
C ASP D 19 -28.50 16.84 -27.04
N LYS D 20 -28.01 18.08 -27.01
CA LYS D 20 -28.81 19.21 -26.51
C LYS D 20 -28.87 20.38 -27.49
N LYS D 21 -29.95 21.14 -27.42
CA LYS D 21 -30.18 22.31 -28.27
C LYS D 21 -29.26 23.48 -27.85
N PRO D 22 -28.97 24.40 -28.78
CA PRO D 22 -28.14 25.57 -28.45
C PRO D 22 -28.75 26.51 -27.40
N THR D 23 -30.06 26.44 -27.19
CA THR D 23 -30.73 27.27 -26.18
C THR D 23 -30.79 26.61 -24.80
N ASP D 24 -30.51 25.32 -24.74
CA ASP D 24 -30.47 24.59 -23.48
C ASP D 24 -29.35 25.14 -22.59
N VAL D 25 -29.68 25.31 -21.31
CA VAL D 25 -28.72 25.81 -20.33
C VAL D 25 -28.31 24.66 -19.41
N VAL D 26 -27.00 24.43 -19.33
CA VAL D 26 -26.46 23.37 -18.48
C VAL D 26 -25.64 23.96 -17.34
N LYS D 27 -25.49 23.18 -16.27
CA LYS D 27 -24.60 23.56 -15.17
C LYS D 27 -23.15 23.25 -15.54
N SER D 28 -22.25 24.09 -15.03
CA SER D 28 -20.82 23.85 -15.13
C SER D 28 -20.45 22.58 -14.36
N HIS D 29 -19.37 21.94 -14.77
CA HIS D 29 -18.88 20.78 -14.06
C HIS D 29 -17.74 21.13 -13.11
N THR D 30 -17.30 22.39 -13.15
CA THR D 30 -16.10 22.81 -12.43
C THR D 30 -16.19 24.17 -11.72
N GLU D 31 -17.07 25.04 -12.22
CA GLU D 31 -17.09 26.45 -11.78
C GLU D 31 -18.20 26.78 -10.80
N VAL D 32 -17.83 27.50 -9.74
CA VAL D 32 -18.76 27.99 -8.73
C VAL D 32 -18.49 29.48 -8.48
N GLU D 33 -19.52 30.30 -8.67
CA GLU D 33 -19.42 31.74 -8.39
C GLU D 33 -20.61 32.20 -7.55
N ASN D 34 -20.33 33.07 -6.58
CA ASN D 34 -21.36 33.64 -5.68
C ASN D 34 -22.26 32.58 -5.01
N GLY D 35 -21.65 31.49 -4.56
CA GLY D 35 -22.35 30.42 -3.86
C GLY D 35 -23.23 29.54 -4.73
N LYS D 36 -23.07 29.64 -6.05
CA LYS D 36 -23.85 28.85 -7.00
C LYS D 36 -22.99 28.31 -8.13
N ILE D 37 -23.36 27.15 -8.65
CA ILE D 37 -22.73 26.59 -9.86
C ILE D 37 -23.08 27.47 -11.06
N VAL D 38 -22.05 27.86 -11.81
CA VAL D 38 -22.21 28.71 -12.99
C VAL D 38 -23.01 27.96 -14.07
N ARG D 39 -24.01 28.64 -14.62
CA ARG D 39 -24.81 28.07 -15.71
C ARG D 39 -24.22 28.49 -17.04
N VAL D 40 -24.21 27.58 -18.01
CA VAL D 40 -23.66 27.84 -19.33
C VAL D 40 -24.71 27.57 -20.42
N LYS D 41 -24.87 28.54 -21.32
CA LYS D 41 -25.70 28.36 -22.51
C LYS D 41 -24.93 27.52 -23.52
N CYS D 42 -25.56 26.44 -23.98
CA CYS D 42 -24.94 25.50 -24.91
C CYS D 42 -24.48 26.12 -26.22
N GLY D 43 -25.23 27.09 -26.72
CA GLY D 43 -24.86 27.81 -27.95
C GLY D 43 -23.53 28.51 -27.86
N ASP D 44 -23.23 29.08 -26.69
CA ASP D 44 -21.97 29.81 -26.46
C ASP D 44 -20.75 28.91 -26.43
N ILE D 45 -20.87 27.76 -25.75
CA ILE D 45 -19.74 26.83 -25.62
C ILE D 45 -19.43 26.09 -26.93
N VAL D 46 -20.46 25.76 -27.69
CA VAL D 46 -20.31 25.14 -29.01
C VAL D 46 -19.65 26.15 -29.97
N ALA D 47 -20.01 27.42 -29.85
CA ALA D 47 -19.40 28.49 -30.62
C ALA D 47 -17.95 28.74 -30.21
N LEU D 48 -17.68 28.60 -28.91
CA LEU D 48 -16.34 28.77 -28.33
C LEU D 48 -15.38 27.69 -28.84
N VAL D 49 -15.88 26.46 -28.93
CA VAL D 49 -15.09 25.32 -29.39
C VAL D 49 -14.89 25.36 -30.92
N GLN D 50 -15.97 25.61 -31.66
CA GLN D 50 -15.92 25.74 -33.11
C GLN D 50 -15.00 26.87 -33.59
N LYS D 51 -14.83 27.90 -32.77
CA LYS D 51 -13.91 28.99 -33.07
C LYS D 51 -12.46 28.54 -32.91
N ALA D 52 -12.19 27.79 -31.85
CA ALA D 52 -10.85 27.25 -31.58
C ALA D 52 -10.45 26.14 -32.57
N ARG D 53 -11.41 25.27 -32.89
CA ARG D 53 -11.20 24.20 -33.88
C ARG D 53 -10.80 24.76 -35.24
N GLU D 54 -11.13 26.03 -35.47
CA GLU D 54 -10.81 26.72 -36.72
C GLU D 54 -9.61 27.64 -36.56
N GLN D 55 -9.12 27.78 -35.32
CA GLN D 55 -7.94 28.58 -35.01
C GLN D 55 -6.63 27.78 -35.14
N SER D 56 -6.72 26.60 -35.75
CA SER D 56 -5.56 25.74 -35.99
C SER D 56 -5.66 25.02 -37.34
N GLY D 57 -6.88 24.66 -37.73
CA GLY D 57 -7.12 23.98 -38.99
C GLY D 57 -8.46 24.34 -39.60
N ASP E 1 27.71 -29.61 21.95
CA ASP E 1 28.11 -28.47 21.08
C ASP E 1 27.03 -28.15 20.04
N ILE E 2 26.76 -26.86 19.88
CA ILE E 2 25.86 -26.37 18.83
C ILE E 2 26.72 -25.65 17.78
N SER E 3 26.94 -26.31 16.66
CA SER E 3 27.89 -25.85 15.64
C SER E 3 27.45 -24.59 14.90
N THR E 4 26.17 -24.24 15.03
CA THR E 4 25.61 -23.04 14.41
C THR E 4 25.85 -21.78 15.27
N VAL E 5 26.20 -22.00 16.53
CA VAL E 5 26.54 -20.93 17.47
C VAL E 5 28.04 -20.57 17.31
N PRO E 6 28.35 -19.27 17.16
CA PRO E 6 29.74 -18.83 16.99
C PRO E 6 30.57 -18.94 18.28
N ASP E 7 31.89 -18.93 18.11
CA ASP E 7 32.85 -19.07 19.22
C ASP E 7 32.71 -17.99 20.29
N GLU E 8 32.54 -16.74 19.84
CA GLU E 8 32.49 -15.58 20.73
C GLU E 8 31.32 -15.61 21.72
N THR E 9 30.26 -16.35 21.37
CA THR E 9 29.13 -16.55 22.27
C THR E 9 29.54 -17.44 23.45
N TYR E 10 30.21 -18.56 23.16
CA TYR E 10 30.74 -19.44 24.19
C TYR E 10 31.82 -18.75 25.03
N ASP E 11 32.63 -17.92 24.38
CA ASP E 11 33.66 -17.15 25.07
C ASP E 11 33.05 -16.16 26.06
N ALA E 12 32.00 -15.46 25.65
CA ALA E 12 31.27 -14.53 26.50
C ALA E 12 30.51 -15.26 27.61
N LEU E 13 30.15 -16.51 27.34
CA LEU E 13 29.49 -17.36 28.33
C LEU E 13 30.49 -18.11 29.21
N LYS E 14 31.79 -17.94 28.90
CA LYS E 14 32.88 -18.61 29.62
C LYS E 14 32.73 -20.12 29.63
N LEU E 15 32.42 -20.69 28.46
CA LEU E 15 32.17 -22.12 28.33
C LEU E 15 33.00 -22.76 27.22
N ASP E 16 33.30 -24.04 27.40
CA ASP E 16 33.97 -24.84 26.38
C ASP E 16 32.92 -25.47 25.47
N ARG E 17 33.11 -25.31 24.16
CA ARG E 17 32.19 -25.81 23.15
C ARG E 17 31.86 -27.30 23.30
N GLY E 18 32.90 -28.12 23.38
CA GLY E 18 32.74 -29.57 23.44
C GLY E 18 32.45 -30.14 24.81
N LYS E 19 32.65 -29.34 25.86
CA LYS E 19 32.48 -29.80 27.23
C LYS E 19 31.17 -29.40 27.87
N ALA E 20 30.66 -28.22 27.51
CA ALA E 20 29.42 -27.70 28.07
C ALA E 20 28.21 -28.56 27.72
N THR E 21 27.43 -28.91 28.73
CA THR E 21 26.20 -29.66 28.53
C THR E 21 25.07 -28.72 28.05
N PRO E 22 24.01 -29.29 27.44
CA PRO E 22 22.83 -28.49 27.09
C PRO E 22 22.25 -27.70 28.28
N LYS E 23 22.34 -28.28 29.48
CA LYS E 23 21.87 -27.62 30.70
C LYS E 23 22.74 -26.40 31.05
N GLU E 24 24.06 -26.57 30.91
CA GLU E 24 25.02 -25.51 31.23
C GLU E 24 24.94 -24.33 30.26
N THR E 25 24.82 -24.64 28.97
CA THR E 25 24.72 -23.62 27.93
C THR E 25 23.44 -22.80 28.08
N TYR E 26 22.34 -23.50 28.39
CA TYR E 26 21.04 -22.85 28.62
C TYR E 26 21.08 -21.90 29.82
N GLU E 27 21.60 -22.40 30.94
CA GLU E 27 21.64 -21.63 32.19
C GLU E 27 22.51 -20.39 32.09
N ALA E 28 23.63 -20.51 31.37
CA ALA E 28 24.52 -19.39 31.12
C ALA E 28 23.86 -18.35 30.19
N LEU E 29 23.11 -18.85 29.21
CA LEU E 29 22.30 -18.00 28.33
C LEU E 29 21.27 -17.21 29.13
N VAL E 30 20.49 -17.91 29.94
CA VAL E 30 19.46 -17.32 30.80
C VAL E 30 20.05 -16.33 31.81
N LYS E 31 21.23 -16.66 32.34
CA LYS E 31 21.95 -15.80 33.28
C LYS E 31 22.20 -14.41 32.67
N ARG E 32 22.62 -14.38 31.42
CA ARG E 32 22.80 -13.14 30.68
C ARG E 32 21.46 -12.54 30.24
N TYR E 33 20.54 -13.41 29.83
CA TYR E 33 19.23 -13.01 29.31
C TYR E 33 18.36 -12.30 30.34
N LYS E 34 18.40 -12.78 31.59
CA LYS E 34 17.56 -12.24 32.65
C LYS E 34 18.25 -11.16 33.50
N ASP E 35 19.44 -10.75 33.08
CA ASP E 35 20.23 -9.77 33.82
C ASP E 35 19.90 -8.34 33.39
N PRO E 36 19.49 -7.48 34.35
CA PRO E 36 19.21 -6.06 34.09
C PRO E 36 20.34 -5.32 33.40
N ALA E 37 21.58 -5.64 33.77
CA ALA E 37 22.77 -5.04 33.16
C ALA E 37 22.93 -5.38 31.68
N HIS E 38 22.39 -6.53 31.28
CA HIS E 38 22.48 -6.98 29.89
C HIS E 38 21.24 -6.68 29.06
N GLY E 39 20.30 -5.94 29.63
CA GLY E 39 19.14 -5.45 28.89
C GLY E 39 17.76 -5.79 29.43
N ALA E 40 17.70 -6.73 30.37
CA ALA E 40 16.42 -7.17 30.95
C ALA E 40 15.82 -6.16 31.92
N GLY E 41 14.53 -6.34 32.23
CA GLY E 41 13.83 -5.47 33.18
C GLY E 41 13.30 -4.19 32.57
N LYS E 42 13.17 -3.16 33.42
CA LYS E 42 12.60 -1.88 33.00
C LYS E 42 13.64 -0.90 32.41
N GLY E 43 14.92 -1.24 32.53
CA GLY E 43 15.99 -0.44 31.94
C GLY E 43 16.39 0.76 32.78
N THR E 44 17.20 1.65 32.18
CA THR E 44 17.77 2.80 32.90
C THR E 44 16.77 3.91 33.21
N MET E 45 15.67 3.96 32.46
CA MET E 45 14.64 4.98 32.66
C MET E 45 13.33 4.38 33.16
N GLY E 46 13.43 3.31 33.96
CA GLY E 46 12.27 2.60 34.50
C GLY E 46 11.39 3.41 35.44
N ASP E 47 11.98 4.43 36.07
CA ASP E 47 11.27 5.27 37.05
C ASP E 47 10.44 6.39 36.41
N TYR E 48 10.38 6.38 35.07
CA TYR E 48 9.67 7.43 34.32
C TYR E 48 8.39 6.90 33.69
N TRP E 49 8.28 5.59 33.57
CA TRP E 49 7.11 4.96 32.98
C TRP E 49 6.60 3.79 33.82
N GLU E 50 5.30 3.55 33.74
CA GLU E 50 4.67 2.41 34.42
C GLU E 50 4.04 1.48 33.39
N PRO E 51 3.90 0.19 33.73
CA PRO E 51 3.22 -0.74 32.82
C PRO E 51 1.75 -0.38 32.63
N ILE E 52 1.23 -0.71 31.46
CA ILE E 52 -0.22 -0.70 31.24
C ILE E 52 -0.69 -2.14 31.26
N ALA E 53 -1.99 -2.37 31.01
CA ALA E 53 -2.56 -3.71 31.08
C ALA E 53 -1.87 -4.72 30.14
N ILE E 54 -1.62 -4.29 28.90
CA ILE E 54 -1.04 -5.17 27.87
C ILE E 54 0.46 -5.44 28.07
N SER E 55 1.08 -4.67 28.97
CA SER E 55 2.51 -4.81 29.26
C SER E 55 2.89 -6.16 29.87
N ILE E 56 1.92 -6.83 30.51
CA ILE E 56 2.14 -8.15 31.11
C ILE E 56 2.37 -9.25 30.07
N TYR E 57 1.93 -8.99 28.84
CA TYR E 57 2.14 -9.91 27.72
C TYR E 57 3.35 -9.50 26.89
N MET E 58 3.62 -8.20 26.85
CA MET E 58 4.75 -7.66 26.10
C MET E 58 6.09 -7.91 26.79
N ASP E 59 6.09 -7.84 28.12
CA ASP E 59 7.28 -8.16 28.93
C ASP E 59 6.90 -8.97 30.18
N PRO E 60 6.64 -10.28 29.99
CA PRO E 60 6.16 -11.16 31.06
C PRO E 60 7.11 -11.33 32.25
N ASN E 61 8.40 -11.53 31.97
CA ASN E 61 9.40 -11.74 33.02
C ASN E 61 9.47 -10.59 34.04
N THR E 62 9.03 -9.42 33.63
CA THR E 62 9.01 -8.25 34.50
C THR E 62 7.62 -7.99 35.09
N PHE E 63 6.58 -8.18 34.30
CA PHE E 63 5.23 -7.69 34.65
C PHE E 63 4.16 -8.74 34.89
N TYR E 64 4.32 -9.93 34.31
CA TYR E 64 3.24 -10.92 34.35
C TYR E 64 3.04 -11.58 35.72
N LYS E 65 1.79 -11.54 36.16
CA LYS E 65 1.30 -12.37 37.25
C LYS E 65 -0.02 -12.98 36.82
N PRO E 66 -0.29 -14.25 37.21
CA PRO E 66 -1.47 -14.97 36.75
C PRO E 66 -2.78 -14.30 37.21
N PRO E 67 -3.89 -14.56 36.49
CA PRO E 67 -5.19 -13.96 36.86
C PRO E 67 -5.76 -14.51 38.16
N VAL E 68 -6.42 -13.64 38.92
CA VAL E 68 -7.03 -14.00 40.21
C VAL E 68 -8.16 -15.02 40.05
N SER E 69 -8.94 -14.87 38.98
CA SER E 69 -9.97 -15.85 38.63
C SER E 69 -9.72 -16.37 37.21
N PRO E 70 -10.01 -17.67 36.95
CA PRO E 70 -10.67 -18.62 37.85
C PRO E 70 -9.74 -19.26 38.88
N LYS E 71 -10.27 -19.50 40.07
CA LYS E 71 -9.57 -20.22 41.12
C LYS E 71 -9.71 -21.72 40.86
N GLU E 72 -8.82 -22.25 40.03
CA GLU E 72 -8.92 -23.62 39.55
C GLU E 72 -7.58 -24.37 39.60
N VAL E 73 -7.66 -25.67 39.83
CA VAL E 73 -6.50 -26.57 39.80
C VAL E 73 -6.74 -27.62 38.71
N ALA E 74 -5.72 -27.90 37.91
CA ALA E 74 -5.89 -28.71 36.71
C ALA E 74 -4.68 -29.57 36.33
N GLU E 75 -4.97 -30.73 35.72
CA GLU E 75 -3.94 -31.57 35.11
C GLU E 75 -3.73 -31.21 33.65
N ARG E 76 -2.90 -31.99 32.96
CA ARG E 76 -2.58 -31.78 31.54
C ARG E 76 -3.83 -31.80 30.65
N LYS E 77 -4.71 -32.78 30.87
CA LYS E 77 -5.93 -32.94 30.08
C LYS E 77 -6.95 -31.83 30.30
N ASP E 78 -7.03 -31.34 31.54
CA ASP E 78 -7.99 -30.29 31.91
C ASP E 78 -7.67 -28.94 31.28
N CYS E 79 -6.41 -28.73 30.92
CA CYS E 79 -5.97 -27.52 30.23
C CYS E 79 -6.65 -27.41 28.86
N VAL E 80 -6.71 -28.52 28.14
CA VAL E 80 -7.31 -28.59 26.82
C VAL E 80 -8.84 -28.56 26.92
N GLU E 81 -9.39 -29.35 27.84
CA GLU E 81 -10.83 -29.55 27.96
C GLU E 81 -11.63 -28.28 28.27
N CYS E 82 -11.17 -27.49 29.23
CA CYS E 82 -11.87 -26.26 29.59
C CYS E 82 -11.67 -25.15 28.56
N HIS E 83 -10.44 -25.00 28.08
CA HIS E 83 -10.12 -23.98 27.09
C HIS E 83 -10.66 -24.32 25.69
N SER E 84 -11.23 -25.52 25.54
CA SER E 84 -11.83 -25.95 24.26
C SER E 84 -13.07 -25.12 23.88
N ASP E 85 -13.74 -24.54 24.88
CA ASP E 85 -14.85 -23.63 24.64
C ASP E 85 -14.55 -22.21 25.17
N GLU E 86 -13.59 -22.12 26.09
CA GLU E 86 -13.16 -20.85 26.67
C GLU E 86 -12.31 -20.05 25.68
N THR E 87 -11.32 -20.73 25.09
CA THR E 87 -10.52 -20.16 24.01
C THR E 87 -10.45 -21.19 22.87
N PRO E 88 -11.58 -21.39 22.15
CA PRO E 88 -11.76 -22.50 21.21
C PRO E 88 -10.65 -22.64 20.16
N VAL E 89 -10.29 -21.53 19.53
CA VAL E 89 -9.33 -21.55 18.42
C VAL E 89 -7.91 -21.90 18.88
N TRP E 90 -7.52 -21.44 20.08
CA TRP E 90 -6.21 -21.76 20.63
C TRP E 90 -5.99 -23.28 20.75
N VAL E 91 -7.03 -23.99 21.17
CA VAL E 91 -7.01 -25.44 21.28
C VAL E 91 -6.89 -26.10 19.90
N ARG E 92 -7.71 -25.64 18.95
CA ARG E 92 -7.70 -26.15 17.59
C ARG E 92 -6.38 -25.89 16.88
N ALA E 93 -5.88 -24.65 16.98
CA ALA E 93 -4.60 -24.27 16.39
C ALA E 93 -3.45 -25.08 16.98
N TRP E 94 -3.51 -25.32 18.29
CA TRP E 94 -2.57 -26.19 18.99
C TRP E 94 -2.71 -27.64 18.52
N LYS E 95 -3.94 -28.10 18.33
CA LYS E 95 -4.22 -29.47 17.88
C LYS E 95 -3.69 -29.73 16.46
N ARG E 96 -3.71 -28.70 15.63
CA ARG E 96 -3.17 -28.77 14.27
C ARG E 96 -1.63 -28.72 14.28
N SER E 97 -1.07 -28.11 15.31
CA SER E 97 0.37 -27.85 15.40
C SER E 97 1.21 -29.11 15.61
N THR E 98 2.51 -28.96 15.33
CA THR E 98 3.49 -30.02 15.52
C THR E 98 3.70 -30.35 17.01
N HIS E 99 3.59 -29.32 17.85
CA HIS E 99 3.73 -29.47 19.30
C HIS E 99 2.74 -30.48 19.90
N ALA E 100 1.63 -30.73 19.20
CA ALA E 100 0.61 -31.67 19.66
C ALA E 100 0.66 -33.01 18.93
N ASN E 101 1.44 -33.09 17.86
CA ASN E 101 1.57 -34.30 17.05
C ASN E 101 3.01 -34.79 16.96
N LEU E 102 3.62 -35.02 18.13
CA LEU E 102 5.02 -35.43 18.21
C LEU E 102 5.27 -36.84 17.68
N ASP E 103 4.28 -37.72 17.82
CA ASP E 103 4.36 -39.10 17.32
C ASP E 103 4.43 -39.14 15.80
N LYS E 104 3.72 -38.21 15.15
CA LYS E 104 3.76 -38.05 13.69
C LYS E 104 5.17 -37.71 13.22
N ILE E 105 5.88 -36.92 14.02
CA ILE E 105 7.26 -36.53 13.73
C ILE E 105 8.22 -37.70 13.86
N ARG E 106 7.97 -38.58 14.83
CA ARG E 106 8.76 -39.80 15.01
C ARG E 106 8.62 -40.77 13.82
N ASN E 107 7.42 -40.82 13.25
CA ASN E 107 7.12 -41.73 12.14
C ASN E 107 7.54 -41.21 10.76
N LEU E 108 8.24 -40.08 10.74
CA LEU E 108 8.72 -39.49 9.49
C LEU E 108 9.82 -40.34 8.86
N LYS E 109 9.72 -40.52 7.55
CA LYS E 109 10.67 -41.34 6.79
C LYS E 109 11.91 -40.54 6.40
N SER E 110 13.01 -41.24 6.18
CA SER E 110 14.31 -40.61 5.93
C SER E 110 14.38 -39.84 4.61
N ASP E 111 13.58 -40.27 3.62
CA ASP E 111 13.54 -39.62 2.31
C ASP E 111 12.64 -38.38 2.28
N ASP E 112 11.79 -38.25 3.30
CA ASP E 112 10.92 -37.08 3.47
C ASP E 112 11.77 -35.83 3.72
N PRO E 113 11.46 -34.73 3.02
CA PRO E 113 12.20 -33.47 3.23
C PRO E 113 11.98 -32.85 4.61
N LEU E 114 10.98 -33.34 5.34
CA LEU E 114 10.66 -32.84 6.67
C LEU E 114 11.24 -33.72 7.79
N TYR E 115 12.12 -34.66 7.41
CA TYR E 115 12.72 -35.59 8.36
C TYR E 115 13.57 -34.90 9.44
N TYR E 116 14.19 -33.78 9.09
CA TYR E 116 15.03 -33.01 10.01
C TYR E 116 14.35 -32.72 11.34
N LYS E 117 13.02 -32.72 11.32
CA LYS E 117 12.20 -32.47 12.51
C LYS E 117 12.32 -33.59 13.54
N LYS E 118 12.43 -34.83 13.06
CA LYS E 118 12.65 -35.98 13.94
C LYS E 118 13.98 -35.84 14.69
N GLY E 119 15.02 -35.47 13.95
CA GLY E 119 16.33 -35.18 14.52
C GLY E 119 16.30 -34.02 15.51
N LYS E 120 15.44 -33.04 15.23
CA LYS E 120 15.23 -31.90 16.13
C LYS E 120 14.46 -32.28 17.40
N LEU E 121 13.52 -33.22 17.26
CA LEU E 121 12.75 -33.73 18.39
C LEU E 121 13.69 -34.44 19.38
N GLU E 122 14.57 -35.27 18.84
CA GLU E 122 15.59 -35.98 19.64
C GLU E 122 16.64 -35.01 20.18
N GLU E 123 16.93 -33.97 19.39
CA GLU E 123 17.76 -32.85 19.80
C GLU E 123 17.15 -32.16 21.02
N VAL E 124 15.85 -31.91 20.97
CA VAL E 124 15.07 -31.32 22.08
C VAL E 124 15.07 -32.27 23.28
N GLU E 125 14.85 -33.56 23.02
CA GLU E 125 14.83 -34.57 24.07
C GLU E 125 16.18 -34.71 24.77
N ASN E 126 17.26 -34.62 24.01
CA ASN E 126 18.63 -34.61 24.55
C ASN E 126 18.87 -33.42 25.47
N ASN E 127 18.35 -32.25 25.07
CA ASN E 127 18.42 -31.04 25.90
C ASN E 127 17.66 -31.20 27.22
N LEU E 128 16.50 -31.84 27.14
CA LEU E 128 15.62 -32.02 28.31
C LEU E 128 16.12 -33.08 29.28
N ARG E 129 16.86 -34.06 28.77
CA ARG E 129 17.50 -35.08 29.62
C ARG E 129 18.62 -34.46 30.43
N SER E 130 19.37 -33.57 29.78
CA SER E 130 20.47 -32.83 30.42
C SER E 130 19.99 -31.92 31.55
N MET E 131 18.81 -31.33 31.38
CA MET E 131 18.24 -30.41 32.36
C MET E 131 17.42 -31.10 33.44
N GLY E 132 17.28 -32.42 33.32
CA GLY E 132 16.56 -33.23 34.32
C GLY E 132 15.05 -33.08 34.26
N LYS E 133 14.54 -32.79 33.07
CA LYS E 133 13.09 -32.66 32.87
C LYS E 133 12.50 -33.90 32.21
N LEU E 134 13.37 -34.71 31.62
CA LEU E 134 12.98 -35.92 30.91
C LEU E 134 13.95 -37.05 31.26
N GLY E 135 13.42 -38.27 31.37
CA GLY E 135 14.23 -39.45 31.67
C GLY E 135 15.08 -39.87 30.50
N GLU E 136 16.11 -40.67 30.78
CA GLU E 136 17.06 -41.13 29.75
C GLU E 136 16.42 -42.07 28.73
N LYS E 137 15.45 -42.87 29.18
CA LYS E 137 14.70 -43.75 28.29
C LYS E 137 13.34 -43.14 27.91
N GLU E 138 12.89 -42.18 28.71
CA GLU E 138 11.60 -41.53 28.51
C GLU E 138 11.59 -40.59 27.30
N THR E 139 10.53 -40.68 26.51
CA THR E 139 10.32 -39.80 25.37
C THR E 139 9.28 -38.73 25.70
N LEU E 140 9.40 -37.56 25.07
CA LEU E 140 8.43 -36.49 25.22
C LEU E 140 7.14 -36.84 24.50
N LYS E 141 6.03 -36.84 25.26
CA LYS E 141 4.73 -37.22 24.72
C LYS E 141 4.16 -36.12 23.83
N GLU E 142 4.07 -34.91 24.40
CA GLU E 142 3.54 -33.75 23.69
C GLU E 142 4.14 -32.46 24.24
N VAL E 143 3.99 -31.38 23.47
CA VAL E 143 4.26 -30.04 23.96
C VAL E 143 2.91 -29.36 24.09
N GLY E 144 2.36 -29.40 25.29
CA GLY E 144 1.00 -28.92 25.54
C GLY E 144 0.91 -27.61 26.29
N CYS E 145 -0.31 -27.28 26.71
CA CYS E 145 -0.59 -26.02 27.40
C CYS E 145 0.18 -25.91 28.72
N ILE E 146 0.21 -27.00 29.47
CA ILE E 146 0.90 -27.02 30.77
C ILE E 146 2.42 -26.90 30.64
N ASP E 147 2.95 -27.30 29.49
CA ASP E 147 4.39 -27.31 29.25
C ASP E 147 5.00 -25.92 29.11
N CYS E 148 4.34 -25.07 28.32
CA CYS E 148 4.84 -23.72 28.07
C CYS E 148 4.29 -22.70 29.06
N HIS E 149 3.07 -22.95 29.54
CA HIS E 149 2.37 -22.00 30.41
C HIS E 149 2.56 -22.25 31.90
N VAL E 150 3.09 -23.41 32.26
CA VAL E 150 3.39 -23.71 33.67
C VAL E 150 4.83 -24.19 33.85
N ASP E 151 5.13 -25.39 33.34
CA ASP E 151 6.43 -26.02 33.47
C ASP E 151 6.55 -27.16 32.47
N VAL E 152 7.72 -27.27 31.84
CA VAL E 152 7.96 -28.27 30.78
C VAL E 152 7.84 -29.70 31.32
N ASN E 153 7.01 -30.50 30.63
CA ASN E 153 6.75 -31.90 30.96
C ASN E 153 6.27 -32.14 32.40
N LYS E 154 5.39 -31.26 32.87
CA LYS E 154 4.78 -31.41 34.19
C LYS E 154 3.88 -32.64 34.20
N LYS E 155 3.93 -33.40 35.30
N LYS E 155 3.92 -33.40 35.30
CA LYS E 155 3.18 -34.65 35.42
CA LYS E 155 3.18 -34.65 35.42
C LYS E 155 2.16 -34.64 36.55
C LYS E 155 2.10 -34.61 36.50
N ASP E 156 1.93 -33.46 37.15
CA ASP E 156 0.95 -33.31 38.22
C ASP E 156 0.05 -32.08 38.06
N LYS E 157 -0.77 -31.80 39.06
CA LYS E 157 -1.76 -30.72 39.02
C LYS E 157 -1.12 -29.33 39.12
N ALA E 158 -1.73 -28.36 38.45
CA ALA E 158 -1.23 -26.99 38.41
C ALA E 158 -2.29 -25.99 38.87
N ASP E 159 -1.85 -24.94 39.56
CA ASP E 159 -2.73 -23.89 40.06
C ASP E 159 -2.83 -22.75 39.04
N HIS E 160 -4.05 -22.48 38.57
CA HIS E 160 -4.30 -21.46 37.55
C HIS E 160 -3.98 -20.03 38.03
N THR E 161 -3.97 -19.84 39.35
CA THR E 161 -3.80 -18.51 39.94
C THR E 161 -2.37 -18.16 40.34
N LYS E 162 -1.50 -19.17 40.39
CA LYS E 162 -0.11 -18.97 40.83
C LYS E 162 0.93 -19.56 39.90
N ASP E 163 0.57 -20.63 39.18
CA ASP E 163 1.54 -21.39 38.38
C ASP E 163 1.56 -21.01 36.89
N ILE E 164 0.54 -20.27 36.45
CA ILE E 164 0.43 -19.84 35.05
C ILE E 164 1.47 -18.76 34.71
N ARG E 165 2.20 -18.97 33.61
CA ARG E 165 3.16 -18.01 33.10
C ARG E 165 2.95 -17.75 31.61
N MET E 166 3.48 -16.64 31.13
CA MET E 166 3.56 -16.38 29.70
C MET E 166 4.90 -16.89 29.17
N PRO E 167 4.87 -17.75 28.14
CA PRO E 167 6.07 -18.38 27.60
C PRO E 167 6.99 -17.40 26.88
N THR E 168 8.08 -17.03 27.55
CA THR E 168 9.09 -16.12 27.01
C THR E 168 10.14 -16.88 26.20
N ALA E 169 11.22 -16.17 25.81
CA ALA E 169 12.29 -16.77 25.01
C ALA E 169 13.04 -17.90 25.73
N ASP E 170 13.20 -17.77 27.04
CA ASP E 170 13.83 -18.82 27.85
C ASP E 170 12.94 -20.04 28.03
N THR E 171 11.62 -19.83 27.96
CA THR E 171 10.65 -20.92 28.02
C THR E 171 10.80 -21.82 26.79
N CYS E 172 10.81 -21.19 25.62
CA CYS E 172 11.03 -21.90 24.35
C CYS E 172 12.45 -22.44 24.29
N GLY E 173 13.39 -21.68 24.86
CA GLY E 173 14.80 -22.02 24.85
C GLY E 173 15.17 -23.27 25.62
N THR E 174 14.32 -23.65 26.57
CA THR E 174 14.50 -24.87 27.35
C THR E 174 14.57 -26.09 26.43
N CYS E 175 13.66 -26.16 25.47
CA CYS E 175 13.65 -27.23 24.48
C CYS E 175 14.45 -26.84 23.24
N HIS E 176 14.11 -25.68 22.68
CA HIS E 176 14.76 -25.19 21.46
C HIS E 176 16.01 -24.39 21.82
N LEU E 177 17.01 -25.09 22.34
CA LEU E 177 18.26 -24.48 22.81
C LEU E 177 19.04 -23.86 21.66
N ARG E 178 19.05 -24.54 20.52
CA ARG E 178 19.76 -24.09 19.34
C ARG E 178 19.31 -22.69 18.90
N GLU E 179 18.00 -22.55 18.67
CA GLU E 179 17.42 -21.30 18.15
C GLU E 179 17.49 -20.16 19.17
N PHE E 180 17.38 -20.51 20.45
CA PHE E 180 17.56 -19.54 21.53
C PHE E 180 19.01 -19.06 21.59
N ALA E 181 19.95 -20.00 21.45
CA ALA E 181 21.38 -19.70 21.45
C ALA E 181 21.81 -18.91 20.22
N GLU E 182 21.27 -19.29 19.06
CA GLU E 182 21.51 -18.58 17.81
C GLU E 182 21.02 -17.14 17.87
N ARG E 183 19.84 -16.94 18.47
CA ARG E 183 19.24 -15.62 18.60
C ARG E 183 20.04 -14.76 19.58
N GLU E 184 20.47 -15.37 20.68
CA GLU E 184 21.25 -14.68 21.70
C GLU E 184 22.69 -14.39 21.26
N SER E 185 23.13 -15.09 20.21
CA SER E 185 24.47 -14.90 19.65
C SER E 185 24.62 -13.57 18.91
N GLU E 186 23.48 -12.93 18.62
CA GLU E 186 23.46 -11.59 18.02
C GLU E 186 24.14 -10.57 18.94
N ARG E 187 23.99 -10.76 20.25
CA ARG E 187 24.67 -9.94 21.26
C ARG E 187 26.19 -9.92 21.04
N ASP E 188 26.72 -11.04 20.56
CA ASP E 188 28.16 -11.24 20.45
C ASP E 188 28.71 -11.00 19.03
N THR E 189 27.83 -11.16 18.02
CA THR E 189 28.24 -11.03 16.62
C THR E 189 28.03 -9.64 16.05
N MET E 190 27.11 -8.88 16.63
CA MET E 190 26.83 -7.52 16.15
C MET E 190 27.66 -6.49 16.90
N VAL E 191 28.97 -6.52 16.66
CA VAL E 191 29.88 -5.53 17.22
C VAL E 191 30.41 -4.66 16.09
N TRP E 192 30.06 -3.37 16.15
CA TRP E 192 30.50 -2.41 15.15
C TRP E 192 31.94 -1.99 15.42
N PRO E 193 32.77 -1.83 14.36
CA PRO E 193 34.20 -1.53 14.50
C PRO E 193 34.48 -0.22 15.23
N ASN E 194 33.61 0.78 15.07
CA ASN E 194 33.82 2.10 15.64
C ASN E 194 32.69 2.54 16.58
N GLY E 195 31.90 1.57 17.03
CA GLY E 195 30.78 1.82 17.93
C GLY E 195 29.67 2.65 17.30
N GLN E 196 29.38 2.37 16.03
CA GLN E 196 28.30 3.04 15.29
C GLN E 196 26.94 2.83 15.95
N TRP E 197 26.72 1.61 16.44
CA TRP E 197 25.57 1.28 17.27
C TRP E 197 26.09 0.63 18.55
N PRO E 198 25.26 0.59 19.61
CA PRO E 198 25.64 -0.17 20.81
C PRO E 198 25.89 -1.65 20.47
N ALA E 199 26.83 -2.28 21.18
CA ALA E 199 27.18 -3.67 20.97
C ALA E 199 25.95 -4.58 20.99
N GLY E 200 25.83 -5.43 19.97
CA GLY E 200 24.70 -6.36 19.85
C GLY E 200 23.44 -5.74 19.29
N ARG E 201 23.59 -4.57 18.65
CA ARG E 201 22.45 -3.84 18.07
C ARG E 201 22.82 -3.24 16.71
N PRO E 202 21.85 -3.18 15.77
CA PRO E 202 20.47 -3.65 15.85
C PRO E 202 20.36 -5.17 15.75
N SER E 203 19.42 -5.75 16.50
CA SER E 203 19.20 -7.19 16.54
C SER E 203 17.84 -7.51 17.18
N HIS E 204 17.36 -8.73 16.94
CA HIS E 204 16.15 -9.20 17.59
C HIS E 204 16.41 -9.58 19.06
N ALA E 205 17.69 -9.80 19.39
CA ALA E 205 18.10 -10.15 20.75
C ALA E 205 17.91 -9.00 21.73
N LEU E 206 18.05 -7.78 21.25
CA LEU E 206 17.99 -6.60 22.10
C LEU E 206 16.97 -5.55 21.62
N ASP E 207 15.93 -6.01 20.89
CA ASP E 207 14.92 -5.11 20.33
C ASP E 207 14.05 -4.45 21.38
N TYR E 208 13.74 -5.18 22.45
CA TYR E 208 12.98 -4.62 23.56
C TYR E 208 13.82 -3.64 24.37
N THR E 209 15.06 -4.04 24.65
CA THR E 209 16.02 -3.16 25.32
C THR E 209 16.16 -1.84 24.58
N ALA E 210 16.33 -1.91 23.26
CA ALA E 210 16.43 -0.71 22.42
C ALA E 210 15.19 0.18 22.54
N ASN E 211 14.02 -0.46 22.58
CA ASN E 211 12.73 0.22 22.73
C ASN E 211 12.65 0.99 24.06
N ILE E 212 12.94 0.30 25.16
CA ILE E 212 12.85 0.90 26.49
C ILE E 212 14.01 1.84 26.81
N GLU E 213 15.11 1.71 26.07
CA GLU E 213 16.26 2.59 26.23
C GLU E 213 16.21 3.82 25.31
N THR E 214 15.06 4.00 24.67
CA THR E 214 14.79 5.20 23.89
C THR E 214 14.09 6.21 24.80
N THR E 215 14.65 7.42 24.88
CA THR E 215 14.19 8.42 25.82
C THR E 215 12.69 8.78 25.70
N VAL E 216 12.23 9.12 24.50
CA VAL E 216 10.81 9.43 24.27
C VAL E 216 9.88 8.34 24.78
N TRP E 217 10.20 7.08 24.44
CA TRP E 217 9.36 5.95 24.83
C TRP E 217 9.10 5.94 26.33
N ALA E 218 10.13 6.26 27.11
CA ALA E 218 10.04 6.30 28.56
C ALA E 218 9.46 7.63 29.06
N ALA E 219 9.72 8.70 28.30
CA ALA E 219 9.41 10.06 28.72
C ALA E 219 7.99 10.53 28.37
N MET E 220 7.47 10.08 27.23
CA MET E 220 6.16 10.54 26.75
C MET E 220 5.01 10.06 27.63
N PRO E 221 4.00 10.92 27.84
CA PRO E 221 2.86 10.56 28.69
C PRO E 221 1.90 9.60 28.01
N GLN E 222 1.86 9.63 26.68
CA GLN E 222 0.97 8.77 25.89
C GLN E 222 1.47 7.32 25.90
N ARG E 223 1.18 6.62 27.00
CA ARG E 223 1.66 5.25 27.21
C ARG E 223 1.14 4.27 26.16
N GLU E 224 -0.12 4.47 25.76
CA GLU E 224 -0.78 3.60 24.79
C GLU E 224 -0.17 3.74 23.39
N VAL E 225 0.27 4.95 23.06
CA VAL E 225 1.01 5.21 21.82
C VAL E 225 2.39 4.55 21.91
N ALA E 226 3.06 4.73 23.04
CA ALA E 226 4.39 4.19 23.28
C ALA E 226 4.44 2.66 23.19
N GLU E 227 3.38 2.00 23.67
CA GLU E 227 3.31 0.54 23.64
C GLU E 227 3.06 0.00 22.22
N GLY E 228 2.76 0.90 21.29
CA GLY E 228 2.66 0.55 19.89
C GLY E 228 4.03 0.25 19.32
N CYS E 229 5.04 0.97 19.83
CA CYS E 229 6.43 0.69 19.52
C CYS E 229 6.85 -0.64 20.13
N THR E 230 6.44 -0.87 21.37
CA THR E 230 6.74 -2.11 22.10
C THR E 230 6.31 -3.35 21.34
N MET E 231 5.11 -3.30 20.75
CA MET E 231 4.54 -4.44 20.02
C MET E 231 5.36 -4.89 18.81
N CYS E 232 6.20 -4.00 18.29
CA CYS E 232 7.13 -4.33 17.21
C CYS E 232 8.52 -4.69 17.75
N HIS E 233 8.71 -4.48 19.04
CA HIS E 233 10.00 -4.69 19.69
C HIS E 233 9.90 -5.73 20.81
N THR E 234 9.29 -6.89 20.52
CA THR E 234 9.11 -7.92 21.56
C THR E 234 9.82 -9.25 21.30
N ASN E 235 10.63 -9.32 20.24
CA ASN E 235 11.38 -10.54 19.90
C ASN E 235 12.34 -11.00 21.01
N GLN E 236 12.96 -10.04 21.69
CA GLN E 236 13.79 -10.31 22.86
C GLN E 236 13.00 -11.11 23.90
N ASN E 237 11.77 -10.68 24.17
CA ASN E 237 10.94 -11.25 25.21
C ASN E 237 10.23 -12.54 24.81
N LYS E 238 9.70 -12.57 23.58
CA LYS E 238 8.90 -13.71 23.12
C LYS E 238 9.24 -14.15 21.70
N CYS E 239 9.01 -15.44 21.42
CA CYS E 239 9.43 -16.07 20.17
C CYS E 239 8.27 -16.33 19.22
N ASP E 240 7.16 -15.62 19.40
CA ASP E 240 5.94 -15.89 18.65
C ASP E 240 5.57 -14.83 17.62
N ASN E 241 6.55 -14.03 17.18
CA ASN E 241 6.28 -12.94 16.24
C ASN E 241 6.41 -13.32 14.77
N CYS E 242 7.27 -14.29 14.47
CA CYS E 242 7.42 -14.78 13.09
C CYS E 242 6.60 -16.06 12.91
N HIS E 243 6.83 -17.03 13.81
CA HIS E 243 5.94 -18.19 13.94
C HIS E 243 5.01 -17.99 15.13
N THR E 244 3.77 -17.60 14.82
CA THR E 244 2.80 -17.15 15.81
C THR E 244 2.15 -18.28 16.62
N ARG E 245 1.58 -17.91 17.76
CA ARG E 245 0.74 -18.79 18.54
C ARG E 245 -0.63 -18.96 17.85
N HIS E 246 -1.27 -20.12 18.01
CA HIS E 246 -0.72 -21.28 18.71
C HIS E 246 -0.36 -22.42 17.77
N GLU E 247 -0.31 -22.13 16.47
CA GLU E 247 0.11 -23.10 15.46
C GLU E 247 1.63 -23.28 15.41
N PHE E 248 2.35 -22.22 15.77
CA PHE E 248 3.83 -22.20 15.73
C PHE E 248 4.40 -22.91 14.50
N SER E 249 3.99 -22.43 13.33
CA SER E 249 4.43 -23.00 12.06
C SER E 249 5.72 -22.34 11.59
N ALA E 250 6.74 -23.17 11.36
CA ALA E 250 8.00 -22.72 10.79
C ALA E 250 7.81 -22.29 9.33
N ALA E 251 6.86 -22.91 8.64
CA ALA E 251 6.53 -22.56 7.26
C ALA E 251 5.92 -21.17 7.15
N GLU E 252 5.14 -20.79 8.17
CA GLU E 252 4.58 -19.45 8.28
C GLU E 252 5.69 -18.41 8.43
N SER E 253 6.67 -18.70 9.30
CA SER E 253 7.77 -17.80 9.59
C SER E 253 8.72 -17.60 8.41
N ARG E 254 8.70 -18.55 7.47
CA ARG E 254 9.51 -18.45 6.25
C ARG E 254 8.85 -17.53 5.21
N LYS E 255 7.55 -17.30 5.35
CA LYS E 255 6.81 -16.44 4.44
C LYS E 255 7.08 -14.97 4.75
N PRO E 256 7.32 -14.15 3.70
CA PRO E 256 7.66 -12.73 3.85
C PRO E 256 6.67 -11.93 4.70
N GLU E 257 5.41 -12.37 4.73
CA GLU E 257 4.35 -11.72 5.49
C GLU E 257 4.61 -11.69 7.00
N ALA E 258 5.40 -12.66 7.47
CA ALA E 258 5.72 -12.79 8.90
C ALA E 258 6.59 -11.65 9.45
N CYS E 259 7.32 -10.99 8.56
CA CYS E 259 8.19 -9.87 8.94
C CYS E 259 7.49 -8.52 8.81
N ALA E 260 6.42 -8.50 8.02
CA ALA E 260 5.80 -7.26 7.54
C ALA E 260 5.24 -6.33 8.60
N THR E 261 4.62 -6.88 9.63
CA THR E 261 3.96 -6.08 10.66
C THR E 261 4.94 -5.13 11.36
N CYS E 262 6.19 -5.57 11.50
CA CYS E 262 7.23 -4.75 12.10
C CYS E 262 8.11 -4.07 11.05
N HIS E 263 8.59 -4.83 10.07
CA HIS E 263 9.51 -4.29 9.07
C HIS E 263 8.80 -3.55 7.94
N SER E 264 8.06 -2.51 8.33
CA SER E 264 7.28 -1.69 7.40
C SER E 264 7.07 -0.30 7.99
N GLY E 265 6.70 0.65 7.14
CA GLY E 265 6.37 2.00 7.60
C GLY E 265 7.33 3.08 7.14
N VAL E 266 7.09 4.30 7.61
CA VAL E 266 7.80 5.50 7.15
C VAL E 266 9.32 5.48 7.31
N ASP E 267 9.83 4.78 8.32
CA ASP E 267 11.27 4.81 8.61
C ASP E 267 12.02 3.51 8.26
N HIS E 268 11.31 2.56 7.67
CA HIS E 268 11.88 1.30 7.18
C HIS E 268 10.81 0.50 6.43
N ASN E 269 10.56 0.87 5.17
CA ASN E 269 9.49 0.26 4.39
C ASN E 269 9.88 -1.04 3.70
N ASN E 270 10.54 -1.93 4.45
CA ASN E 270 11.07 -3.18 3.89
C ASN E 270 10.02 -4.03 3.17
N TRP E 271 8.88 -4.25 3.82
CA TRP E 271 7.77 -4.99 3.25
C TRP E 271 7.31 -4.39 1.92
N GLU E 272 7.09 -3.07 1.92
CA GLU E 272 6.63 -2.34 0.75
C GLU E 272 7.65 -2.43 -0.39
N ALA E 273 8.92 -2.26 -0.04
CA ALA E 273 10.01 -2.29 -1.03
C ALA E 273 10.19 -3.69 -1.62
N TYR E 274 10.29 -4.69 -0.75
CA TYR E 274 10.46 -6.07 -1.18
C TYR E 274 9.31 -6.57 -2.06
N THR E 275 8.06 -6.37 -1.60
CA THR E 275 6.88 -6.87 -2.32
C THR E 275 6.68 -6.22 -3.68
N MET E 276 7.00 -4.93 -3.77
CA MET E 276 6.88 -4.19 -5.03
C MET E 276 8.01 -4.52 -6.02
N SER E 277 9.11 -5.07 -5.52
CA SER E 277 10.22 -5.51 -6.36
C SER E 277 9.86 -6.78 -7.13
N LYS E 278 10.69 -7.13 -8.11
CA LYS E 278 10.53 -8.38 -8.84
C LYS E 278 10.65 -9.58 -7.91
N HIS E 279 11.64 -9.55 -7.01
CA HIS E 279 11.83 -10.59 -6.01
C HIS E 279 10.54 -10.89 -5.25
N GLY E 280 9.87 -9.84 -4.78
CA GLY E 280 8.68 -9.97 -3.94
C GLY E 280 7.39 -10.26 -4.67
N LYS E 281 7.24 -9.70 -5.87
CA LYS E 281 6.08 -9.97 -6.71
C LYS E 281 6.08 -11.40 -7.22
N LEU E 282 7.27 -11.93 -7.48
CA LEU E 282 7.44 -13.34 -7.85
C LEU E 282 7.11 -14.24 -6.67
N ALA E 283 7.44 -13.78 -5.47
CA ALA E 283 7.10 -14.48 -4.24
C ALA E 283 5.59 -14.50 -4.00
N GLU E 284 4.90 -13.46 -4.46
CA GLU E 284 3.44 -13.41 -4.39
C GLU E 284 2.81 -14.30 -5.47
N MET E 285 3.39 -14.26 -6.67
CA MET E 285 2.88 -15.03 -7.81
C MET E 285 3.12 -16.53 -7.71
N ASN E 286 4.24 -16.92 -7.09
CA ASN E 286 4.64 -18.33 -7.08
C ASN E 286 4.61 -19.01 -5.71
N ARG E 287 3.86 -18.45 -4.77
CA ARG E 287 3.79 -18.98 -3.40
C ARG E 287 3.11 -20.35 -3.27
N ASP E 288 2.42 -20.79 -4.32
CA ASP E 288 1.75 -22.09 -4.31
C ASP E 288 2.59 -23.17 -4.99
N LYS E 289 3.57 -22.74 -5.78
CA LYS E 289 4.53 -23.65 -6.42
C LYS E 289 5.63 -24.06 -5.45
N TRP E 290 5.79 -23.28 -4.37
CA TRP E 290 6.86 -23.50 -3.41
C TRP E 290 6.39 -24.25 -2.17
N ASN E 291 7.19 -25.21 -1.73
CA ASN E 291 6.92 -25.92 -0.49
C ASN E 291 7.53 -25.16 0.69
N TRP E 292 6.68 -24.46 1.43
CA TRP E 292 7.11 -23.64 2.55
C TRP E 292 7.52 -24.45 3.78
N GLU E 293 7.05 -25.70 3.84
CA GLU E 293 7.35 -26.61 4.95
C GLU E 293 8.81 -27.05 4.93
N VAL E 294 9.41 -27.04 3.74
CA VAL E 294 10.82 -27.35 3.54
C VAL E 294 11.70 -26.30 4.24
N ARG E 295 12.76 -26.78 4.91
CA ARG E 295 13.67 -25.88 5.63
C ARG E 295 14.41 -24.95 4.68
N LEU E 296 14.82 -23.80 5.22
CA LEU E 296 15.43 -22.72 4.44
C LEU E 296 16.69 -23.15 3.66
N LYS E 297 17.34 -24.20 4.15
CA LYS E 297 18.53 -24.78 3.53
C LYS E 297 18.22 -25.48 2.20
N ASP E 298 16.99 -25.99 2.08
CA ASP E 298 16.57 -26.76 0.91
C ASP E 298 15.54 -26.04 0.03
N ALA E 299 15.15 -24.83 0.45
CA ALA E 299 14.10 -24.07 -0.24
C ALA E 299 14.38 -23.85 -1.72
N PHE E 300 15.62 -23.50 -2.05
CA PHE E 300 16.01 -23.21 -3.43
C PHE E 300 16.18 -24.44 -4.31
N SER E 301 16.11 -25.63 -3.71
CA SER E 301 16.26 -26.88 -4.46
C SER E 301 14.99 -27.72 -4.41
N LYS E 302 14.75 -28.35 -3.26
CA LYS E 302 13.61 -29.25 -3.06
C LYS E 302 12.29 -28.50 -2.88
N GLY E 303 12.37 -27.25 -2.43
CA GLY E 303 11.20 -26.41 -2.25
C GLY E 303 10.65 -25.87 -3.55
N GLY E 304 11.54 -25.64 -4.51
CA GLY E 304 11.15 -25.13 -5.83
C GLY E 304 11.19 -23.61 -5.92
N GLN E 305 11.56 -22.97 -4.82
CA GLN E 305 11.66 -21.51 -4.73
C GLN E 305 12.71 -20.96 -5.69
N ASN E 306 12.30 -20.01 -6.53
CA ASN E 306 13.16 -19.41 -7.53
C ASN E 306 13.39 -17.90 -7.30
N ALA E 307 12.75 -17.36 -6.27
CA ALA E 307 12.90 -15.96 -5.90
C ALA E 307 13.18 -15.88 -4.39
N PRO E 308 14.03 -14.91 -3.97
CA PRO E 308 14.41 -14.85 -2.57
C PRO E 308 13.34 -14.22 -1.68
N THR E 309 13.34 -14.60 -0.41
CA THR E 309 12.41 -14.08 0.58
C THR E 309 13.20 -13.47 1.75
N CYS E 310 12.50 -12.71 2.59
CA CYS E 310 13.11 -12.05 3.74
C CYS E 310 14.02 -13.01 4.52
N ALA E 311 13.44 -14.12 4.96
CA ALA E 311 14.13 -15.13 5.76
C ALA E 311 15.33 -15.74 5.04
N ALA E 312 15.14 -16.06 3.76
CA ALA E 312 16.18 -16.71 2.95
C ALA E 312 17.44 -15.85 2.82
N CYS E 313 17.27 -14.55 2.61
CA CYS E 313 18.40 -13.63 2.48
C CYS E 313 19.06 -13.30 3.82
N HIS E 314 18.25 -13.01 4.82
CA HIS E 314 18.74 -12.45 6.09
C HIS E 314 19.18 -13.48 7.13
N MET E 315 18.70 -14.72 7.00
CA MET E 315 19.13 -15.79 7.91
C MET E 315 20.27 -16.63 7.35
N GLU E 316 20.54 -16.49 6.04
CA GLU E 316 21.68 -17.15 5.42
C GLU E 316 22.97 -16.41 5.74
N TYR E 317 23.96 -17.15 6.21
CA TYR E 317 25.30 -16.62 6.41
C TYR E 317 26.36 -17.67 6.11
N GLU E 318 27.13 -17.42 5.05
CA GLU E 318 28.26 -18.27 4.64
C GLU E 318 27.88 -19.75 4.43
N GLY E 319 26.69 -19.98 3.89
CA GLY E 319 26.21 -21.33 3.61
C GLY E 319 25.39 -21.96 4.73
N GLU E 320 25.21 -21.22 5.83
CA GLU E 320 24.43 -21.68 6.97
C GLU E 320 23.13 -20.90 7.11
N TYR E 321 22.20 -21.43 7.91
CA TYR E 321 20.97 -20.73 8.26
C TYR E 321 20.76 -20.79 9.78
N THR E 322 20.71 -19.63 10.40
CA THR E 322 20.54 -19.52 11.86
C THR E 322 19.53 -18.42 12.22
N HIS E 323 19.01 -18.48 13.44
CA HIS E 323 18.16 -17.41 13.96
C HIS E 323 18.92 -16.11 14.23
N ASN E 324 20.16 -16.03 13.76
CA ASN E 324 20.98 -14.82 13.83
C ASN E 324 20.96 -14.08 12.49
N ILE E 325 20.51 -12.83 12.53
CA ILE E 325 20.31 -12.03 11.31
C ILE E 325 21.23 -10.82 11.20
N THR E 326 22.31 -10.80 11.99
CA THR E 326 23.14 -9.61 12.15
C THR E 326 24.46 -9.61 11.39
N ARG E 327 24.92 -10.78 10.97
CA ARG E 327 26.30 -10.96 10.52
C ARG E 327 26.65 -10.42 9.11
N LYS E 328 25.66 -9.86 8.41
CA LYS E 328 25.89 -9.27 7.08
C LYS E 328 25.48 -7.80 7.03
N THR E 329 25.02 -7.27 8.16
CA THR E 329 24.57 -5.89 8.27
C THR E 329 25.71 -4.90 8.07
N ARG E 330 25.51 -3.96 7.17
CA ARG E 330 26.52 -2.93 6.87
C ARG E 330 25.95 -1.51 7.01
N TRP E 331 24.74 -1.29 6.50
CA TRP E 331 24.10 0.03 6.53
C TRP E 331 23.17 0.22 7.73
N ALA E 332 22.53 -0.87 8.15
CA ALA E 332 21.59 -0.87 9.29
C ALA E 332 20.44 0.13 9.14
N ASN E 333 19.81 0.13 7.96
CA ASN E 333 18.62 0.93 7.66
C ASN E 333 18.83 2.44 7.60
N TYR E 334 19.34 3.00 8.68
CA TYR E 334 19.53 4.46 8.81
C TYR E 334 20.95 4.87 8.36
N PRO E 335 21.07 5.43 7.14
CA PRO E 335 22.37 5.75 6.56
C PRO E 335 23.02 7.01 7.14
N PHE E 336 22.27 7.78 7.92
CA PHE E 336 22.74 9.05 8.48
C PHE E 336 23.44 8.87 9.84
N VAL E 337 23.34 7.67 10.41
CA VAL E 337 23.98 7.33 11.68
C VAL E 337 25.50 7.53 11.57
N PRO E 338 26.08 8.36 12.44
CA PRO E 338 27.51 8.68 12.39
C PRO E 338 28.41 7.45 12.34
N GLY E 339 29.32 7.43 11.37
CA GLY E 339 30.28 6.34 11.22
C GLY E 339 29.88 5.26 10.23
N ILE E 340 28.60 5.20 9.89
CA ILE E 340 28.06 4.16 9.01
C ILE E 340 28.52 4.31 7.56
N ALA E 341 28.37 5.51 7.01
CA ALA E 341 28.78 5.79 5.63
C ALA E 341 30.30 5.68 5.46
N GLU E 342 31.04 6.13 6.47
CA GLU E 342 32.49 6.12 6.46
C GLU E 342 33.07 4.70 6.57
N ASN E 343 32.31 3.80 7.22
CA ASN E 343 32.73 2.42 7.44
C ASN E 343 32.44 1.50 6.25
N ILE E 344 31.64 1.97 5.30
CA ILE E 344 31.18 1.16 4.18
C ILE E 344 32.30 0.63 3.27
N THR E 345 33.49 1.23 3.38
CA THR E 345 34.65 0.86 2.57
C THR E 345 35.68 0.03 3.33
N SER E 346 35.48 -0.14 4.63
CA SER E 346 36.41 -0.89 5.48
C SER E 346 36.44 -2.37 5.13
N ASP E 347 37.46 -3.08 5.62
CA ASP E 347 37.59 -4.53 5.42
C ASP E 347 36.44 -5.29 6.07
N TRP E 348 35.91 -4.72 7.16
CA TRP E 348 34.80 -5.29 7.91
C TRP E 348 33.53 -5.33 7.08
N SER E 349 33.20 -4.21 6.44
CA SER E 349 32.04 -4.11 5.56
C SER E 349 32.23 -4.86 4.25
N GLU E 350 33.47 -4.86 3.76
CA GLU E 350 33.82 -5.56 2.52
C GLU E 350 33.64 -7.07 2.67
N ALA E 351 33.95 -7.59 3.87
CA ALA E 351 33.77 -9.01 4.18
C ALA E 351 32.28 -9.37 4.26
N ARG E 352 31.48 -8.48 4.83
CA ARG E 352 30.04 -8.65 4.91
C ARG E 352 29.37 -8.47 3.55
N LEU E 353 29.98 -7.63 2.70
CA LEU E 353 29.56 -7.48 1.31
C LEU E 353 29.80 -8.77 0.53
N ASP E 354 30.95 -9.41 0.77
CA ASP E 354 31.26 -10.71 0.16
C ASP E 354 30.25 -11.78 0.57
N SER E 355 29.80 -11.73 1.83
CA SER E 355 28.79 -12.64 2.35
C SER E 355 27.45 -12.43 1.64
N TRP E 356 27.12 -11.17 1.37
CA TRP E 356 25.93 -10.82 0.61
C TRP E 356 26.02 -11.31 -0.83
N VAL E 357 27.19 -11.17 -1.43
CA VAL E 357 27.45 -11.67 -2.78
C VAL E 357 27.19 -13.18 -2.86
N LEU E 358 27.64 -13.91 -1.85
CA LEU E 358 27.34 -15.35 -1.73
C LEU E 358 25.83 -15.64 -1.78
N THR E 359 25.04 -14.85 -1.05
CA THR E 359 23.59 -15.01 -1.01
C THR E 359 22.97 -14.79 -2.39
N CYS E 360 23.42 -13.76 -3.09
CA CYS E 360 22.92 -13.43 -4.41
C CYS E 360 23.38 -14.43 -5.49
N THR E 361 24.57 -14.98 -5.32
CA THR E 361 25.18 -15.85 -6.34
C THR E 361 24.53 -17.23 -6.46
N GLN E 362 23.70 -17.58 -5.48
CA GLN E 362 22.87 -18.78 -5.55
C GLN E 362 21.98 -18.73 -6.79
N CYS E 363 21.65 -17.52 -7.24
CA CYS E 363 20.84 -17.31 -8.42
C CYS E 363 21.59 -16.50 -9.48
N HIS E 364 21.86 -15.24 -9.16
CA HIS E 364 22.54 -14.33 -10.08
C HIS E 364 24.03 -14.63 -10.18
N SER E 365 24.69 -14.06 -11.19
CA SER E 365 26.15 -14.15 -11.29
C SER E 365 26.80 -13.11 -10.38
N GLU E 366 28.05 -13.37 -10.01
CA GLU E 366 28.82 -12.46 -9.15
C GLU E 366 28.97 -11.07 -9.77
N ARG E 367 29.20 -11.03 -11.08
CA ARG E 367 29.33 -9.77 -11.81
C ARG E 367 28.05 -8.95 -11.72
N PHE E 368 26.91 -9.62 -11.81
CA PHE E 368 25.60 -8.97 -11.72
C PHE E 368 25.31 -8.50 -10.29
N ALA E 369 25.55 -9.40 -9.33
CA ALA E 369 25.31 -9.12 -7.91
C ALA E 369 26.14 -7.94 -7.41
N ARG E 370 27.42 -7.92 -7.78
CA ARG E 370 28.32 -6.84 -7.38
C ARG E 370 27.99 -5.54 -8.08
N SER E 371 27.52 -5.64 -9.33
CA SER E 371 27.08 -4.48 -10.09
C SER E 371 25.92 -3.76 -9.40
N TYR E 372 24.96 -4.52 -8.88
CA TYR E 372 23.81 -3.92 -8.21
C TYR E 372 24.09 -3.49 -6.77
N LEU E 373 24.91 -4.26 -6.05
CA LEU E 373 25.30 -3.89 -4.69
C LEU E 373 26.14 -2.60 -4.68
N ASP E 374 26.87 -2.39 -5.78
CA ASP E 374 27.61 -1.15 -5.98
C ASP E 374 26.65 0.03 -6.21
N LEU E 375 25.58 -0.23 -6.95
CA LEU E 375 24.54 0.76 -7.22
C LEU E 375 23.82 1.11 -5.92
N MET E 376 23.53 0.09 -5.11
CA MET E 376 22.90 0.26 -3.81
C MET E 376 23.72 1.20 -2.91
N ASP E 377 25.01 0.90 -2.75
CA ASP E 377 25.91 1.68 -1.90
C ASP E 377 26.03 3.14 -2.35
N LYS E 378 26.32 3.35 -3.63
CA LYS E 378 26.50 4.70 -4.17
C LYS E 378 25.20 5.50 -4.15
N GLY E 379 24.09 4.82 -4.47
CA GLY E 379 22.77 5.43 -4.42
C GLY E 379 22.40 5.91 -3.03
N THR E 380 22.67 5.06 -2.04
CA THR E 380 22.44 5.39 -0.62
C THR E 380 23.25 6.62 -0.23
N LEU E 381 24.51 6.64 -0.64
CA LEU E 381 25.41 7.77 -0.40
C LEU E 381 24.96 9.04 -1.12
N GLU E 382 24.44 8.88 -2.34
CA GLU E 382 23.89 10.00 -3.10
C GLU E 382 22.65 10.58 -2.42
N GLY E 383 21.91 9.70 -1.74
CA GLY E 383 20.78 10.14 -0.92
C GLY E 383 21.23 10.86 0.34
N LEU E 384 22.29 10.34 0.96
CA LEU E 384 22.84 10.93 2.17
C LEU E 384 23.40 12.33 1.93
N ALA E 385 24.04 12.53 0.77
CA ALA E 385 24.59 13.84 0.40
C ALA E 385 23.48 14.88 0.22
N LYS E 386 22.35 14.45 -0.35
CA LYS E 386 21.20 15.32 -0.51
C LYS E 386 20.65 15.78 0.84
N TYR E 387 20.51 14.83 1.78
CA TYR E 387 20.07 15.15 3.12
C TYR E 387 21.06 16.06 3.84
N GLN E 388 22.35 15.69 3.78
CA GLN E 388 23.41 16.44 4.45
C GLN E 388 23.45 17.92 4.06
N GLU E 389 23.23 18.19 2.78
CA GLU E 389 23.18 19.57 2.28
C GLU E 389 21.98 20.33 2.86
N ALA E 390 20.85 19.65 2.95
CA ALA E 390 19.64 20.22 3.55
C ALA E 390 19.80 20.42 5.05
N ASN E 391 20.46 19.46 5.71
CA ASN E 391 20.70 19.53 7.14
C ASN E 391 21.66 20.64 7.53
N ALA E 392 22.67 20.88 6.69
CA ALA E 392 23.62 21.97 6.92
C ALA E 392 22.93 23.33 7.01
N ILE E 393 21.85 23.49 6.26
CA ILE E 393 21.04 24.71 6.29
C ILE E 393 20.24 24.83 7.59
N VAL E 394 19.44 23.80 7.91
CA VAL E 394 18.58 23.81 9.08
C VAL E 394 19.38 23.81 10.40
N HIS E 395 20.49 23.06 10.41
CA HIS E 395 21.38 23.01 11.57
C HIS E 395 22.03 24.36 11.83
N LYS E 396 22.41 25.06 10.76
CA LYS E 396 22.92 26.43 10.84
C LYS E 396 21.92 27.35 11.54
N MET E 397 20.66 27.27 11.09
CA MET E 397 19.57 28.07 11.67
C MET E 397 19.39 27.82 13.17
N TYR E 398 19.52 26.56 13.58
CA TYR E 398 19.42 26.19 14.99
C TYR E 398 20.55 26.78 15.82
N GLU E 399 21.77 26.71 15.29
CA GLU E 399 22.95 27.24 15.97
C GLU E 399 22.95 28.76 16.01
N ASP E 400 22.43 29.38 14.95
CA ASP E 400 22.22 30.84 14.92
C ASP E 400 21.06 31.24 15.81
N GLY E 401 20.17 30.29 16.10
CA GLY E 401 19.02 30.52 16.95
C GLY E 401 17.87 31.19 16.23
N THR E 402 17.81 30.99 14.91
CA THR E 402 16.84 31.70 14.06
C THR E 402 15.57 30.88 13.72
N LEU E 403 15.55 29.61 14.11
CA LEU E 403 14.36 28.76 13.90
C LEU E 403 13.11 29.38 14.52
N THR E 404 11.97 29.14 13.88
CA THR E 404 10.69 29.68 14.33
C THR E 404 10.42 29.30 15.79
N GLY E 405 10.27 30.33 16.63
CA GLY E 405 9.94 30.17 18.04
C GLY E 405 11.02 29.53 18.91
N GLN E 406 12.28 29.59 18.46
CA GLN E 406 13.39 28.96 19.17
C GLN E 406 13.70 29.65 20.50
N LYS E 407 13.61 30.98 20.52
CA LYS E 407 13.87 31.77 21.72
C LYS E 407 12.58 32.37 22.29
N THR E 408 11.45 31.86 21.82
CA THR E 408 10.13 32.39 22.22
C THR E 408 9.17 31.31 22.71
N ASN E 409 9.10 30.19 21.99
CA ASN E 409 8.16 29.12 22.31
C ASN E 409 8.73 27.72 22.08
N ARG E 410 9.92 27.47 22.63
CA ARG E 410 10.53 26.15 22.57
C ARG E 410 10.59 25.51 23.96
N PRO E 411 9.48 24.86 24.38
CA PRO E 411 9.44 24.24 25.70
C PRO E 411 10.29 22.98 25.74
N ASN E 412 10.80 22.65 26.91
CA ASN E 412 11.67 21.49 27.08
C ASN E 412 10.90 20.18 26.90
N PRO E 413 11.56 19.15 26.32
CA PRO E 413 10.98 17.81 26.22
C PRO E 413 10.79 17.19 27.61
N PRO E 414 9.90 16.18 27.73
CA PRO E 414 9.67 15.58 29.04
C PRO E 414 10.90 14.82 29.55
N GLU E 415 11.10 14.84 30.86
CA GLU E 415 12.22 14.16 31.53
C GLU E 415 12.26 12.66 31.21
N PRO E 416 13.47 12.06 31.14
CA PRO E 416 14.78 12.67 31.38
C PRO E 416 15.47 13.18 30.10
N GLU E 417 14.68 13.57 29.11
CA GLU E 417 15.21 14.07 27.84
C GLU E 417 15.77 15.48 27.98
N LYS E 418 16.92 15.71 27.36
CA LYS E 418 17.52 17.03 27.28
C LYS E 418 17.16 17.67 25.94
N PRO E 419 16.98 19.01 25.92
CA PRO E 419 16.71 19.72 24.66
C PRO E 419 17.84 19.57 23.66
N GLY E 420 17.51 19.58 22.36
CA GLY E 420 18.50 19.50 21.29
C GLY E 420 17.92 19.82 19.92
N PHE E 421 18.75 19.68 18.90
CA PHE E 421 18.32 19.88 17.52
C PHE E 421 18.06 18.54 16.83
N GLY E 422 16.93 18.46 16.13
CA GLY E 422 16.58 17.28 15.33
C GLY E 422 16.80 15.97 16.05
N ILE E 423 16.36 15.91 17.31
CA ILE E 423 16.48 14.70 18.11
C ILE E 423 15.25 13.81 17.87
N PHE E 424 15.43 12.50 18.04
CA PHE E 424 14.35 11.54 17.78
C PHE E 424 13.07 11.82 18.55
N THR E 425 13.23 12.37 19.76
CA THR E 425 12.10 12.71 20.64
C THR E 425 11.02 13.53 19.92
N GLN E 426 11.48 14.44 19.07
CA GLN E 426 10.61 15.37 18.35
C GLN E 426 9.70 14.70 17.31
N LEU E 427 9.85 13.39 17.15
CA LEU E 427 8.97 12.61 16.28
C LEU E 427 7.75 12.08 17.04
N PHE E 428 7.91 11.86 18.34
CA PHE E 428 6.85 11.31 19.18
C PHE E 428 6.38 12.26 20.28
N TRP E 429 6.97 13.44 20.34
CA TRP E 429 6.54 14.49 21.26
C TRP E 429 6.73 15.88 20.66
N SER E 430 5.69 16.71 20.79
CA SER E 430 5.75 18.10 20.34
C SER E 430 4.89 19.03 21.19
N LYS E 431 5.42 20.22 21.46
CA LYS E 431 4.74 21.27 22.20
C LYS E 431 5.33 22.60 21.78
N GLY E 432 4.47 23.61 21.63
CA GLY E 432 4.87 24.91 21.13
C GLY E 432 5.60 24.79 19.80
N ASN E 433 6.76 25.43 19.70
CA ASN E 433 7.58 25.33 18.50
C ASN E 433 8.77 24.39 18.69
N ASN E 434 8.60 23.40 19.56
CA ASN E 434 9.57 22.32 19.73
C ASN E 434 8.98 20.99 19.28
N PRO E 435 9.33 20.54 18.05
CA PRO E 435 10.27 21.16 17.13
C PRO E 435 9.64 22.21 16.20
N ALA E 436 10.49 22.98 15.54
CA ALA E 436 10.06 23.84 14.44
C ALA E 436 9.77 22.99 13.21
N SER E 437 9.02 23.53 12.26
CA SER E 437 8.62 22.79 11.06
C SER E 437 9.81 22.35 10.20
N LEU E 438 10.76 23.26 9.99
CA LEU E 438 11.97 22.99 9.22
C LEU E 438 12.81 21.90 9.87
N GLU E 439 12.90 21.97 11.20
CA GLU E 439 13.64 21.02 12.01
C GLU E 439 13.05 19.62 11.89
N LEU E 440 11.73 19.52 12.02
CA LEU E 440 11.01 18.25 11.88
C LEU E 440 11.09 17.73 10.46
N LYS E 441 11.06 18.63 9.48
CA LYS E 441 11.12 18.29 8.06
C LYS E 441 12.45 17.62 7.68
N VAL E 442 13.56 18.21 8.14
CA VAL E 442 14.88 17.66 7.87
C VAL E 442 15.15 16.41 8.73
N LEU E 443 14.49 16.34 9.89
CA LEU E 443 14.52 15.16 10.75
C LEU E 443 13.88 13.98 10.02
N GLU E 444 12.72 14.22 9.41
CA GLU E 444 11.99 13.19 8.67
C GLU E 444 12.63 12.88 7.33
N MET E 445 13.36 13.85 6.79
CA MET E 445 14.14 13.66 5.58
C MET E 445 15.20 12.58 5.78
N ALA E 446 15.79 12.55 6.97
CA ALA E 446 16.76 11.53 7.33
C ALA E 446 16.08 10.26 7.82
N GLU E 447 15.23 10.41 8.84
CA GLU E 447 14.56 9.26 9.48
C GLU E 447 13.65 8.48 8.54
N ASN E 448 12.87 9.19 7.73
CA ASN E 448 11.88 8.55 6.87
C ASN E 448 12.38 8.35 5.44
N ASN E 449 12.61 9.46 4.75
CA ASN E 449 12.87 9.45 3.31
C ASN E 449 14.22 8.84 2.90
N LEU E 450 15.28 9.17 3.64
CA LEU E 450 16.60 8.64 3.35
C LEU E 450 16.66 7.14 3.66
N ALA E 451 16.09 6.75 4.81
CA ALA E 451 16.02 5.35 5.19
C ALA E 451 15.23 4.53 4.17
N LYS E 452 14.07 5.05 3.76
CA LYS E 452 13.24 4.40 2.75
C LYS E 452 13.94 4.33 1.39
N MET E 453 14.77 5.33 1.08
CA MET E 453 15.57 5.32 -0.15
C MET E 453 16.57 4.18 -0.14
N HIS E 454 17.25 3.99 0.99
CA HIS E 454 18.17 2.87 1.14
C HIS E 454 17.44 1.54 1.05
N VAL E 455 16.36 1.38 1.80
CA VAL E 455 15.55 0.16 1.80
C VAL E 455 15.13 -0.21 0.37
N GLY E 456 14.61 0.77 -0.38
CA GLY E 456 14.23 0.58 -1.77
C GLY E 456 15.38 0.13 -2.65
N LEU E 457 16.57 0.69 -2.41
CA LEU E 457 17.78 0.29 -3.11
C LEU E 457 18.20 -1.11 -2.71
N ALA E 458 18.18 -1.38 -1.41
CA ALA E 458 18.62 -2.66 -0.86
C ALA E 458 17.71 -3.82 -1.28
N HIS E 459 16.45 -3.50 -1.53
CA HIS E 459 15.44 -4.51 -1.81
C HIS E 459 14.88 -4.43 -3.24
N VAL E 460 15.65 -3.78 -4.10
CA VAL E 460 15.46 -3.78 -5.57
C VAL E 460 14.10 -3.25 -6.04
N ASN E 461 13.63 -2.18 -5.41
CA ASN E 461 12.40 -1.53 -5.83
C ASN E 461 12.70 -0.18 -6.47
N PRO E 462 12.77 -0.14 -7.83
CA PRO E 462 13.19 1.02 -8.62
C PRO E 462 12.46 2.31 -8.25
N GLY E 463 11.14 2.25 -8.14
CA GLY E 463 10.31 3.39 -7.78
C GLY E 463 10.46 3.78 -6.32
N GLY E 464 10.96 2.85 -5.52
CA GLY E 464 11.16 3.04 -4.09
C GLY E 464 12.43 3.79 -3.70
N TRP E 465 13.23 4.15 -4.71
CA TRP E 465 14.35 5.07 -4.47
C TRP E 465 14.37 6.24 -5.47
N THR E 466 13.38 6.28 -6.34
CA THR E 466 13.30 7.32 -7.37
C THR E 466 12.07 8.22 -7.23
N TYR E 467 10.96 7.85 -7.88
CA TYR E 467 9.75 8.69 -7.89
C TYR E 467 8.99 8.72 -6.57
N THR E 468 8.69 7.53 -6.05
CA THR E 468 7.69 7.36 -4.99
C THR E 468 8.28 7.46 -3.60
N GLU E 469 9.39 6.77 -3.37
CA GLU E 469 10.10 6.84 -2.10
C GLU E 469 11.54 7.26 -2.32
N GLY E 470 12.11 7.92 -1.32
CA GLY E 470 13.50 8.34 -1.37
C GLY E 470 13.74 9.63 -2.11
N TRP E 471 14.28 9.53 -3.32
CA TRP E 471 14.73 10.70 -4.10
C TRP E 471 13.63 11.73 -4.35
N GLY E 472 12.47 11.26 -4.80
CA GLY E 472 11.30 12.12 -5.01
C GLY E 472 10.91 12.92 -3.78
N PRO E 473 10.58 12.22 -2.67
CA PRO E 473 10.27 12.89 -1.39
C PRO E 473 11.41 13.76 -0.84
N MET E 474 12.66 13.29 -0.98
CA MET E 474 13.82 14.06 -0.53
C MET E 474 14.00 15.33 -1.35
N ASN E 475 13.70 15.25 -2.65
CA ASN E 475 13.67 16.41 -3.53
C ASN E 475 12.70 17.48 -3.01
N ARG E 476 11.52 17.04 -2.58
CA ARG E 476 10.49 17.96 -2.08
C ARG E 476 10.93 18.63 -0.78
N ALA E 477 11.46 17.85 0.15
CA ALA E 477 11.96 18.37 1.42
C ALA E 477 13.08 19.40 1.20
N TYR E 478 14.03 19.06 0.33
CA TYR E 478 15.11 19.98 -0.04
C TYR E 478 14.57 21.29 -0.59
N VAL E 479 13.65 21.20 -1.55
CA VAL E 479 13.02 22.36 -2.17
C VAL E 479 12.31 23.22 -1.12
N GLU E 480 11.52 22.56 -0.27
CA GLU E 480 10.76 23.25 0.77
C GLU E 480 11.63 23.83 1.88
N ILE E 481 12.76 23.17 2.16
CA ILE E 481 13.74 23.69 3.11
C ILE E 481 14.41 24.95 2.54
N GLN E 482 14.84 24.88 1.28
CA GLN E 482 15.46 26.00 0.59
C GLN E 482 14.50 27.18 0.41
N ASP E 483 13.24 26.86 0.13
CA ASP E 483 12.19 27.87 -0.07
C ASP E 483 11.89 28.63 1.22
N GLU E 484 11.67 27.89 2.31
CA GLU E 484 11.42 28.49 3.62
C GLU E 484 12.64 29.25 4.12
N TYR E 485 13.82 28.68 3.90
CA TYR E 485 15.08 29.33 4.29
C TYR E 485 15.21 30.72 3.68
N THR E 486 14.99 30.82 2.37
CA THR E 486 15.02 32.09 1.66
C THR E 486 13.92 33.03 2.15
N LYS E 487 12.70 32.51 2.31
CA LYS E 487 11.57 33.27 2.84
C LYS E 487 11.88 33.90 4.20
N MET E 488 12.48 33.11 5.09
CA MET E 488 12.82 33.57 6.44
C MET E 488 14.00 34.55 6.45
N GLN E 489 14.88 34.44 5.45
CA GLN E 489 15.96 35.40 5.25
C GLN E 489 15.41 36.74 4.76
N GLU E 490 14.44 36.67 3.85
CA GLU E 490 13.77 37.85 3.32
C GLU E 490 12.92 38.52 4.41
N LEU E 491 12.33 37.70 5.28
CA LEU E 491 11.56 38.19 6.42
C LEU E 491 12.49 38.88 7.42
N SER E 492 13.65 38.29 7.65
CA SER E 492 14.67 38.85 8.56
C SER E 492 15.28 40.14 8.01
N ALA E 493 15.37 40.23 6.67
CA ALA E 493 15.85 41.43 6.00
C ALA E 493 14.82 42.56 6.11
N LEU E 494 13.54 42.20 6.06
CA LEU E 494 12.44 43.15 6.26
C LEU E 494 12.34 43.57 7.72
N GLN E 495 12.62 42.61 8.61
CA GLN E 495 12.69 42.86 10.05
C GLN E 495 13.72 43.94 10.38
N ALA E 496 14.90 43.85 9.76
CA ALA E 496 15.99 44.78 9.98
C ALA E 496 15.72 46.18 9.43
N ARG E 497 14.98 46.23 8.31
CA ARG E 497 14.62 47.50 7.68
C ARG E 497 13.55 48.27 8.46
N VAL E 498 12.76 47.55 9.25
CA VAL E 498 11.76 48.17 10.13
C VAL E 498 12.45 48.67 11.41
N ASN E 499 13.39 47.89 11.92
CA ASN E 499 14.19 48.26 13.09
C ASN E 499 15.05 49.50 12.88
N LYS E 500 15.54 49.67 11.64
CA LYS E 500 16.31 50.86 11.26
C LYS E 500 15.48 52.14 11.33
N LEU E 501 14.23 52.06 10.85
CA LEU E 501 13.30 53.19 10.86
C LEU E 501 12.81 53.53 12.27
N GLU E 502 12.98 52.61 13.20
CA GLU E 502 12.55 52.80 14.59
C GLU E 502 13.66 53.35 15.49
N GLY E 503 14.90 53.25 15.02
CA GLY E 503 16.06 53.75 15.76
C GLY E 503 16.18 55.25 15.70
N SER F 2 36.71 5.51 17.10
CA SER F 2 35.70 6.29 16.33
C SER F 2 36.30 6.90 15.07
N LEU F 3 35.62 6.70 13.94
CA LEU F 3 36.04 7.24 12.66
C LEU F 3 35.74 8.73 12.54
N ALA F 4 36.68 9.47 11.95
CA ALA F 4 36.51 10.89 11.68
C ALA F 4 35.45 11.12 10.61
N PRO F 5 34.63 12.18 10.76
CA PRO F 5 33.52 12.44 9.84
C PRO F 5 33.98 12.74 8.42
N ILE F 6 33.45 11.97 7.47
CA ILE F 6 33.65 12.22 6.04
C ILE F 6 32.27 12.35 5.40
N SER F 7 32.07 13.43 4.65
CA SER F 7 30.79 13.70 3.99
C SER F 7 30.50 12.67 2.89
N ALA F 8 29.22 12.45 2.63
CA ALA F 8 28.77 11.49 1.62
C ALA F 8 29.33 11.79 0.23
N LYS F 9 29.34 13.07 -0.15
CA LYS F 9 29.87 13.48 -1.45
C LYS F 9 31.37 13.18 -1.60
N ASP F 10 32.09 13.23 -0.49
CA ASP F 10 33.51 12.91 -0.46
C ASP F 10 33.76 11.40 -0.58
N MET F 11 32.84 10.62 -0.02
CA MET F 11 32.88 9.15 -0.16
C MET F 11 32.65 8.72 -1.60
N LEU F 12 31.72 9.37 -2.29
CA LEU F 12 31.46 9.10 -3.71
C LEU F 12 32.66 9.44 -4.58
N ASP F 13 33.19 10.64 -4.41
CA ASP F 13 34.35 11.12 -5.17
C ASP F 13 35.59 10.26 -4.92
N TYR F 14 35.72 9.76 -3.70
CA TYR F 14 36.78 8.84 -3.32
C TYR F 14 36.61 7.47 -4.00
N LEU F 15 35.38 6.96 -4.00
CA LEU F 15 35.03 5.70 -4.67
C LEU F 15 35.23 5.76 -6.19
N ALA F 16 34.93 6.92 -6.77
CA ALA F 16 35.12 7.15 -8.20
C ALA F 16 36.60 7.20 -8.59
N CYS F 17 37.44 7.57 -7.62
CA CYS F 17 38.89 7.64 -7.82
C CYS F 17 39.61 6.39 -7.31
N LYS F 18 38.87 5.51 -6.64
CA LYS F 18 39.43 4.28 -6.05
C LYS F 18 39.72 3.23 -7.13
N ASP F 19 40.73 3.53 -7.96
CA ASP F 19 41.18 2.65 -9.04
C ASP F 19 42.24 3.34 -9.90
N LYS F 20 42.22 4.68 -9.90
CA LYS F 20 43.01 5.45 -10.87
C LYS F 20 44.06 6.41 -10.28
N LYS F 21 44.51 7.36 -11.09
CA LYS F 21 45.66 8.21 -10.78
C LYS F 21 45.27 9.51 -10.08
N PRO F 22 46.19 10.07 -9.26
CA PRO F 22 45.94 11.33 -8.55
C PRO F 22 45.78 12.54 -9.47
N THR F 23 46.26 12.42 -10.70
CA THR F 23 46.16 13.50 -11.68
C THR F 23 44.87 13.41 -12.53
N ASP F 24 44.20 12.27 -12.46
CA ASP F 24 42.95 12.04 -13.20
C ASP F 24 41.78 12.86 -12.64
N VAL F 25 40.88 13.26 -13.54
CA VAL F 25 39.70 14.03 -13.18
C VAL F 25 38.43 13.20 -13.38
N VAL F 26 37.58 13.17 -12.37
CA VAL F 26 36.28 12.49 -12.46
C VAL F 26 35.12 13.46 -12.26
N LYS F 27 33.93 13.04 -12.66
CA LYS F 27 32.71 13.78 -12.40
C LYS F 27 32.17 13.47 -11.00
N SER F 28 31.56 14.47 -10.38
CA SER F 28 30.89 14.31 -9.09
C SER F 28 29.63 13.46 -9.26
N HIS F 29 29.24 12.79 -8.18
CA HIS F 29 28.00 12.01 -8.18
C HIS F 29 26.86 12.81 -7.57
N THR F 30 27.15 14.01 -7.07
CA THR F 30 26.19 14.76 -6.25
C THR F 30 26.13 16.26 -6.56
N GLU F 31 27.25 16.82 -7.01
CA GLU F 31 27.40 18.28 -7.09
C GLU F 31 27.18 18.85 -8.48
N VAL F 32 26.44 19.95 -8.54
CA VAL F 32 26.23 20.73 -9.76
C VAL F 32 26.48 22.20 -9.46
N GLU F 33 27.44 22.80 -10.16
CA GLU F 33 27.69 24.24 -10.07
C GLU F 33 27.80 24.84 -11.48
N ASN F 34 27.28 26.06 -11.63
CA ASN F 34 27.29 26.78 -12.92
C ASN F 34 26.66 26.02 -14.09
N GLY F 35 25.62 25.24 -13.81
CA GLY F 35 24.92 24.44 -14.81
C GLY F 35 25.72 23.24 -15.31
N LYS F 36 26.67 22.79 -14.50
CA LYS F 36 27.53 21.66 -14.84
C LYS F 36 27.88 20.81 -13.61
N ILE F 37 28.08 19.52 -13.83
CA ILE F 37 28.55 18.63 -12.77
C ILE F 37 29.99 19.00 -12.41
N VAL F 38 30.24 19.17 -11.11
CA VAL F 38 31.57 19.54 -10.59
C VAL F 38 32.61 18.49 -10.95
N ARG F 39 33.72 18.94 -11.53
CA ARG F 39 34.83 18.06 -11.87
C ARG F 39 35.80 17.98 -10.70
N VAL F 40 36.11 16.76 -10.27
CA VAL F 40 36.95 16.54 -9.09
C VAL F 40 38.28 15.90 -9.46
N LYS F 41 39.37 16.54 -9.06
CA LYS F 41 40.71 15.98 -9.24
C LYS F 41 40.96 14.93 -8.16
N CYS F 42 41.40 13.75 -8.58
CA CYS F 42 41.53 12.60 -7.68
C CYS F 42 42.56 12.77 -6.58
N GLY F 43 43.58 13.61 -6.82
CA GLY F 43 44.59 13.91 -5.82
C GLY F 43 44.03 14.67 -4.64
N ASP F 44 43.08 15.56 -4.91
CA ASP F 44 42.43 16.38 -3.89
C ASP F 44 41.58 15.55 -2.93
N ILE F 45 40.86 14.57 -3.47
CA ILE F 45 39.92 13.77 -2.68
C ILE F 45 40.59 12.68 -1.84
N VAL F 46 41.63 12.05 -2.39
CA VAL F 46 42.38 11.01 -1.69
C VAL F 46 43.17 11.62 -0.52
N ALA F 47 43.74 12.80 -0.75
CA ALA F 47 44.46 13.54 0.29
C ALA F 47 43.54 14.00 1.41
N LEU F 48 42.29 14.32 1.06
CA LEU F 48 41.27 14.75 2.02
C LEU F 48 40.83 13.58 2.92
N VAL F 49 40.78 12.39 2.35
CA VAL F 49 40.42 11.18 3.10
C VAL F 49 41.58 10.72 3.99
N GLN F 50 42.79 10.72 3.44
CA GLN F 50 43.99 10.26 4.15
C GLN F 50 44.39 11.16 5.32
N LYS F 51 44.08 12.46 5.22
CA LYS F 51 44.32 13.40 6.33
C LYS F 51 43.22 13.32 7.39
N ALA F 52 42.10 12.69 7.03
CA ALA F 52 41.00 12.45 7.96
C ALA F 52 41.19 11.14 8.72
N ARG F 53 41.69 10.13 8.02
CA ARG F 53 42.01 8.82 8.61
C ARG F 53 43.22 8.91 9.55
N GLU F 54 44.05 9.93 9.34
CA GLU F 54 45.26 10.16 10.13
C GLU F 54 44.96 10.72 11.52
N GLN F 55 43.80 11.37 11.65
CA GLN F 55 43.38 11.97 12.91
C GLN F 55 43.00 10.94 13.98
N SER F 56 42.77 9.70 13.55
CA SER F 56 42.41 8.60 14.46
C SER F 56 43.54 8.26 15.42
#